data_1ATW
# 
_entry.id   1ATW 
# 
_audit_conform.dict_name       mmcif_pdbx.dic 
_audit_conform.dict_version    5.392 
_audit_conform.dict_location   http://mmcif.pdb.org/dictionaries/ascii/mmcif_pdbx.dic 
# 
loop_
_database_2.database_id 
_database_2.database_code 
_database_2.pdbx_database_accession 
_database_2.pdbx_DOI 
PDB   1ATW         pdb_00001atw 10.2210/pdb1atw/pdb 
WWPDB D_1000171252 ?            ?                   
# 
loop_
_pdbx_audit_revision_history.ordinal 
_pdbx_audit_revision_history.data_content_type 
_pdbx_audit_revision_history.major_revision 
_pdbx_audit_revision_history.minor_revision 
_pdbx_audit_revision_history.revision_date 
1 'Structure model' 1 0 1998-02-25 
2 'Structure model' 1 1 2008-03-24 
3 'Structure model' 1 2 2011-07-13 
4 'Structure model' 1 3 2022-02-16 
5 'Structure model' 1 4 2024-05-22 
# 
_pdbx_audit_revision_details.ordinal             1 
_pdbx_audit_revision_details.revision_ordinal    1 
_pdbx_audit_revision_details.data_content_type   'Structure model' 
_pdbx_audit_revision_details.provider            repository 
_pdbx_audit_revision_details.type                'Initial release' 
_pdbx_audit_revision_details.description         ? 
_pdbx_audit_revision_details.details             ? 
# 
loop_
_pdbx_audit_revision_group.ordinal 
_pdbx_audit_revision_group.revision_ordinal 
_pdbx_audit_revision_group.data_content_type 
_pdbx_audit_revision_group.group 
1 2 'Structure model' 'Version format compliance' 
2 3 'Structure model' 'Version format compliance' 
3 4 'Structure model' 'Database references'       
4 4 'Structure model' 'Derived calculations'      
5 4 'Structure model' Other                       
6 5 'Structure model' 'Data collection'           
# 
loop_
_pdbx_audit_revision_category.ordinal 
_pdbx_audit_revision_category.revision_ordinal 
_pdbx_audit_revision_category.data_content_type 
_pdbx_audit_revision_category.category 
1 4 'Structure model' database_2            
2 4 'Structure model' pdbx_database_status  
3 4 'Structure model' pdbx_struct_assembly  
4 4 'Structure model' pdbx_struct_oper_list 
5 5 'Structure model' chem_comp_atom        
6 5 'Structure model' chem_comp_bond        
# 
loop_
_pdbx_audit_revision_item.ordinal 
_pdbx_audit_revision_item.revision_ordinal 
_pdbx_audit_revision_item.data_content_type 
_pdbx_audit_revision_item.item 
1 4 'Structure model' '_database_2.pdbx_DOI'                
2 4 'Structure model' '_database_2.pdbx_database_accession' 
3 4 'Structure model' '_pdbx_database_status.process_site'  
# 
_pdbx_database_status.status_code                     REL 
_pdbx_database_status.entry_id                        1ATW 
_pdbx_database_status.recvd_initial_deposition_date   1997-08-14 
_pdbx_database_status.deposit_site                    ? 
_pdbx_database_status.process_site                    BNL 
_pdbx_database_status.status_code_sf                  ? 
_pdbx_database_status.status_code_mr                  REL 
_pdbx_database_status.SG_entry                        ? 
_pdbx_database_status.pdb_format_compatible           Y 
_pdbx_database_status.status_code_cs                  ? 
_pdbx_database_status.status_code_nmr_data            ? 
_pdbx_database_status.methods_development_category    ? 
# 
_pdbx_database_related.db_name        PDB 
_pdbx_database_related.db_id          1ATV 
_pdbx_database_related.details        'ENSEMBLE OF 4 STRUCTURES' 
_pdbx_database_related.content_type   unspecified 
# 
_audit_author.name           'Kang, H.' 
_audit_author.pdbx_ordinal   1 
# 
_citation.id                        primary 
_citation.title                     
'Primary Sequence at the Junction of Stem and Loop in RNA Hairpins Affects the Three-Dimensional Conformation in Solution' 
_citation.journal_abbrev            'To be Published' 
_citation.journal_volume            ? 
_citation.page_first                ? 
_citation.page_last                 ? 
_citation.year                      ? 
_citation.journal_id_ASTM           ? 
_citation.country                   ? 
_citation.journal_id_ISSN           ? 
_citation.journal_id_CSD            0353 
_citation.book_publisher            ? 
_citation.pdbx_database_id_PubMed   ? 
_citation.pdbx_database_id_DOI      ? 
# 
_citation_author.citation_id        primary 
_citation_author.name               'Kang, H.' 
_citation_author.ordinal            1 
_citation_author.identifier_ORCID   ? 
# 
_entity.id                         1 
_entity.type                       polymer 
_entity.src_method                 syn 
_entity.pdbx_description           
;RNA (5'-R(*GP*CP*UP*CP*CP*AP*GP*AP*UP*GP*GP*AP*GP*CP*G)-3')
;
_entity.formula_weight             4846.954 
_entity.pdbx_number_of_molecules   1 
_entity.pdbx_ec                    ? 
_entity.pdbx_mutation              ? 
_entity.pdbx_fragment              ? 
_entity.details                    ? 
# 
_entity_poly.entity_id                      1 
_entity_poly.type                           polyribonucleotide 
_entity_poly.nstd_linkage                   no 
_entity_poly.nstd_monomer                   no 
_entity_poly.pdbx_seq_one_letter_code       GCUCCAGAUGGAGCG 
_entity_poly.pdbx_seq_one_letter_code_can   GCUCCAGAUGGAGCG 
_entity_poly.pdbx_strand_id                 A 
_entity_poly.pdbx_target_identifier         ? 
# 
loop_
_entity_poly_seq.entity_id 
_entity_poly_seq.num 
_entity_poly_seq.mon_id 
_entity_poly_seq.hetero 
1 1  G n 
1 2  C n 
1 3  U n 
1 4  C n 
1 5  C n 
1 6  A n 
1 7  G n 
1 8  A n 
1 9  U n 
1 10 G n 
1 11 G n 
1 12 A n 
1 13 G n 
1 14 C n 
1 15 G n 
# 
loop_
_chem_comp.id 
_chem_comp.type 
_chem_comp.mon_nstd_flag 
_chem_comp.name 
_chem_comp.pdbx_synonyms 
_chem_comp.formula 
_chem_comp.formula_weight 
A 'RNA linking' y "ADENOSINE-5'-MONOPHOSPHATE" ? 'C10 H14 N5 O7 P' 347.221 
C 'RNA linking' y "CYTIDINE-5'-MONOPHOSPHATE"  ? 'C9 H14 N3 O8 P'  323.197 
G 'RNA linking' y "GUANOSINE-5'-MONOPHOSPHATE" ? 'C10 H14 N5 O8 P' 363.221 
U 'RNA linking' y "URIDINE-5'-MONOPHOSPHATE"   ? 'C9 H13 N2 O9 P'  324.181 
# 
loop_
_pdbx_poly_seq_scheme.asym_id 
_pdbx_poly_seq_scheme.entity_id 
_pdbx_poly_seq_scheme.seq_id 
_pdbx_poly_seq_scheme.mon_id 
_pdbx_poly_seq_scheme.ndb_seq_num 
_pdbx_poly_seq_scheme.pdb_seq_num 
_pdbx_poly_seq_scheme.auth_seq_num 
_pdbx_poly_seq_scheme.pdb_mon_id 
_pdbx_poly_seq_scheme.auth_mon_id 
_pdbx_poly_seq_scheme.pdb_strand_id 
_pdbx_poly_seq_scheme.pdb_ins_code 
_pdbx_poly_seq_scheme.hetero 
A 1 1  G 1  1  1  G G A . n 
A 1 2  C 2  2  2  C C A . n 
A 1 3  U 3  3  3  U U A . n 
A 1 4  C 4  4  4  C C A . n 
A 1 5  C 5  5  5  C C A . n 
A 1 6  A 6  6  6  A A A . n 
A 1 7  G 7  7  7  G G A . n 
A 1 8  A 8  8  8  A A A . n 
A 1 9  U 9  9  9  U U A . n 
A 1 10 G 10 10 10 G G A . n 
A 1 11 G 11 11 11 G G A . n 
A 1 12 A 12 12 12 A A A . n 
A 1 13 G 13 13 13 G G A . n 
A 1 14 C 14 14 14 C C A . n 
A 1 15 G 15 15 15 G G A . n 
# 
loop_
_software.name 
_software.classification 
_software.version 
_software.citation_id 
_software.pdbx_ordinal 
X-PLOR 'model building' . ? 1 
X-PLOR refinement       . ? 2 
X-PLOR phasing          . ? 3 
# 
_cell.entry_id           1ATW 
_cell.length_a           1.000 
_cell.length_b           1.000 
_cell.length_c           1.000 
_cell.angle_alpha        90.00 
_cell.angle_beta         90.00 
_cell.angle_gamma        90.00 
_cell.Z_PDB              1 
_cell.pdbx_unique_axis   ? 
# 
_symmetry.entry_id                         1ATW 
_symmetry.space_group_name_H-M             'P 1' 
_symmetry.pdbx_full_space_group_name_H-M   ? 
_symmetry.cell_setting                     ? 
_symmetry.Int_Tables_number                1 
# 
_exptl.entry_id          1ATW 
_exptl.method            'SOLUTION NMR' 
_exptl.crystals_number   ? 
# 
_struct.entry_id                  1ATW 
_struct.title                     'HAIRPIN WITH AGAU TETRALOOP, NMR, 3 STRUCTURES' 
_struct.pdbx_model_details        ? 
_struct.pdbx_CASP_flag            ? 
_struct.pdbx_model_type_details   ? 
# 
_struct_keywords.entry_id        1ATW 
_struct_keywords.pdbx_keywords   RNA 
_struct_keywords.text            'RIBONUCLEIC ACID, RNA, HAIRPIN' 
# 
_struct_asym.id                            A 
_struct_asym.pdbx_blank_PDB_chainid_flag   N 
_struct_asym.pdbx_modified                 N 
_struct_asym.entity_id                     1 
_struct_asym.details                       ? 
# 
_struct_ref.id                         1 
_struct_ref.entity_id                  1 
_struct_ref.db_name                    PDB 
_struct_ref.db_code                    1ATW 
_struct_ref.pdbx_db_accession          1ATW 
_struct_ref.pdbx_db_isoform            ? 
_struct_ref.pdbx_seq_one_letter_code   ? 
_struct_ref.pdbx_align_begin           ? 
# 
_struct_ref_seq.align_id                      1 
_struct_ref_seq.ref_id                        1 
_struct_ref_seq.pdbx_PDB_id_code              1ATW 
_struct_ref_seq.pdbx_strand_id                A 
_struct_ref_seq.seq_align_beg                 1 
_struct_ref_seq.pdbx_seq_align_beg_ins_code   ? 
_struct_ref_seq.seq_align_end                 15 
_struct_ref_seq.pdbx_seq_align_end_ins_code   ? 
_struct_ref_seq.pdbx_db_accession             1ATW 
_struct_ref_seq.db_align_beg                  1 
_struct_ref_seq.pdbx_db_align_beg_ins_code    ? 
_struct_ref_seq.db_align_end                  15 
_struct_ref_seq.pdbx_db_align_end_ins_code    ? 
_struct_ref_seq.pdbx_auth_seq_align_beg       1 
_struct_ref_seq.pdbx_auth_seq_align_end       15 
# 
_pdbx_struct_assembly.id                   1 
_pdbx_struct_assembly.details              author_defined_assembly 
_pdbx_struct_assembly.method_details       ? 
_pdbx_struct_assembly.oligomeric_details   monomeric 
_pdbx_struct_assembly.oligomeric_count     1 
# 
_pdbx_struct_assembly_gen.assembly_id       1 
_pdbx_struct_assembly_gen.oper_expression   1 
_pdbx_struct_assembly_gen.asym_id_list      A 
# 
_pdbx_struct_oper_list.id                   1 
_pdbx_struct_oper_list.type                 'identity operation' 
_pdbx_struct_oper_list.name                 1_555 
_pdbx_struct_oper_list.symmetry_operation   x,y,z 
_pdbx_struct_oper_list.matrix[1][1]         1.0000000000 
_pdbx_struct_oper_list.matrix[1][2]         0.0000000000 
_pdbx_struct_oper_list.matrix[1][3]         0.0000000000 
_pdbx_struct_oper_list.vector[1]            0.0000000000 
_pdbx_struct_oper_list.matrix[2][1]         0.0000000000 
_pdbx_struct_oper_list.matrix[2][2]         1.0000000000 
_pdbx_struct_oper_list.matrix[2][3]         0.0000000000 
_pdbx_struct_oper_list.vector[2]            0.0000000000 
_pdbx_struct_oper_list.matrix[3][1]         0.0000000000 
_pdbx_struct_oper_list.matrix[3][2]         0.0000000000 
_pdbx_struct_oper_list.matrix[3][3]         1.0000000000 
_pdbx_struct_oper_list.vector[3]            0.0000000000 
# 
_struct_biol.id   1 
# 
loop_
_struct_conn.id 
_struct_conn.conn_type_id 
_struct_conn.pdbx_leaving_atom_flag 
_struct_conn.pdbx_PDB_id 
_struct_conn.ptnr1_label_asym_id 
_struct_conn.ptnr1_label_comp_id 
_struct_conn.ptnr1_label_seq_id 
_struct_conn.ptnr1_label_atom_id 
_struct_conn.pdbx_ptnr1_label_alt_id 
_struct_conn.pdbx_ptnr1_PDB_ins_code 
_struct_conn.pdbx_ptnr1_standard_comp_id 
_struct_conn.ptnr1_symmetry 
_struct_conn.ptnr2_label_asym_id 
_struct_conn.ptnr2_label_comp_id 
_struct_conn.ptnr2_label_seq_id 
_struct_conn.ptnr2_label_atom_id 
_struct_conn.pdbx_ptnr2_label_alt_id 
_struct_conn.pdbx_ptnr2_PDB_ins_code 
_struct_conn.ptnr1_auth_asym_id 
_struct_conn.ptnr1_auth_comp_id 
_struct_conn.ptnr1_auth_seq_id 
_struct_conn.ptnr2_auth_asym_id 
_struct_conn.ptnr2_auth_comp_id 
_struct_conn.ptnr2_auth_seq_id 
_struct_conn.ptnr2_symmetry 
_struct_conn.pdbx_ptnr3_label_atom_id 
_struct_conn.pdbx_ptnr3_label_seq_id 
_struct_conn.pdbx_ptnr3_label_comp_id 
_struct_conn.pdbx_ptnr3_label_asym_id 
_struct_conn.pdbx_ptnr3_label_alt_id 
_struct_conn.pdbx_ptnr3_PDB_ins_code 
_struct_conn.details 
_struct_conn.pdbx_dist_value 
_struct_conn.pdbx_value_order 
_struct_conn.pdbx_role 
hydrog1  hydrog ? ? A G 1 N1 ? ? ? 1_555 A C 14 N3 ? ? A G 1 A C 14 1_555 ? ? ? ? ? ? WATSON-CRICK ? ? ? 
hydrog2  hydrog ? ? A G 1 N2 ? ? ? 1_555 A C 14 O2 ? ? A G 1 A C 14 1_555 ? ? ? ? ? ? WATSON-CRICK ? ? ? 
hydrog3  hydrog ? ? A G 1 O6 ? ? ? 1_555 A C 14 N4 ? ? A G 1 A C 14 1_555 ? ? ? ? ? ? WATSON-CRICK ? ? ? 
hydrog4  hydrog ? ? A C 2 N3 ? ? ? 1_555 A G 13 N1 ? ? A C 2 A G 13 1_555 ? ? ? ? ? ? WATSON-CRICK ? ? ? 
hydrog5  hydrog ? ? A C 2 N4 ? ? ? 1_555 A G 13 O6 ? ? A C 2 A G 13 1_555 ? ? ? ? ? ? WATSON-CRICK ? ? ? 
hydrog6  hydrog ? ? A C 2 O2 ? ? ? 1_555 A G 13 N2 ? ? A C 2 A G 13 1_555 ? ? ? ? ? ? WATSON-CRICK ? ? ? 
hydrog7  hydrog ? ? A U 3 N3 ? ? ? 1_555 A A 12 N1 ? ? A U 3 A A 12 1_555 ? ? ? ? ? ? WATSON-CRICK ? ? ? 
hydrog8  hydrog ? ? A U 3 O4 ? ? ? 1_555 A A 12 N6 ? ? A U 3 A A 12 1_555 ? ? ? ? ? ? WATSON-CRICK ? ? ? 
hydrog9  hydrog ? ? A C 4 N3 ? ? ? 1_555 A G 11 N1 ? ? A C 4 A G 11 1_555 ? ? ? ? ? ? WATSON-CRICK ? ? ? 
hydrog10 hydrog ? ? A C 4 N4 ? ? ? 1_555 A G 11 O6 ? ? A C 4 A G 11 1_555 ? ? ? ? ? ? WATSON-CRICK ? ? ? 
hydrog11 hydrog ? ? A C 4 O2 ? ? ? 1_555 A G 11 N2 ? ? A C 4 A G 11 1_555 ? ? ? ? ? ? WATSON-CRICK ? ? ? 
hydrog12 hydrog ? ? A C 5 N3 ? ? ? 1_555 A G 10 N1 ? ? A C 5 A G 10 1_555 ? ? ? ? ? ? WATSON-CRICK ? ? ? 
hydrog13 hydrog ? ? A C 5 N4 ? ? ? 1_555 A G 10 O6 ? ? A C 5 A G 10 1_555 ? ? ? ? ? ? WATSON-CRICK ? ? ? 
hydrog14 hydrog ? ? A C 5 O2 ? ? ? 1_555 A G 10 N2 ? ? A C 5 A G 10 1_555 ? ? ? ? ? ? WATSON-CRICK ? ? ? 
# 
_struct_conn_type.id          hydrog 
_struct_conn_type.criteria    ? 
_struct_conn_type.reference   ? 
# 
_pdbx_validate_close_contact.id               1 
_pdbx_validate_close_contact.PDB_model_num    1 
_pdbx_validate_close_contact.auth_atom_id_1   "HO2'" 
_pdbx_validate_close_contact.auth_asym_id_1   A 
_pdbx_validate_close_contact.auth_comp_id_1   C 
_pdbx_validate_close_contact.auth_seq_id_1    5 
_pdbx_validate_close_contact.PDB_ins_code_1   ? 
_pdbx_validate_close_contact.label_alt_id_1   ? 
_pdbx_validate_close_contact.auth_atom_id_2   OP1 
_pdbx_validate_close_contact.auth_asym_id_2   A 
_pdbx_validate_close_contact.auth_comp_id_2   A 
_pdbx_validate_close_contact.auth_seq_id_2    6 
_pdbx_validate_close_contact.PDB_ins_code_2   ? 
_pdbx_validate_close_contact.label_alt_id_2   ? 
_pdbx_validate_close_contact.dist             1.60 
# 
_pdbx_nmr_ensemble.entry_id                             1ATW 
_pdbx_nmr_ensemble.conformers_calculated_total_number   12 
_pdbx_nmr_ensemble.conformers_submitted_total_number    3 
_pdbx_nmr_ensemble.conformer_selection_criteria         'LEAST RESTRAINT VIOLATION' 
# 
_pdbx_nmr_exptl_sample_conditions.conditions_id       1 
_pdbx_nmr_exptl_sample_conditions.temperature         298 
_pdbx_nmr_exptl_sample_conditions.pressure            '1 ATM SOLVENT SYSTEM : D2O' 
_pdbx_nmr_exptl_sample_conditions.pH                  6.2 
_pdbx_nmr_exptl_sample_conditions.ionic_strength      '50 mM NACL' 
_pdbx_nmr_exptl_sample_conditions.pressure_units      . 
_pdbx_nmr_exptl_sample_conditions.temperature_units   K 
# 
loop_
_pdbx_nmr_exptl.experiment_id 
_pdbx_nmr_exptl.conditions_id 
_pdbx_nmr_exptl.type 
_pdbx_nmr_exptl.solution_id 
1 1 NOESY 1 
2 1 COSY  1 
3 1 TOCSY 1 
# 
_pdbx_nmr_refine.entry_id           1ATW 
_pdbx_nmr_refine.method             'molecular dynamics' 
_pdbx_nmr_refine.details            'DETAILS CAN BE FOUND IN THE CITATION, NAR, ABOVE.' 
_pdbx_nmr_refine.software_ordinal   1 
# 
loop_
_pdbx_nmr_software.classification 
_pdbx_nmr_software.name 
_pdbx_nmr_software.version 
_pdbx_nmr_software.authors 
_pdbx_nmr_software.ordinal 
refinement           X-PLOR ? BRUNGER 1 
'structure solution' X-PLOR ? ?       2 
# 
loop_
_chem_comp_atom.comp_id 
_chem_comp_atom.atom_id 
_chem_comp_atom.type_symbol 
_chem_comp_atom.pdbx_aromatic_flag 
_chem_comp_atom.pdbx_stereo_config 
_chem_comp_atom.pdbx_ordinal 
A OP3    O N N 1   
A P      P N N 2   
A OP1    O N N 3   
A OP2    O N N 4   
A "O5'"  O N N 5   
A "C5'"  C N N 6   
A "C4'"  C N R 7   
A "O4'"  O N N 8   
A "C3'"  C N S 9   
A "O3'"  O N N 10  
A "C2'"  C N R 11  
A "O2'"  O N N 12  
A "C1'"  C N R 13  
A N9     N Y N 14  
A C8     C Y N 15  
A N7     N Y N 16  
A C5     C Y N 17  
A C6     C Y N 18  
A N6     N N N 19  
A N1     N Y N 20  
A C2     C Y N 21  
A N3     N Y N 22  
A C4     C Y N 23  
A HOP3   H N N 24  
A HOP2   H N N 25  
A "H5'"  H N N 26  
A "H5''" H N N 27  
A "H4'"  H N N 28  
A "H3'"  H N N 29  
A "HO3'" H N N 30  
A "H2'"  H N N 31  
A "HO2'" H N N 32  
A "H1'"  H N N 33  
A H8     H N N 34  
A H61    H N N 35  
A H62    H N N 36  
A H2     H N N 37  
C OP3    O N N 38  
C P      P N N 39  
C OP1    O N N 40  
C OP2    O N N 41  
C "O5'"  O N N 42  
C "C5'"  C N N 43  
C "C4'"  C N R 44  
C "O4'"  O N N 45  
C "C3'"  C N S 46  
C "O3'"  O N N 47  
C "C2'"  C N R 48  
C "O2'"  O N N 49  
C "C1'"  C N R 50  
C N1     N N N 51  
C C2     C N N 52  
C O2     O N N 53  
C N3     N N N 54  
C C4     C N N 55  
C N4     N N N 56  
C C5     C N N 57  
C C6     C N N 58  
C HOP3   H N N 59  
C HOP2   H N N 60  
C "H5'"  H N N 61  
C "H5''" H N N 62  
C "H4'"  H N N 63  
C "H3'"  H N N 64  
C "HO3'" H N N 65  
C "H2'"  H N N 66  
C "HO2'" H N N 67  
C "H1'"  H N N 68  
C H41    H N N 69  
C H42    H N N 70  
C H5     H N N 71  
C H6     H N N 72  
G OP3    O N N 73  
G P      P N N 74  
G OP1    O N N 75  
G OP2    O N N 76  
G "O5'"  O N N 77  
G "C5'"  C N N 78  
G "C4'"  C N R 79  
G "O4'"  O N N 80  
G "C3'"  C N S 81  
G "O3'"  O N N 82  
G "C2'"  C N R 83  
G "O2'"  O N N 84  
G "C1'"  C N R 85  
G N9     N Y N 86  
G C8     C Y N 87  
G N7     N Y N 88  
G C5     C Y N 89  
G C6     C N N 90  
G O6     O N N 91  
G N1     N N N 92  
G C2     C N N 93  
G N2     N N N 94  
G N3     N N N 95  
G C4     C Y N 96  
G HOP3   H N N 97  
G HOP2   H N N 98  
G "H5'"  H N N 99  
G "H5''" H N N 100 
G "H4'"  H N N 101 
G "H3'"  H N N 102 
G "HO3'" H N N 103 
G "H2'"  H N N 104 
G "HO2'" H N N 105 
G "H1'"  H N N 106 
G H8     H N N 107 
G H1     H N N 108 
G H21    H N N 109 
G H22    H N N 110 
U OP3    O N N 111 
U P      P N N 112 
U OP1    O N N 113 
U OP2    O N N 114 
U "O5'"  O N N 115 
U "C5'"  C N N 116 
U "C4'"  C N R 117 
U "O4'"  O N N 118 
U "C3'"  C N S 119 
U "O3'"  O N N 120 
U "C2'"  C N R 121 
U "O2'"  O N N 122 
U "C1'"  C N R 123 
U N1     N N N 124 
U C2     C N N 125 
U O2     O N N 126 
U N3     N N N 127 
U C4     C N N 128 
U O4     O N N 129 
U C5     C N N 130 
U C6     C N N 131 
U HOP3   H N N 132 
U HOP2   H N N 133 
U "H5'"  H N N 134 
U "H5''" H N N 135 
U "H4'"  H N N 136 
U "H3'"  H N N 137 
U "HO3'" H N N 138 
U "H2'"  H N N 139 
U "HO2'" H N N 140 
U "H1'"  H N N 141 
U H3     H N N 142 
U H5     H N N 143 
U H6     H N N 144 
# 
loop_
_chem_comp_bond.comp_id 
_chem_comp_bond.atom_id_1 
_chem_comp_bond.atom_id_2 
_chem_comp_bond.value_order 
_chem_comp_bond.pdbx_aromatic_flag 
_chem_comp_bond.pdbx_stereo_config 
_chem_comp_bond.pdbx_ordinal 
A OP3   P      sing N N 1   
A OP3   HOP3   sing N N 2   
A P     OP1    doub N N 3   
A P     OP2    sing N N 4   
A P     "O5'"  sing N N 5   
A OP2   HOP2   sing N N 6   
A "O5'" "C5'"  sing N N 7   
A "C5'" "C4'"  sing N N 8   
A "C5'" "H5'"  sing N N 9   
A "C5'" "H5''" sing N N 10  
A "C4'" "O4'"  sing N N 11  
A "C4'" "C3'"  sing N N 12  
A "C4'" "H4'"  sing N N 13  
A "O4'" "C1'"  sing N N 14  
A "C3'" "O3'"  sing N N 15  
A "C3'" "C2'"  sing N N 16  
A "C3'" "H3'"  sing N N 17  
A "O3'" "HO3'" sing N N 18  
A "C2'" "O2'"  sing N N 19  
A "C2'" "C1'"  sing N N 20  
A "C2'" "H2'"  sing N N 21  
A "O2'" "HO2'" sing N N 22  
A "C1'" N9     sing N N 23  
A "C1'" "H1'"  sing N N 24  
A N9    C8     sing Y N 25  
A N9    C4     sing Y N 26  
A C8    N7     doub Y N 27  
A C8    H8     sing N N 28  
A N7    C5     sing Y N 29  
A C5    C6     sing Y N 30  
A C5    C4     doub Y N 31  
A C6    N6     sing N N 32  
A C6    N1     doub Y N 33  
A N6    H61    sing N N 34  
A N6    H62    sing N N 35  
A N1    C2     sing Y N 36  
A C2    N3     doub Y N 37  
A C2    H2     sing N N 38  
A N3    C4     sing Y N 39  
C OP3   P      sing N N 40  
C OP3   HOP3   sing N N 41  
C P     OP1    doub N N 42  
C P     OP2    sing N N 43  
C P     "O5'"  sing N N 44  
C OP2   HOP2   sing N N 45  
C "O5'" "C5'"  sing N N 46  
C "C5'" "C4'"  sing N N 47  
C "C5'" "H5'"  sing N N 48  
C "C5'" "H5''" sing N N 49  
C "C4'" "O4'"  sing N N 50  
C "C4'" "C3'"  sing N N 51  
C "C4'" "H4'"  sing N N 52  
C "O4'" "C1'"  sing N N 53  
C "C3'" "O3'"  sing N N 54  
C "C3'" "C2'"  sing N N 55  
C "C3'" "H3'"  sing N N 56  
C "O3'" "HO3'" sing N N 57  
C "C2'" "O2'"  sing N N 58  
C "C2'" "C1'"  sing N N 59  
C "C2'" "H2'"  sing N N 60  
C "O2'" "HO2'" sing N N 61  
C "C1'" N1     sing N N 62  
C "C1'" "H1'"  sing N N 63  
C N1    C2     sing N N 64  
C N1    C6     sing N N 65  
C C2    O2     doub N N 66  
C C2    N3     sing N N 67  
C N3    C4     doub N N 68  
C C4    N4     sing N N 69  
C C4    C5     sing N N 70  
C N4    H41    sing N N 71  
C N4    H42    sing N N 72  
C C5    C6     doub N N 73  
C C5    H5     sing N N 74  
C C6    H6     sing N N 75  
G OP3   P      sing N N 76  
G OP3   HOP3   sing N N 77  
G P     OP1    doub N N 78  
G P     OP2    sing N N 79  
G P     "O5'"  sing N N 80  
G OP2   HOP2   sing N N 81  
G "O5'" "C5'"  sing N N 82  
G "C5'" "C4'"  sing N N 83  
G "C5'" "H5'"  sing N N 84  
G "C5'" "H5''" sing N N 85  
G "C4'" "O4'"  sing N N 86  
G "C4'" "C3'"  sing N N 87  
G "C4'" "H4'"  sing N N 88  
G "O4'" "C1'"  sing N N 89  
G "C3'" "O3'"  sing N N 90  
G "C3'" "C2'"  sing N N 91  
G "C3'" "H3'"  sing N N 92  
G "O3'" "HO3'" sing N N 93  
G "C2'" "O2'"  sing N N 94  
G "C2'" "C1'"  sing N N 95  
G "C2'" "H2'"  sing N N 96  
G "O2'" "HO2'" sing N N 97  
G "C1'" N9     sing N N 98  
G "C1'" "H1'"  sing N N 99  
G N9    C8     sing Y N 100 
G N9    C4     sing Y N 101 
G C8    N7     doub Y N 102 
G C8    H8     sing N N 103 
G N7    C5     sing Y N 104 
G C5    C6     sing N N 105 
G C5    C4     doub Y N 106 
G C6    O6     doub N N 107 
G C6    N1     sing N N 108 
G N1    C2     sing N N 109 
G N1    H1     sing N N 110 
G C2    N2     sing N N 111 
G C2    N3     doub N N 112 
G N2    H21    sing N N 113 
G N2    H22    sing N N 114 
G N3    C4     sing N N 115 
U OP3   P      sing N N 116 
U OP3   HOP3   sing N N 117 
U P     OP1    doub N N 118 
U P     OP2    sing N N 119 
U P     "O5'"  sing N N 120 
U OP2   HOP2   sing N N 121 
U "O5'" "C5'"  sing N N 122 
U "C5'" "C4'"  sing N N 123 
U "C5'" "H5'"  sing N N 124 
U "C5'" "H5''" sing N N 125 
U "C4'" "O4'"  sing N N 126 
U "C4'" "C3'"  sing N N 127 
U "C4'" "H4'"  sing N N 128 
U "O4'" "C1'"  sing N N 129 
U "C3'" "O3'"  sing N N 130 
U "C3'" "C2'"  sing N N 131 
U "C3'" "H3'"  sing N N 132 
U "O3'" "HO3'" sing N N 133 
U "C2'" "O2'"  sing N N 134 
U "C2'" "C1'"  sing N N 135 
U "C2'" "H2'"  sing N N 136 
U "O2'" "HO2'" sing N N 137 
U "C1'" N1     sing N N 138 
U "C1'" "H1'"  sing N N 139 
U N1    C2     sing N N 140 
U N1    C6     sing N N 141 
U C2    O2     doub N N 142 
U C2    N3     sing N N 143 
U N3    C4     sing N N 144 
U N3    H3     sing N N 145 
U C4    O4     doub N N 146 
U C4    C5     sing N N 147 
U C5    C6     doub N N 148 
U C5    H5     sing N N 149 
U C6    H6     sing N N 150 
# 
loop_
_ndb_struct_conf_na.entry_id 
_ndb_struct_conf_na.feature 
1ATW 'double helix'        
1ATW 'a-form double helix' 
1ATW 'hairpin loop'        
# 
loop_
_ndb_struct_na_base_pair.model_number 
_ndb_struct_na_base_pair.i_label_asym_id 
_ndb_struct_na_base_pair.i_label_comp_id 
_ndb_struct_na_base_pair.i_label_seq_id 
_ndb_struct_na_base_pair.i_symmetry 
_ndb_struct_na_base_pair.j_label_asym_id 
_ndb_struct_na_base_pair.j_label_comp_id 
_ndb_struct_na_base_pair.j_label_seq_id 
_ndb_struct_na_base_pair.j_symmetry 
_ndb_struct_na_base_pair.shear 
_ndb_struct_na_base_pair.stretch 
_ndb_struct_na_base_pair.stagger 
_ndb_struct_na_base_pair.buckle 
_ndb_struct_na_base_pair.propeller 
_ndb_struct_na_base_pair.opening 
_ndb_struct_na_base_pair.pair_number 
_ndb_struct_na_base_pair.pair_name 
_ndb_struct_na_base_pair.i_auth_asym_id 
_ndb_struct_na_base_pair.i_auth_seq_id 
_ndb_struct_na_base_pair.i_PDB_ins_code 
_ndb_struct_na_base_pair.j_auth_asym_id 
_ndb_struct_na_base_pair.j_auth_seq_id 
_ndb_struct_na_base_pair.j_PDB_ins_code 
_ndb_struct_na_base_pair.hbond_type_28 
_ndb_struct_na_base_pair.hbond_type_12 
1 A G 1 1_555 A C 14 1_555 -0.529 -0.406 -0.138 -13.874 -22.458 -3.402 1 A_G1:C14_A A 1 ? A 14 ? 19 1 
1 A C 2 1_555 A G 13 1_555 0.464  -0.372 0.061  5.517   -17.567 -3.936 2 A_C2:G13_A A 2 ? A 13 ? 19 1 
1 A U 3 1_555 A A 12 1_555 -0.022 -0.183 0.052  12.530  -25.234 -6.396 3 A_U3:A12_A A 3 ? A 12 ? 20 1 
1 A C 4 1_555 A G 11 1_555 0.504  -0.451 0.227  16.157  -30.930 -6.362 4 A_C4:G11_A A 4 ? A 11 ? 19 1 
1 A C 5 1_555 A G 10 1_555 0.516  -0.451 0.192  14.486  -25.704 -6.013 5 A_C5:G10_A A 5 ? A 10 ? 19 1 
# 
loop_
_ndb_struct_na_base_pair_step.model_number 
_ndb_struct_na_base_pair_step.i_label_asym_id_1 
_ndb_struct_na_base_pair_step.i_label_comp_id_1 
_ndb_struct_na_base_pair_step.i_label_seq_id_1 
_ndb_struct_na_base_pair_step.i_symmetry_1 
_ndb_struct_na_base_pair_step.j_label_asym_id_1 
_ndb_struct_na_base_pair_step.j_label_comp_id_1 
_ndb_struct_na_base_pair_step.j_label_seq_id_1 
_ndb_struct_na_base_pair_step.j_symmetry_1 
_ndb_struct_na_base_pair_step.i_label_asym_id_2 
_ndb_struct_na_base_pair_step.i_label_comp_id_2 
_ndb_struct_na_base_pair_step.i_label_seq_id_2 
_ndb_struct_na_base_pair_step.i_symmetry_2 
_ndb_struct_na_base_pair_step.j_label_asym_id_2 
_ndb_struct_na_base_pair_step.j_label_comp_id_2 
_ndb_struct_na_base_pair_step.j_label_seq_id_2 
_ndb_struct_na_base_pair_step.j_symmetry_2 
_ndb_struct_na_base_pair_step.shift 
_ndb_struct_na_base_pair_step.slide 
_ndb_struct_na_base_pair_step.rise 
_ndb_struct_na_base_pair_step.tilt 
_ndb_struct_na_base_pair_step.roll 
_ndb_struct_na_base_pair_step.twist 
_ndb_struct_na_base_pair_step.x_displacement 
_ndb_struct_na_base_pair_step.y_displacement 
_ndb_struct_na_base_pair_step.helical_rise 
_ndb_struct_na_base_pair_step.inclination 
_ndb_struct_na_base_pair_step.tip 
_ndb_struct_na_base_pair_step.helical_twist 
_ndb_struct_na_base_pair_step.step_number 
_ndb_struct_na_base_pair_step.step_name 
_ndb_struct_na_base_pair_step.i_auth_asym_id_1 
_ndb_struct_na_base_pair_step.i_auth_seq_id_1 
_ndb_struct_na_base_pair_step.i_PDB_ins_code_1 
_ndb_struct_na_base_pair_step.j_auth_asym_id_1 
_ndb_struct_na_base_pair_step.j_auth_seq_id_1 
_ndb_struct_na_base_pair_step.j_PDB_ins_code_1 
_ndb_struct_na_base_pair_step.i_auth_asym_id_2 
_ndb_struct_na_base_pair_step.i_auth_seq_id_2 
_ndb_struct_na_base_pair_step.i_PDB_ins_code_2 
_ndb_struct_na_base_pair_step.j_auth_asym_id_2 
_ndb_struct_na_base_pair_step.j_auth_seq_id_2 
_ndb_struct_na_base_pair_step.j_PDB_ins_code_2 
1 A G 1 1_555 A C 14 1_555 A C 2 1_555 A G 13 1_555 -0.010 -0.432 2.756 -1.676 -2.595 36.491 -0.385 -0.180 2.777 -4.136 2.670  
36.617 1 AA_G1C2:G13C14_AA A 1 ? A 14 ? A 2 ? A 13 ? 
1 A C 2 1_555 A G 13 1_555 A U 3 1_555 A A 12 1_555 0.187  -0.802 2.968 2.083  5.568  33.711 -2.144 -0.025 2.809 9.509  -3.558 
34.217 2 AA_C2U3:A12G13_AA A 2 ? A 13 ? A 3 ? A 12 ? 
1 A U 3 1_555 A A 12 1_555 A C 4 1_555 A G 11 1_555 0.339  -0.694 3.095 0.386  -1.487 38.626 -0.874 -0.467 3.122 -2.247 -0.583 
38.656 3 AA_U3C4:G11A12_AA A 3 ? A 12 ? A 4 ? A 11 ? 
1 A C 4 1_555 A G 11 1_555 A C 5 1_555 A G 10 1_555 -0.148 -0.773 3.266 1.651  3.796  34.246 -1.884 0.502  3.155 6.417  -2.790 
34.488 4 AA_C4C5:G10G11_AA A 4 ? A 11 ? A 5 ? A 10 ? 
# 
loop_
_pdbx_nmr_spectrometer.spectrometer_id 
_pdbx_nmr_spectrometer.model 
_pdbx_nmr_spectrometer.manufacturer 
_pdbx_nmr_spectrometer.field_strength 
1 -500             GE     500 
2 'BRUKER AMX-600' Bruker 600 
# 
_atom_sites.entry_id                    1ATW 
_atom_sites.fract_transf_matrix[1][1]   1.000000 
_atom_sites.fract_transf_matrix[1][2]   0.000000 
_atom_sites.fract_transf_matrix[1][3]   0.000000 
_atom_sites.fract_transf_matrix[2][1]   0.000000 
_atom_sites.fract_transf_matrix[2][2]   1.000000 
_atom_sites.fract_transf_matrix[2][3]   0.000000 
_atom_sites.fract_transf_matrix[3][1]   0.000000 
_atom_sites.fract_transf_matrix[3][2]   0.000000 
_atom_sites.fract_transf_matrix[3][3]   1.000000 
_atom_sites.fract_transf_vector[1]      0.00000 
_atom_sites.fract_transf_vector[2]      0.00000 
_atom_sites.fract_transf_vector[3]      0.00000 
# 
loop_
_atom_type.symbol 
C 
H 
N 
O 
P 
# 
loop_
_atom_site.group_PDB 
_atom_site.id 
_atom_site.type_symbol 
_atom_site.label_atom_id 
_atom_site.label_alt_id 
_atom_site.label_comp_id 
_atom_site.label_asym_id 
_atom_site.label_entity_id 
_atom_site.label_seq_id 
_atom_site.pdbx_PDB_ins_code 
_atom_site.Cartn_x 
_atom_site.Cartn_y 
_atom_site.Cartn_z 
_atom_site.occupancy 
_atom_site.B_iso_or_equiv 
_atom_site.pdbx_formal_charge 
_atom_site.auth_seq_id 
_atom_site.auth_comp_id 
_atom_site.auth_asym_id 
_atom_site.auth_atom_id 
_atom_site.pdbx_PDB_model_num 
ATOM 1    O "O5'"  . G A 1 1  ? 6.272   -4.198  -10.340 1.00 0.00 ? 1  G A "O5'"  1 
ATOM 2    C "C5'"  . G A 1 1  ? 6.520   -5.607  -10.385 1.00 0.00 ? 1  G A "C5'"  1 
ATOM 3    C "C4'"  . G A 1 1  ? 6.549   -6.220  -8.987  1.00 0.00 ? 1  G A "C4'"  1 
ATOM 4    O "O4'"  . G A 1 1  ? 7.510   -5.533  -8.185  1.00 0.00 ? 1  G A "O4'"  1 
ATOM 5    C "C3'"  . G A 1 1  ? 5.275   -6.059  -8.187  1.00 0.00 ? 1  G A "C3'"  1 
ATOM 6    O "O3'"  . G A 1 1  ? 4.408   -7.149  -8.525  1.00 0.00 ? 1  G A "O3'"  1 
ATOM 7    C "C2'"  . G A 1 1  ? 5.759   -6.276  -6.756  1.00 0.00 ? 1  G A "C2'"  1 
ATOM 8    O "O2'"  . G A 1 1  ? 5.814   -7.672  -6.445  1.00 0.00 ? 1  G A "O2'"  1 
ATOM 9    C "C1'"  . G A 1 1  ? 7.174   -5.685  -6.794  1.00 0.00 ? 1  G A "C1'"  1 
ATOM 10   N N9     . G A 1 1  ? 7.238   -4.361  -6.150  1.00 0.00 ? 1  G A N9     1 
ATOM 11   C C8     . G A 1 1  ? 7.054   -3.126  -6.716  1.00 0.00 ? 1  G A C8     1 
ATOM 12   N N7     . G A 1 1  ? 7.186   -2.139  -5.876  1.00 0.00 ? 1  G A N7     1 
ATOM 13   C C5     . G A 1 1  ? 7.475   -2.764  -4.668  1.00 0.00 ? 1  G A C5     1 
ATOM 14   C C6     . G A 1 1  ? 7.722   -2.204  -3.385  1.00 0.00 ? 1  G A C6     1 
ATOM 15   O O6     . G A 1 1  ? 7.743   -1.022  -3.059  1.00 0.00 ? 1  G A O6     1 
ATOM 16   N N1     . G A 1 1  ? 7.971   -3.182  -2.444  1.00 0.00 ? 1  G A N1     1 
ATOM 17   C C2     . G A 1 1  ? 7.983   -4.529  -2.691  1.00 0.00 ? 1  G A C2     1 
ATOM 18   N N2     . G A 1 1  ? 8.241   -5.325  -1.664  1.00 0.00 ? 1  G A N2     1 
ATOM 19   N N3     . G A 1 1  ? 7.755   -5.071  -3.885  1.00 0.00 ? 1  G A N3     1 
ATOM 20   C C4     . G A 1 1  ? 7.509   -4.128  -4.825  1.00 0.00 ? 1  G A C4     1 
ATOM 21   H "H5'"  . G A 1 1  ? 7.480   -5.783  -10.871 1.00 0.00 ? 1  G A "H5'"  1 
ATOM 22   H "H5''" . G A 1 1  ? 5.733   -6.087  -10.968 1.00 0.00 ? 1  G A "H5''" 1 
ATOM 23   H "H4'"  . G A 1 1  ? 6.829   -7.270  -9.062  1.00 0.00 ? 1  G A "H4'"  1 
ATOM 24   H "H3'"  . G A 1 1  ? 4.793   -5.092  -8.333  1.00 0.00 ? 1  G A "H3'"  1 
ATOM 25   H "H2'"  . G A 1 1  ? 5.133   -5.741  -6.046  1.00 0.00 ? 1  G A "H2'"  1 
ATOM 26   H "HO2'" . G A 1 1  ? 5.385   -7.790  -5.590  1.00 0.00 ? 1  G A "HO2'" 1 
ATOM 27   H "H1'"  . G A 1 1  ? 7.889   -6.356  -6.319  1.00 0.00 ? 1  G A "H1'"  1 
ATOM 28   H H8     . G A 1 1  ? 6.812   -2.985  -7.768  1.00 0.00 ? 1  G A H8     1 
ATOM 29   H H1     . G A 1 1  ? 8.159   -2.873  -1.505  1.00 0.00 ? 1  G A H1     1 
ATOM 30   H H21    . G A 1 1  ? 8.412   -4.933  -0.749  1.00 0.00 ? 1  G A H21    1 
ATOM 31   H H22    . G A 1 1  ? 8.268   -6.325  -1.798  1.00 0.00 ? 1  G A H22    1 
ATOM 32   H "HO5'" . G A 1 1  ? 6.927   -3.813  -9.753  1.00 0.00 ? 1  G A "HO5'" 1 
ATOM 33   P P      . C A 1 2  ? 2.851   -7.122  -8.103  1.00 0.00 ? 2  C A P      1 
ATOM 34   O OP1    . C A 1 2  ? 2.197   -8.327  -8.660  1.00 0.00 ? 2  C A OP1    1 
ATOM 35   O OP2    . C A 1 2  ? 2.310   -5.780  -8.414  1.00 0.00 ? 2  C A OP2    1 
ATOM 36   O "O5'"  . C A 1 2  ? 2.912   -7.274  -6.497  1.00 0.00 ? 2  C A "O5'"  1 
ATOM 37   C "C5'"  . C A 1 2  ? 3.194   -8.542  -5.892  1.00 0.00 ? 2  C A "C5'"  1 
ATOM 38   C "C4'"  . C A 1 2  ? 3.456   -8.413  -4.394  1.00 0.00 ? 2  C A "C4'"  1 
ATOM 39   O "O4'"  . C A 1 2  ? 4.529   -7.490  -4.169  1.00 0.00 ? 2  C A "O4'"  1 
ATOM 40   C "C3'"  . C A 1 2  ? 2.320   -7.817  -3.586  1.00 0.00 ? 2  C A "C3'"  1 
ATOM 41   O "O3'"  . C A 1 2  ? 1.430   -8.886  -3.234  1.00 0.00 ? 2  C A "O3'"  1 
ATOM 42   C "C2'"  . C A 1 2  ? 3.043   -7.378  -2.321  1.00 0.00 ? 2  C A "C2'"  1 
ATOM 43   O "O2'"  . C A 1 2  ? 3.299   -8.496  -1.464  1.00 0.00 ? 2  C A "O2'"  1 
ATOM 44   C "C1'"  . C A 1 2  ? 4.354   -6.830  -2.898  1.00 0.00 ? 2  C A "C1'"  1 
ATOM 45   N N1     . C A 1 2  ? 4.308   -5.366  -3.114  1.00 0.00 ? 2  C A N1     1 
ATOM 46   C C2     . C A 1 2  ? 4.810   -4.550  -2.109  1.00 0.00 ? 2  C A C2     1 
ATOM 47   O O2     . C A 1 2  ? 5.261   -5.040  -1.078  1.00 0.00 ? 2  C A O2     1 
ATOM 48   N N3     . C A 1 2  ? 4.789   -3.203  -2.287  1.00 0.00 ? 2  C A N3     1 
ATOM 49   C C4     . C A 1 2  ? 4.293   -2.671  -3.410  1.00 0.00 ? 2  C A C4     1 
ATOM 50   N N4     . C A 1 2  ? 4.308   -1.347  -3.524  1.00 0.00 ? 2  C A N4     1 
ATOM 51   C C5     . C A 1 2  ? 3.770   -3.501  -4.450  1.00 0.00 ? 2  C A C5     1 
ATOM 52   C C6     . C A 1 2  ? 3.797   -4.834  -4.263  1.00 0.00 ? 2  C A C6     1 
ATOM 53   H "H5'"  . C A 1 2  ? 4.074   -8.977  -6.368  1.00 0.00 ? 2  C A "H5'"  1 
ATOM 54   H "H5''" . C A 1 2  ? 2.343   -9.207  -6.046  1.00 0.00 ? 2  C A "H5''" 1 
ATOM 55   H "H4'"  . C A 1 2  ? 3.738   -9.389  -3.997  1.00 0.00 ? 2  C A "H4'"  1 
ATOM 56   H "H3'"  . C A 1 2  ? 1.805   -7.002  -4.096  1.00 0.00 ? 2  C A "H3'"  1 
ATOM 57   H "H2'"  . C A 1 2  ? 2.490   -6.602  -1.800  1.00 0.00 ? 2  C A "H2'"  1 
ATOM 58   H "HO2'" . C A 1 2  ? 2.863   -8.318  -0.626  1.00 0.00 ? 2  C A "HO2'" 1 
ATOM 59   H "H1'"  . C A 1 2  ? 5.195   -7.073  -2.248  1.00 0.00 ? 2  C A "H1'"  1 
ATOM 60   H H41    . C A 1 2  ? 4.735   -0.782  -2.800  1.00 0.00 ? 2  C A H41    1 
ATOM 61   H H42    . C A 1 2  ? 3.898   -0.905  -4.333  1.00 0.00 ? 2  C A H42    1 
ATOM 62   H H5     . C A 1 2  ? 3.363   -3.077  -5.367  1.00 0.00 ? 2  C A H5     1 
ATOM 63   H H6     . C A 1 2  ? 3.407   -5.494  -5.038  1.00 0.00 ? 2  C A H6     1 
ATOM 64   P P      . U A 1 3  ? -0.061  -8.577  -2.705  1.00 0.00 ? 3  U A P      1 
ATOM 65   O OP1    . U A 1 3  ? -0.776  -9.864  -2.553  1.00 0.00 ? 3  U A OP1    1 
ATOM 66   O OP2    . U A 1 3  ? -0.640  -7.507  -3.550  1.00 0.00 ? 3  U A OP2    1 
ATOM 67   O "O5'"  . U A 1 3  ? 0.201   -7.965  -1.236  1.00 0.00 ? 3  U A "O5'"  1 
ATOM 68   C "C5'"  . U A 1 3  ? 0.557   -8.816  -0.138  1.00 0.00 ? 3  U A "C5'"  1 
ATOM 69   C "C4'"  . U A 1 3  ? 0.970   -8.010  1.090   1.00 0.00 ? 3  U A "C4'"  1 
ATOM 70   O "O4'"  . U A 1 3  ? 2.052   -7.135  0.740   1.00 0.00 ? 3  U A "O4'"  1 
ATOM 71   C "C3'"  . U A 1 3  ? -0.091  -7.066  1.628   1.00 0.00 ? 3  U A "C3'"  1 
ATOM 72   O "O3'"  . U A 1 3  ? -0.880  -7.796  2.578   1.00 0.00 ? 3  U A "O3'"  1 
ATOM 73   C "C2'"  . U A 1 3  ? 0.748   -6.060  2.401   1.00 0.00 ? 3  U A "C2'"  1 
ATOM 74   O "O2'"  . U A 1 3  ? 1.167   -6.600  3.658   1.00 0.00 ? 3  U A "O2'"  1 
ATOM 75   C "C1'"  . U A 1 3  ? 1.943   -5.891  1.460   1.00 0.00 ? 3  U A "C1'"  1 
ATOM 76   N N1     . U A 1 3  ? 1.750   -4.792  0.490   1.00 0.00 ? 3  U A N1     1 
ATOM 77   C C2     . U A 1 3  ? 2.271   -3.554  0.818   1.00 0.00 ? 3  U A C2     1 
ATOM 78   O O2     . U A 1 3  ? 2.848   -3.339  1.876   1.00 0.00 ? 3  U A O2     1 
ATOM 79   N N3     . U A 1 3  ? 2.098   -2.559  -0.116  1.00 0.00 ? 3  U A N3     1 
ATOM 80   C C4     . U A 1 3  ? 1.460   -2.686  -1.330  1.00 0.00 ? 3  U A C4     1 
ATOM 81   O O4     . U A 1 3  ? 1.387   -1.723  -2.085  1.00 0.00 ? 3  U A O4     1 
ATOM 82   C C5     . U A 1 3  ? 0.938   -4.004  -1.603  1.00 0.00 ? 3  U A C5     1 
ATOM 83   C C6     . U A 1 3  ? 1.097   -4.999  -0.697  1.00 0.00 ? 3  U A C6     1 
ATOM 84   H "H5'"  . U A 1 3  ? 1.388   -9.456  -0.438  1.00 0.00 ? 3  U A "H5'"  1 
ATOM 85   H "H5''" . U A 1 3  ? -0.298  -9.441  0.119   1.00 0.00 ? 3  U A "H5''" 1 
ATOM 86   H "H4'"  . U A 1 3  ? 1.305   -8.695  1.870   1.00 0.00 ? 3  U A "H4'"  1 
ATOM 87   H "H3'"  . U A 1 3  ? -0.702  -6.611  0.849   1.00 0.00 ? 3  U A "H3'"  1 
ATOM 88   H "H2'"  . U A 1 3  ? 0.217   -5.119  2.533   1.00 0.00 ? 3  U A "H2'"  1 
ATOM 89   H "HO2'" . U A 1 3  ? 1.087   -5.898  4.309   1.00 0.00 ? 3  U A "HO2'" 1 
ATOM 90   H "H1'"  . U A 1 3  ? 2.860   -5.720  2.025   1.00 0.00 ? 3  U A "H1'"  1 
ATOM 91   H H3     . U A 1 3  ? 2.469   -1.649  0.112   1.00 0.00 ? 3  U A H3     1 
ATOM 92   H H5     . U A 1 3  ? 0.414   -4.199  -2.539  1.00 0.00 ? 3  U A H5     1 
ATOM 93   H H6     . U A 1 3  ? 0.695   -5.988  -0.918  1.00 0.00 ? 3  U A H6     1 
ATOM 94   P P      . C A 1 4  ? -2.326  -7.253  3.042   1.00 0.00 ? 4  C A P      1 
ATOM 95   O OP1    . C A 1 4  ? -2.916  -8.237  3.978   1.00 0.00 ? 4  C A OP1    1 
ATOM 96   O OP2    . C A 1 4  ? -3.075  -6.844  1.832   1.00 0.00 ? 4  C A OP2    1 
ATOM 97   O "O5'"  . C A 1 4  ? -1.960  -5.919  3.872   1.00 0.00 ? 4  C A "O5'"  1 
ATOM 98   C "C5'"  . C A 1 4  ? -1.332  -5.999  5.158   1.00 0.00 ? 4  C A "C5'"  1 
ATOM 99   C "C4'"  . C A 1 4  ? -0.823  -4.637  5.621   1.00 0.00 ? 4  C A "C4'"  1 
ATOM 100  O "O4'"  . C A 1 4  ? 0.078   -4.110  4.638   1.00 0.00 ? 4  C A "O4'"  1 
ATOM 101  C "C3'"  . C A 1 4  ? -1.889  -3.562  5.744   1.00 0.00 ? 4  C A "C3'"  1 
ATOM 102  O "O3'"  . C A 1 4  ? -2.401  -3.615  7.084   1.00 0.00 ? 4  C A "O3'"  1 
ATOM 103  C "C2'"  . C A 1 4  ? -1.072  -2.286  5.615   1.00 0.00 ? 4  C A "C2'"  1 
ATOM 104  O "O2'"  . C A 1 4  ? -0.386  -1.995  6.837   1.00 0.00 ? 4  C A "O2'"  1 
ATOM 105  C "C1'"  . C A 1 4  ? -0.078  -2.683  4.521   1.00 0.00 ? 4  C A "C1'"  1 
ATOM 106  N N1     . C A 1 4  ? -0.570  -2.369  3.160   1.00 0.00 ? 4  C A N1     1 
ATOM 107  C C2     . C A 1 4  ? -0.187  -1.159  2.599   1.00 0.00 ? 4  C A C2     1 
ATOM 108  O O2     . C A 1 4  ? 0.503   -0.369  3.234   1.00 0.00 ? 4  C A O2     1 
ATOM 109  N N3     . C A 1 4  ? -0.600  -0.864  1.338   1.00 0.00 ? 4  C A N3     1 
ATOM 110  C C4     . C A 1 4  ? -1.365  -1.718  0.652   1.00 0.00 ? 4  C A C4     1 
ATOM 111  N N4     . C A 1 4  ? -1.727  -1.370  -0.578  1.00 0.00 ? 4  C A N4     1 
ATOM 112  C C5     . C A 1 4  ? -1.769  -2.966  1.222   1.00 0.00 ? 4  C A C5     1 
ATOM 113  C C6     . C A 1 4  ? -1.354  -3.249  2.470   1.00 0.00 ? 4  C A C6     1 
ATOM 114  H "H5'"  . C A 1 4  ? -0.492  -6.693  5.103   1.00 0.00 ? 4  C A "H5'"  1 
ATOM 115  H "H5''" . C A 1 4  ? -2.055  -6.373  5.885   1.00 0.00 ? 4  C A "H5''" 1 
ATOM 116  H "H4'"  . C A 1 4  ? -0.289  -4.757  6.564   1.00 0.00 ? 4  C A "H4'"  1 
ATOM 117  H "H3'"  . C A 1 4  ? -2.680  -3.646  4.997   1.00 0.00 ? 4  C A "H3'"  1 
ATOM 118  H "H2'"  . C A 1 4  ? -1.690  -1.447  5.300   1.00 0.00 ? 4  C A "H2'"  1 
ATOM 119  H "HO2'" . C A 1 4  ? -1.056  -1.829  7.506   1.00 0.00 ? 4  C A "HO2'" 1 
ATOM 120  H "H1'"  . C A 1 4  ? 0.887   -2.200  4.678   1.00 0.00 ? 4  C A "H1'"  1 
ATOM 121  H H41    . C A 1 4  ? -1.394  -0.499  -0.975  1.00 0.00 ? 4  C A H41    1 
ATOM 122  H H42    . C A 1 4  ? -2.332  -1.971  -1.118  1.00 0.00 ? 4  C A H42    1 
ATOM 123  H H5     . C A 1 4  ? -2.393  -3.669  0.671   1.00 0.00 ? 4  C A H5     1 
ATOM 124  H H6     . C A 1 4  ? -1.646  -4.191  2.935   1.00 0.00 ? 4  C A H6     1 
ATOM 125  P P      . C A 1 5  ? -3.947  -3.279  7.393   1.00 0.00 ? 5  C A P      1 
ATOM 126  O OP1    . C A 1 5  ? -4.241  -3.694  8.783   1.00 0.00 ? 5  C A OP1    1 
ATOM 127  O OP2    . C A 1 5  ? -4.765  -3.804  6.276   1.00 0.00 ? 5  C A OP2    1 
ATOM 128  O "O5'"  . C A 1 5  ? -3.978  -1.668  7.325   1.00 0.00 ? 5  C A "O5'"  1 
ATOM 129  C "C5'"  . C A 1 5  ? -3.441  -0.877  8.394   1.00 0.00 ? 5  C A "C5'"  1 
ATOM 130  C "C4'"  . C A 1 5  ? -3.158  0.558   7.955   1.00 0.00 ? 5  C A "C4'"  1 
ATOM 131  O "O4'"  . C A 1 5  ? -2.311  0.538   6.798   1.00 0.00 ? 5  C A "O4'"  1 
ATOM 132  C "C3'"  . C A 1 5  ? -4.373  1.349   7.496   1.00 0.00 ? 5  C A "C3'"  1 
ATOM 133  O "O3'"  . C A 1 5  ? -4.932  1.988   8.658   1.00 0.00 ? 5  C A "O3'"  1 
ATOM 134  C "C2'"  . C A 1 5  ? -3.734  2.421   6.623   1.00 0.00 ? 5  C A "C2'"  1 
ATOM 135  O "O2'"  . C A 1 5  ? -3.136  3.448   7.424   1.00 0.00 ? 5  C A "O2'"  1 
ATOM 136  C "C1'"  . C A 1 5  ? -2.658  1.610   5.901   1.00 0.00 ? 5  C A "C1'"  1 
ATOM 137  N N1     . C A 1 5  ? -3.143  1.030   4.630   1.00 0.00 ? 5  C A N1     1 
ATOM 138  C C2     . C A 1 5  ? -2.983  1.781   3.476   1.00 0.00 ? 5  C A C2     1 
ATOM 139  O O2     . C A 1 5  ? -2.476  2.898   3.524   1.00 0.00 ? 5  C A O2     1 
ATOM 140  N N3     . C A 1 5  ? -3.409  1.262   2.294   1.00 0.00 ? 5  C A N3     1 
ATOM 141  C C4     . C A 1 5  ? -3.975  0.052   2.245   1.00 0.00 ? 5  C A C4     1 
ATOM 142  N N4     . C A 1 5  ? -4.369  -0.396  1.058   1.00 0.00 ? 5  C A N4     1 
ATOM 143  C C5     . C A 1 5  ? -4.149  -0.729  3.429   1.00 0.00 ? 5  C A C5     1 
ATOM 144  C C6     . C A 1 5  ? -3.721  -0.207  4.593   1.00 0.00 ? 5  C A C6     1 
ATOM 145  H "H5'"  . C A 1 5  ? -2.512  -1.330  8.740   1.00 0.00 ? 5  C A "H5'"  1 
ATOM 146  H "H5''" . C A 1 5  ? -4.154  -0.860  9.218   1.00 0.00 ? 5  C A "H5''" 1 
ATOM 147  H "H4'"  . C A 1 5  ? -2.644  1.081   8.761   1.00 0.00 ? 5  C A "H4'"  1 
ATOM 148  H "H3'"  . C A 1 5  ? -5.109  0.744   6.965   1.00 0.00 ? 5  C A "H3'"  1 
ATOM 149  H "H2'"  . C A 1 5  ? -4.453  2.839   5.917   1.00 0.00 ? 5  C A "H2'"  1 
ATOM 150  H "HO2'" . C A 1 5  ? -3.852  3.973   7.796   1.00 0.00 ? 5  C A "HO2'" 1 
ATOM 151  H "H1'"  . C A 1 5  ? -1.775  2.220   5.707   1.00 0.00 ? 5  C A "H1'"  1 
ATOM 152  H H41    . C A 1 5  ? -4.180  0.147   0.225   1.00 0.00 ? 5  C A H41    1 
ATOM 153  H H42    . C A 1 5  ? -4.858  -1.276  0.986   1.00 0.00 ? 5  C A H42    1 
ATOM 154  H H5     . C A 1 5  ? -4.611  -1.716  3.400   1.00 0.00 ? 5  C A H5     1 
ATOM 155  H H6     . C A 1 5  ? -3.838  -0.777  5.516   1.00 0.00 ? 5  C A H6     1 
ATOM 156  P P      . A A 1 6  ? -6.044  3.152   8.533   1.00 0.00 ? 6  A A P      1 
ATOM 157  O OP1    . A A 1 6  ? -5.367  4.390   8.080   1.00 0.00 ? 6  A A OP1    1 
ATOM 158  O OP2    . A A 1 6  ? -6.837  3.168   9.784   1.00 0.00 ? 6  A A OP2    1 
ATOM 159  O "O5'"  . A A 1 6  ? -6.995  2.633   7.336   1.00 0.00 ? 6  A A "O5'"  1 
ATOM 160  C "C5'"  . A A 1 6  ? -8.188  1.887   7.614   1.00 0.00 ? 6  A A "C5'"  1 
ATOM 161  C "C4'"  . A A 1 6  ? -8.042  0.422   7.216   1.00 0.00 ? 6  A A "C4'"  1 
ATOM 162  O "O4'"  . A A 1 6  ? -6.960  -0.157  7.936   1.00 0.00 ? 6  A A "O4'"  1 
ATOM 163  C "C3'"  . A A 1 6  ? -9.209  -0.464  7.595   1.00 0.00 ? 6  A A "C3'"  1 
ATOM 164  O "O3'"  . A A 1 6  ? -10.159 -0.403  6.521   1.00 0.00 ? 6  A A "O3'"  1 
ATOM 165  C "C2'"  . A A 1 6  ? -8.587  -1.858  7.582   1.00 0.00 ? 6  A A "C2'"  1 
ATOM 166  O "O2'"  . A A 1 6  ? -8.617  -2.407  6.259   1.00 0.00 ? 6  A A "O2'"  1 
ATOM 167  C "C1'"  . A A 1 6  ? -7.136  -1.580  8.013   1.00 0.00 ? 6  A A "C1'"  1 
ATOM 168  N N9     . A A 1 6  ? -6.868  -2.005  9.401   1.00 0.00 ? 6  A A N9     1 
ATOM 169  C C8     . A A 1 6  ? -6.506  -1.235  10.478  1.00 0.00 ? 6  A A C8     1 
ATOM 170  N N7     . A A 1 6  ? -6.337  -1.919  11.576  1.00 0.00 ? 6  A A N7     1 
ATOM 171  C C5     . A A 1 6  ? -6.605  -3.230  11.196  1.00 0.00 ? 6  A A C5     1 
ATOM 172  C C6     . A A 1 6  ? -6.602  -4.445  11.899  1.00 0.00 ? 6  A A C6     1 
ATOM 173  N N6     . A A 1 6  ? -6.310  -4.548  13.193  1.00 0.00 ? 6  A A N6     1 
ATOM 174  N N1     . A A 1 6  ? -6.915  -5.560  11.223  1.00 0.00 ? 6  A A N1     1 
ATOM 175  C C2     . A A 1 6  ? -7.211  -5.470  9.933   1.00 0.00 ? 6  A A C2     1 
ATOM 176  N N3     . A A 1 6  ? -7.250  -4.396  9.160   1.00 0.00 ? 6  A A N3     1 
ATOM 177  C C4     . A A 1 6  ? -6.930  -3.294  9.872   1.00 0.00 ? 6  A A C4     1 
ATOM 178  H "H5'"  . A A 1 6  ? -9.018  2.325   7.061   1.00 0.00 ? 6  A A "H5'"  1 
ATOM 179  H "H5''" . A A 1 6  ? -8.402  1.944   8.682   1.00 0.00 ? 6  A A "H5''" 1 
ATOM 180  H "H4'"  . A A 1 6  ? -7.838  0.359   6.147   1.00 0.00 ? 6  A A "H4'"  1 
ATOM 181  H "H3'"  . A A 1 6  ? -9.657  -0.203  8.554   1.00 0.00 ? 6  A A "H3'"  1 
ATOM 182  H "H2'"  . A A 1 6  ? -9.087  -2.518  8.291   1.00 0.00 ? 6  A A "H2'"  1 
ATOM 183  H "HO2'" . A A 1 6  ? -9.409  -2.068  5.830   1.00 0.00 ? 6  A A "HO2'" 1 
ATOM 184  H "H1'"  . A A 1 6  ? -6.431  -2.069  7.341   1.00 0.00 ? 6  A A "H1'"  1 
ATOM 185  H H8     . A A 1 6  ? -6.373  -0.155  10.420  1.00 0.00 ? 6  A A H8     1 
ATOM 186  H H61    . A A 1 6  ? -6.325  -5.451  13.642  1.00 0.00 ? 6  A A H61    1 
ATOM 187  H H62    . A A 1 6  ? -6.071  -3.723  13.722  1.00 0.00 ? 6  A A H62    1 
ATOM 188  H H2     . A A 1 6  ? -7.455  -6.412  9.440   1.00 0.00 ? 6  A A H2     1 
ATOM 189  P P      . G A 1 7  ? -11.702 -0.804  6.760   1.00 0.00 ? 7  G A P      1 
ATOM 190  O OP1    . G A 1 7  ? -12.202 -0.049  7.932   1.00 0.00 ? 7  G A OP1    1 
ATOM 191  O OP2    . G A 1 7  ? -11.802 -2.280  6.737   1.00 0.00 ? 7  G A OP2    1 
ATOM 192  O "O5'"  . G A 1 7  ? -12.423 -0.228  5.439   1.00 0.00 ? 7  G A "O5'"  1 
ATOM 193  C "C5'"  . G A 1 7  ? -12.367 1.169   5.124   1.00 0.00 ? 7  G A "C5'"  1 
ATOM 194  C "C4'"  . G A 1 7  ? -13.482 1.577   4.163   1.00 0.00 ? 7  G A "C4'"  1 
ATOM 195  O "O4'"  . G A 1 7  ? -14.748 1.366   4.798   1.00 0.00 ? 7  G A "O4'"  1 
ATOM 196  C "C3'"  . G A 1 7  ? -13.477 3.050   3.776   1.00 0.00 ? 7  G A "C3'"  1 
ATOM 197  O "O3'"  . G A 1 7  ? -14.128 3.166   2.502   1.00 0.00 ? 7  G A "O3'"  1 
ATOM 198  C "C2'"  . G A 1 7  ? -14.374 3.704   4.810   1.00 0.00 ? 7  G A "C2'"  1 
ATOM 199  O "O2'"  . G A 1 7  ? -14.998 4.870   4.264   1.00 0.00 ? 7  G A "O2'"  1 
ATOM 200  C "C1'"  . G A 1 7  ? -15.408 2.611   5.070   1.00 0.00 ? 7  G A "C1'"  1 
ATOM 201  N N9     . G A 1 7  ? -15.822 2.592   6.479   1.00 0.00 ? 7  G A N9     1 
ATOM 202  C C8     . G A 1 7  ? -15.028 2.432   7.581   1.00 0.00 ? 7  G A C8     1 
ATOM 203  N N7     . G A 1 7  ? -15.682 2.458   8.708   1.00 0.00 ? 7  G A N7     1 
ATOM 204  C C5     . G A 1 7  ? -17.007 2.649   8.321   1.00 0.00 ? 7  G A C5     1 
ATOM 205  C C6     . G A 1 7  ? -18.185 2.760   9.109   1.00 0.00 ? 7  G A C6     1 
ATOM 206  O O6     . G A 1 7  ? -18.297 2.711   10.331  1.00 0.00 ? 7  G A O6     1 
ATOM 207  N N1     . G A 1 7  ? -19.307 2.946   8.326   1.00 0.00 ? 7  G A N1     1 
ATOM 208  C C2     . G A 1 7  ? -19.308 3.018   6.955   1.00 0.00 ? 7  G A C2     1 
ATOM 209  N N2     . G A 1 7  ? -20.479 3.201   6.362   1.00 0.00 ? 7  G A N2     1 
ATOM 210  N N3     . G A 1 7  ? -18.217 2.915   6.202   1.00 0.00 ? 7  G A N3     1 
ATOM 211  C C4     . G A 1 7  ? -17.102 2.733   6.952   1.00 0.00 ? 7  G A C4     1 
ATOM 212  H "H5'"  . G A 1 7  ? -11.404 1.392   4.664   1.00 0.00 ? 7  G A "H5'"  1 
ATOM 213  H "H5''" . G A 1 7  ? -12.463 1.746   6.044   1.00 0.00 ? 7  G A "H5''" 1 
ATOM 214  H "H4'"  . G A 1 7  ? -13.424 0.949   3.274   1.00 0.00 ? 7  G A "H4'"  1 
ATOM 215  H "H3'"  . G A 1 7  ? -12.477 3.476   3.763   1.00 0.00 ? 7  G A "H3'"  1 
ATOM 216  H "H2'"  . G A 1 7  ? -13.815 3.942   5.713   1.00 0.00 ? 7  G A "H2'"  1 
ATOM 217  H "HO2'" . G A 1 7  ? -15.280 4.649   3.373   1.00 0.00 ? 7  G A "HO2'" 1 
ATOM 218  H "H1'"  . G A 1 7  ? -16.280 2.720   4.424   1.00 0.00 ? 7  G A "H1'"  1 
ATOM 219  H H8     . G A 1 7  ? -13.945 2.301   7.515   1.00 0.00 ? 7  G A H8     1 
ATOM 220  H H1     . G A 1 7  ? -20.188 3.035   8.804   1.00 0.00 ? 7  G A H1     1 
ATOM 221  H H21    . G A 1 7  ? -21.318 3.279   6.914   1.00 0.00 ? 7  G A H21    1 
ATOM 222  H H22    . G A 1 7  ? -20.528 3.261   5.356   1.00 0.00 ? 7  G A H22    1 
ATOM 223  P P      . A A 1 8  ? -13.303 2.964   1.131   1.00 0.00 ? 8  A A P      1 
ATOM 224  O OP1    . A A 1 8  ? -14.226 3.209   -0.002  1.00 0.00 ? 8  A A OP1    1 
ATOM 225  O OP2    . A A 1 8  ? -12.566 1.684   1.223   1.00 0.00 ? 8  A A OP2    1 
ATOM 226  O "O5'"  . A A 1 8  ? -12.235 4.175   1.188   1.00 0.00 ? 8  A A "O5'"  1 
ATOM 227  C "C5'"  . A A 1 8  ? -11.653 4.712   -0.009  1.00 0.00 ? 8  A A "C5'"  1 
ATOM 228  C "C4'"  . A A 1 8  ? -10.660 3.742   -0.646  1.00 0.00 ? 8  A A "C4'"  1 
ATOM 229  O "O4'"  . A A 1 8  ? -11.368 2.600   -1.145  1.00 0.00 ? 8  A A "O4'"  1 
ATOM 230  C "C3'"  . A A 1 8  ? -9.936  4.277   -1.868  1.00 0.00 ? 8  A A "C3'"  1 
ATOM 231  O "O3'"  . A A 1 8  ? -8.738  4.920   -1.407  1.00 0.00 ? 8  A A "O3'"  1 
ATOM 232  C "C2'"  . A A 1 8  ? -9.530  2.996   -2.582  1.00 0.00 ? 8  A A "C2'"  1 
ATOM 233  O "O2'"  . A A 1 8  ? -8.389  2.402   -1.955  1.00 0.00 ? 8  A A "O2'"  1 
ATOM 234  C "C1'"  . A A 1 8  ? -10.775 2.133   -2.371  1.00 0.00 ? 8  A A "C1'"  1 
ATOM 235  N N9     . A A 1 8  ? -11.764 2.285   -3.457  1.00 0.00 ? 8  A A N9     1 
ATOM 236  C C8     . A A 1 8  ? -12.610 3.336   -3.703  1.00 0.00 ? 8  A A C8     1 
ATOM 237  N N7     . A A 1 8  ? -13.379 3.156   -4.742  1.00 0.00 ? 8  A A N7     1 
ATOM 238  C C5     . A A 1 8  ? -13.015 1.898   -5.210  1.00 0.00 ? 8  A A C5     1 
ATOM 239  C C6     . A A 1 8  ? -13.458 1.119   -6.291  1.00 0.00 ? 8  A A C6     1 
ATOM 240  N N6     . A A 1 8  ? -14.409 1.504   -7.138  1.00 0.00 ? 8  A A N6     1 
ATOM 241  N N1     . A A 1 8  ? -12.887 -0.080  -6.475  1.00 0.00 ? 8  A A N1     1 
ATOM 242  C C2     . A A 1 8  ? -11.937 -0.476  -5.637  1.00 0.00 ? 8  A A C2     1 
ATOM 243  N N3     . A A 1 8  ? -11.433 0.158   -4.589  1.00 0.00 ? 8  A A N3     1 
ATOM 244  C C4     . A A 1 8  ? -12.030 1.358   -4.435  1.00 0.00 ? 8  A A C4     1 
ATOM 245  H "H5'"  . A A 1 8  ? -11.134 5.639   0.236   1.00 0.00 ? 8  A A "H5'"  1 
ATOM 246  H "H5''" . A A 1 8  ? -12.446 4.928   -0.726  1.00 0.00 ? 8  A A "H5''" 1 
ATOM 247  H "H4'"  . A A 1 8  ? -9.946  3.416   0.112   1.00 0.00 ? 8  A A "H4'"  1 
ATOM 248  H "H3'"  . A A 1 8  ? -10.548 4.939   -2.481  1.00 0.00 ? 8  A A "H3'"  1 
ATOM 249  H "H2'"  . A A 1 8  ? -9.350  3.174   -3.643  1.00 0.00 ? 8  A A "H2'"  1 
ATOM 250  H "HO2'" . A A 1 8  ? -7.629  2.949   -2.173  1.00 0.00 ? 8  A A "HO2'" 1 
ATOM 251  H "H1'"  . A A 1 8  ? -10.509 1.081   -2.268  1.00 0.00 ? 8  A A "H1'"  1 
ATOM 252  H H8     . A A 1 8  ? -12.638 4.237   -3.090  1.00 0.00 ? 8  A A H8     1 
ATOM 253  H H61    . A A 1 8  ? -14.689 0.896   -7.892  1.00 0.00 ? 8  A A H61    1 
ATOM 254  H H62    . A A 1 8  ? -14.852 2.405   -7.024  1.00 0.00 ? 8  A A H62    1 
ATOM 255  H H2     . A A 1 8  ? -11.512 -1.460  -5.840  1.00 0.00 ? 8  A A H2     1 
ATOM 256  P P      . U A 1 9  ? -7.813  5.772   -2.415  1.00 0.00 ? 9  U A P      1 
ATOM 257  O OP1    . U A 1 9  ? -6.731  6.400   -1.626  1.00 0.00 ? 9  U A OP1    1 
ATOM 258  O OP2    . U A 1 9  ? -8.700  6.610   -3.257  1.00 0.00 ? 9  U A OP2    1 
ATOM 259  O "O5'"  . U A 1 9  ? -7.166  4.623   -3.344  1.00 0.00 ? 9  U A "O5'"  1 
ATOM 260  C "C5'"  . U A 1 9  ? -7.112  4.771   -4.770  1.00 0.00 ? 9  U A "C5'"  1 
ATOM 261  C "C4'"  . U A 1 9  ? -7.232  3.426   -5.478  1.00 0.00 ? 9  U A "C4'"  1 
ATOM 262  O "O4'"  . U A 1 9  ? -8.539  2.889   -5.236  1.00 0.00 ? 9  U A "O4'"  1 
ATOM 263  C "C3'"  . U A 1 9  ? -7.141  3.490   -6.993  1.00 0.00 ? 9  U A "C3'"  1 
ATOM 264  O "O3'"  . U A 1 9  ? -5.764  3.299   -7.351  1.00 0.00 ? 9  U A "O3'"  1 
ATOM 265  C "C2'"  . U A 1 9  ? -7.894  2.241   -7.417  1.00 0.00 ? 9  U A "C2'"  1 
ATOM 266  O "O2'"  . U A 1 9  ? -7.072  1.079   -7.257  1.00 0.00 ? 9  U A "O2'"  1 
ATOM 267  C "C1'"  . U A 1 9  ? -9.045  2.229   -6.410  1.00 0.00 ? 9  U A "C1'"  1 
ATOM 268  N N1     . U A 1 9  ? -10.231 2.968   -6.896  1.00 0.00 ? 9  U A N1     1 
ATOM 269  C C2     . U A 1 9  ? -10.991 2.380   -7.888  1.00 0.00 ? 9  U A C2     1 
ATOM 270  O O2     . U A 1 9  ? -10.720 1.286   -8.370  1.00 0.00 ? 9  U A O2     1 
ATOM 271  N N3     . U A 1 9  ? -12.087 3.095   -8.315  1.00 0.00 ? 9  U A N3     1 
ATOM 272  C C4     . U A 1 9  ? -12.488 4.327   -7.846  1.00 0.00 ? 9  U A C4     1 
ATOM 273  O O4     . U A 1 9  ? -13.490 4.859   -8.310  1.00 0.00 ? 9  U A O4     1 
ATOM 274  C C5     . U A 1 9  ? -11.647 4.881   -6.811  1.00 0.00 ? 9  U A C5     1 
ATOM 275  C C6     . U A 1 9  ? -10.563 4.194   -6.376  1.00 0.00 ? 9  U A C6     1 
ATOM 276  H "H5'"  . U A 1 9  ? -6.162  5.234   -5.043  1.00 0.00 ? 9  U A "H5'"  1 
ATOM 277  H "H5''" . U A 1 9  ? -7.927  5.418   -5.094  1.00 0.00 ? 9  U A "H5''" 1 
ATOM 278  H "H4'"  . U A 1 9  ? -6.485  2.742   -5.076  1.00 0.00 ? 9  U A "H4'"  1 
ATOM 279  H "H3'"  . U A 1 9  ? -7.555  4.406   -7.416  1.00 0.00 ? 9  U A "H3'"  1 
ATOM 280  H "H2'"  . U A 1 9  ? -8.263  2.326   -8.439  1.00 0.00 ? 9  U A "H2'"  1 
ATOM 281  H "HO2'" . U A 1 9  ? -6.157  1.377   -7.262  1.00 0.00 ? 9  U A "HO2'" 1 
ATOM 282  H "H1'"  . U A 1 9  ? -9.332  1.208   -6.156  1.00 0.00 ? 9  U A "H1'"  1 
ATOM 283  H H3     . U A 1 9  ? -12.648 2.678   -9.040  1.00 0.00 ? 9  U A H3     1 
ATOM 284  H H5     . U A 1 9  ? -11.885 5.854   -6.380  1.00 0.00 ? 9  U A H5     1 
ATOM 285  H H6     . U A 1 9  ? -9.940  4.626   -5.593  1.00 0.00 ? 9  U A H6     1 
ATOM 286  P P      . G A 1 10 ? -4.930  4.462   -8.092  1.00 0.00 ? 10 G A P      1 
ATOM 287  O OP1    . G A 1 10 ? -5.885  5.306   -8.847  1.00 0.00 ? 10 G A OP1    1 
ATOM 288  O OP2    . G A 1 10 ? -3.788  3.834   -8.796  1.00 0.00 ? 10 G A OP2    1 
ATOM 289  O "O5'"  . G A 1 10 ? -4.351  5.323   -6.858  1.00 0.00 ? 10 G A "O5'"  1 
ATOM 290  C "C5'"  . G A 1 10 ? -4.413  6.757   -6.868  1.00 0.00 ? 10 G A "C5'"  1 
ATOM 291  C "C4'"  . G A 1 10 ? -4.103  7.349   -5.494  1.00 0.00 ? 10 G A "C4'"  1 
ATOM 292  O "O4'"  . G A 1 10 ? -4.945  6.732   -4.509  1.00 0.00 ? 10 G A "O4'"  1 
ATOM 293  C "C3'"  . G A 1 10 ? -2.702  7.083   -4.970  1.00 0.00 ? 10 G A "C3'"  1 
ATOM 294  O "O3'"  . G A 1 10 ? -1.844  8.130   -5.448  1.00 0.00 ? 10 G A "O3'"  1 
ATOM 295  C "C2'"  . G A 1 10 ? -2.893  7.290   -3.478  1.00 0.00 ? 10 G A "C2'"  1 
ATOM 296  O "O2'"  . G A 1 10 ? -3.007  8.685   -3.173  1.00 0.00 ? 10 G A "O2'"  1 
ATOM 297  C "C1'"  . G A 1 10 ? -4.232  6.583   -3.265  1.00 0.00 ? 10 G A "C1'"  1 
ATOM 298  N N9     . G A 1 10 ? -4.061  5.142   -2.988  1.00 0.00 ? 10 G A N9     1 
ATOM 299  C C8     . G A 1 10 ? -4.138  4.089   -3.864  1.00 0.00 ? 10 G A C8     1 
ATOM 300  N N7     . G A 1 10 ? -3.929  2.928   -3.309  1.00 0.00 ? 10 G A N7     1 
ATOM 301  C C5     . G A 1 10 ? -3.696  3.234   -1.973  1.00 0.00 ? 10 G A C5     1 
ATOM 302  C C6     . G A 1 10 ? -3.407  2.375   -0.876  1.00 0.00 ? 10 G A C6     1 
ATOM 303  O O6     . G A 1 10 ? -3.299  1.152   -0.869  1.00 0.00 ? 10 G A O6     1 
ATOM 304  N N1     . G A 1 10 ? -3.240  3.087   0.295   1.00 0.00 ? 10 G A N1     1 
ATOM 305  C C2     . G A 1 10 ? -3.337  4.448   0.411   1.00 0.00 ? 10 G A C2     1 
ATOM 306  N N2     . G A 1 10 ? -3.142  4.960   1.618   1.00 0.00 ? 10 G A N2     1 
ATOM 307  N N3     . G A 1 10 ? -3.608  5.267   -0.602  1.00 0.00 ? 10 G A N3     1 
ATOM 308  C C4     . G A 1 10 ? -3.774  4.590   -1.764  1.00 0.00 ? 10 G A C4     1 
ATOM 309  H "H5'"  . G A 1 10 ? -5.415  7.065   -7.167  1.00 0.00 ? 10 G A "H5'"  1 
ATOM 310  H "H5''" . G A 1 10 ? -3.693  7.140   -7.589  1.00 0.00 ? 10 G A "H5''" 1 
ATOM 311  H "H4'"  . G A 1 10 ? -4.308  8.419   -5.516  1.00 0.00 ? 10 G A "H4'"  1 
ATOM 312  H "H3'"  . G A 1 10 ? -2.325  6.092   -5.224  1.00 0.00 ? 10 G A "H3'"  1 
ATOM 313  H "H2'"  . G A 1 10 ? -2.099  6.819   -2.902  1.00 0.00 ? 10 G A "H2'"  1 
ATOM 314  H "HO2'" . G A 1 10 ? -2.297  9.133   -3.637  1.00 0.00 ? 10 G A "HO2'" 1 
ATOM 315  H "H1'"  . G A 1 10 ? -4.799  7.047   -2.459  1.00 0.00 ? 10 G A "H1'"  1 
ATOM 316  H H8     . G A 1 10 ? -4.350  4.212   -4.926  1.00 0.00 ? 10 G A H8     1 
ATOM 317  H H1     . G A 1 10 ? -3.032  2.557   1.124   1.00 0.00 ? 10 G A H1     1 
ATOM 318  H H21    . G A 1 10 ? -2.945  4.351   2.399   1.00 0.00 ? 10 G A H21    1 
ATOM 319  H H22    . G A 1 10 ? -3.187  5.959   1.752   1.00 0.00 ? 10 G A H22    1 
ATOM 320  P P      . G A 1 11 ? -0.251  7.897   -5.566  1.00 0.00 ? 11 G A P      1 
ATOM 321  O OP1    . G A 1 11 ? 0.354   9.127   -6.126  1.00 0.00 ? 11 G A OP1    1 
ATOM 322  O OP2    . G A 1 11 ? -0.021  6.596   -6.231  1.00 0.00 ? 11 G A OP2    1 
ATOM 323  O "O5'"  . G A 1 11 ? 0.210   7.765   -4.025  1.00 0.00 ? 11 G A "O5'"  1 
ATOM 324  C "C5'"  . G A 1 11 ? 0.224   8.912   -3.162  1.00 0.00 ? 11 G A "C5'"  1 
ATOM 325  C "C4'"  . G A 1 11 ? 0.243   8.517   -1.686  1.00 0.00 ? 11 G A "C4'"  1 
ATOM 326  O "O4'"  . G A 1 11 ? -0.797  7.564   -1.434  1.00 0.00 ? 11 G A "O4'"  1 
ATOM 327  C "C3'"  . G A 1 11 ? 1.493   7.795   -1.216  1.00 0.00 ? 11 G A "C3'"  1 
ATOM 328  O "O3'"  . G A 1 11 ? 2.453   8.792   -0.829  1.00 0.00 ? 11 G A "O3'"  1 
ATOM 329  C "C2'"  . G A 1 11 ? 0.991   7.119   0.050   1.00 0.00 ? 11 G A "C2'"  1 
ATOM 330  O "O2'"  . G A 1 11 ? 0.867   8.066   1.117   1.00 0.00 ? 11 G A "O2'"  1 
ATOM 331  C "C1'"  . G A 1 11 ? -0.388  6.639   -0.406  1.00 0.00 ? 11 G A "C1'"  1 
ATOM 332  N N9     . G A 1 11 ? -0.349  5.276   -0.974  1.00 0.00 ? 11 G A N9     1 
ATOM 333  C C8     . G A 1 11 ? -0.430  4.892   -2.288  1.00 0.00 ? 11 G A C8     1 
ATOM 334  N N7     . G A 1 11 ? -0.369  3.600   -2.462  1.00 0.00 ? 11 G A N7     1 
ATOM 335  C C5     . G A 1 11 ? -0.239  3.095   -1.173  1.00 0.00 ? 11 G A C5     1 
ATOM 336  C C6     . G A 1 11 ? -0.127  1.750   -0.725  1.00 0.00 ? 11 G A C6     1 
ATOM 337  O O6     . G A 1 11 ? -0.129  0.719   -1.391  1.00 0.00 ? 11 G A O6     1 
ATOM 338  N N1     . G A 1 11 ? -0.014  1.680   0.649   1.00 0.00 ? 11 G A N1     1 
ATOM 339  C C2     . G A 1 11 ? -0.007  2.756   1.496   1.00 0.00 ? 11 G A C2     1 
ATOM 340  N N2     . G A 1 11 ? 0.119   2.500   2.789   1.00 0.00 ? 11 G A N2     1 
ATOM 341  N N3     . G A 1 11 ? -0.114  4.020   1.095   1.00 0.00 ? 11 G A N3     1 
ATOM 342  C C4     . G A 1 11 ? -0.225  4.114   -0.252  1.00 0.00 ? 11 G A C4     1 
ATOM 343  H "H5'"  . G A 1 11 ? -0.665  9.511   -3.355  1.00 0.00 ? 11 G A "H5'"  1 
ATOM 344  H "H5''" . G A 1 11 ? 1.109   9.510   -3.380  1.00 0.00 ? 11 G A "H5''" 1 
ATOM 345  H "H4'"  . G A 1 11 ? 0.065   9.405   -1.080  1.00 0.00 ? 11 G A "H4'"  1 
ATOM 346  H "H3'"  . G A 1 11 ? 1.895   7.097   -1.951  1.00 0.00 ? 11 G A "H3'"  1 
ATOM 347  H "H2'"  . G A 1 11 ? 1.626   6.282   0.335   1.00 0.00 ? 11 G A "H2'"  1 
ATOM 348  H "HO2'" . G A 1 11 ? 1.749   8.393   1.309   1.00 0.00 ? 11 G A "HO2'" 1 
ATOM 349  H "H1'"  . G A 1 11 ? -1.104  6.669   0.416   1.00 0.00 ? 11 G A "H1'"  1 
ATOM 350  H H8     . G A 1 11 ? -0.527  5.599   -3.112  1.00 0.00 ? 11 G A H8     1 
ATOM 351  H H1     . G A 1 11 ? 0.073   0.761   1.052   1.00 0.00 ? 11 G A H1     1 
ATOM 352  H H21    . G A 1 11 ? 0.236   1.548   3.109   1.00 0.00 ? 11 G A H21    1 
ATOM 353  H H22    . G A 1 11 ? 0.098   3.257   3.455   1.00 0.00 ? 11 G A H22    1 
ATOM 354  P P      . A A 1 12 ? 4.035   8.475   -0.862  1.00 0.00 ? 12 A A P      1 
ATOM 355  O OP1    . A A 1 12 ? 4.764   9.734   -0.584  1.00 0.00 ? 12 A A OP1    1 
ATOM 356  O OP2    . A A 1 12 ? 4.329   7.711   -2.096  1.00 0.00 ? 12 A A OP2    1 
ATOM 357  O "O5'"  . A A 1 12 ? 4.230   7.490   0.399   1.00 0.00 ? 12 A A "O5'"  1 
ATOM 358  C "C5'"  . A A 1 12 ? 4.218   8.000   1.741   1.00 0.00 ? 12 A A "C5'"  1 
ATOM 359  C "C4'"  . A A 1 12 ? 4.127   6.875   2.768   1.00 0.00 ? 12 A A "C4'"  1 
ATOM 360  O "O4'"  . A A 1 12 ? 2.990   6.055   2.467   1.00 0.00 ? 12 A A "O4'"  1 
ATOM 361  C "C3'"  . A A 1 12 ? 5.290   5.897   2.756   1.00 0.00 ? 12 A A "C3'"  1 
ATOM 362  O "O3'"  . A A 1 12 ? 6.280   6.391   3.670   1.00 0.00 ? 12 A A "O3'"  1 
ATOM 363  C "C2'"  . A A 1 12 ? 4.668   4.657   3.378   1.00 0.00 ? 12 A A "C2'"  1 
ATOM 364  O "O2'"  . A A 1 12 ? 4.565   4.793   4.800   1.00 0.00 ? 12 A A "O2'"  1 
ATOM 365  C "C1'"  . A A 1 12 ? 3.282   4.670   2.734   1.00 0.00 ? 12 A A "C1'"  1 
ATOM 366  N N9     . A A 1 12 ? 3.248   3.926   1.460   1.00 0.00 ? 12 A A N9     1 
ATOM 367  C C8     . A A 1 12 ? 3.327   4.413   0.181   1.00 0.00 ? 12 A A C8     1 
ATOM 368  N N7     . A A 1 12 ? 3.241   3.491   -0.736  1.00 0.00 ? 12 A A N7     1 
ATOM 369  C C5     . A A 1 12 ? 3.097   2.313   -0.010  1.00 0.00 ? 12 A A C5     1 
ATOM 370  C C6     . A A 1 12 ? 2.954   0.971   -0.394  1.00 0.00 ? 12 A A C6     1 
ATOM 371  N N6     . A A 1 12 ? 2.918   0.568   -1.659  1.00 0.00 ? 12 A A N6     1 
ATOM 372  N N1     . A A 1 12 ? 2.836   0.051   0.576   1.00 0.00 ? 12 A A N1     1 
ATOM 373  C C2     . A A 1 12 ? 2.860   0.448   1.845   1.00 0.00 ? 12 A A C2     1 
ATOM 374  N N3     . A A 1 12 ? 2.986   1.671   2.332   1.00 0.00 ? 12 A A N3     1 
ATOM 375  C C4     . A A 1 12 ? 3.102   2.567   1.330   1.00 0.00 ? 12 A A C4     1 
ATOM 376  H "H5'"  . A A 1 12 ? 3.360   8.662   1.863   1.00 0.00 ? 12 A A "H5'"  1 
ATOM 377  H "H5''" . A A 1 12 ? 5.133   8.567   1.914   1.00 0.00 ? 12 A A "H5''" 1 
ATOM 378  H "H4'"  . A A 1 12 ? 4.001   7.309   3.760   1.00 0.00 ? 12 A A "H4'"  1 
ATOM 379  H "H3'"  . A A 1 12 ? 5.699   5.721   1.761   1.00 0.00 ? 12 A A "H3'"  1 
ATOM 380  H "H2'"  . A A 1 12 ? 5.218   3.759   3.107   1.00 0.00 ? 12 A A "H2'"  1 
ATOM 381  H "HO2'" . A A 1 12 ? 5.154   4.141   5.189   1.00 0.00 ? 12 A A "HO2'" 1 
ATOM 382  H "H1'"  . A A 1 12 ? 2.531   4.264   3.413   1.00 0.00 ? 12 A A "H1'"  1 
ATOM 383  H H8     . A A 1 12 ? 3.456   5.471   -0.048  1.00 0.00 ? 12 A A H8     1 
ATOM 384  H H61    . A A 1 12 ? 2.733   -0.399  -1.878  1.00 0.00 ? 12 A A H61    1 
ATOM 385  H H62    . A A 1 12 ? 3.072   1.234   -2.404  1.00 0.00 ? 12 A A H62    1 
ATOM 386  H H2     . A A 1 12 ? 2.761   -0.344  2.587   1.00 0.00 ? 12 A A H2     1 
ATOM 387  P P      . G A 1 13 ? 7.790   5.826   3.635   1.00 0.00 ? 13 G A P      1 
ATOM 388  O OP1    . G A 1 13 ? 8.566   6.510   4.695   1.00 0.00 ? 13 G A OP1    1 
ATOM 389  O OP2    . G A 1 13 ? 8.267   5.865   2.234   1.00 0.00 ? 13 G A OP2    1 
ATOM 390  O "O5'"  . G A 1 13 ? 7.604   4.282   4.059   1.00 0.00 ? 13 G A "O5'"  1 
ATOM 391  C "C5'"  . G A 1 13 ? 7.595   3.890   5.439   1.00 0.00 ? 13 G A "C5'"  1 
ATOM 392  C "C4'"  . G A 1 13 ? 7.556   2.371   5.590   1.00 0.00 ? 13 G A "C4'"  1 
ATOM 393  O "O4'"  . G A 1 13 ? 6.387   1.859   4.938   1.00 0.00 ? 13 G A "O4'"  1 
ATOM 394  C "C3'"  . G A 1 13 ? 8.696   1.633   4.911   1.00 0.00 ? 13 G A "C3'"  1 
ATOM 395  O "O3'"  . G A 1 13 ? 9.768   1.529   5.859   1.00 0.00 ? 13 G A "O3'"  1 
ATOM 396  C "C2'"  . G A 1 13 ? 8.107   0.245   4.722   1.00 0.00 ? 13 G A "C2'"  1 
ATOM 397  O "O2'"  . G A 1 13 ? 8.129   -0.494  5.948   1.00 0.00 ? 13 G A "O2'"  1 
ATOM 398  C "C1'"  . G A 1 13 ? 6.671   0.588   4.321   1.00 0.00 ? 13 G A "C1'"  1 
ATOM 399  N N9     . G A 1 13 ? 6.510   0.724   2.861   1.00 0.00 ? 13 G A N9     1 
ATOM 400  C C8     . G A 1 13 ? 6.610   1.855   2.091   1.00 0.00 ? 13 G A C8     1 
ATOM 401  N N7     . G A 1 13 ? 6.389   1.649   0.824   1.00 0.00 ? 13 G A N7     1 
ATOM 402  C C5     . G A 1 13 ? 6.124   0.285   0.747   1.00 0.00 ? 13 G A C5     1 
ATOM 403  C C6     . G A 1 13 ? 5.811   -0.522  -0.379  1.00 0.00 ? 13 G A C6     1 
ATOM 404  O O6     . G A 1 13 ? 5.686   -0.183  -1.552  1.00 0.00 ? 13 G A O6     1 
ATOM 405  N N1     . G A 1 13 ? 5.619   -1.841  -0.022  1.00 0.00 ? 13 G A N1     1 
ATOM 406  C C2     . G A 1 13 ? 5.714   -2.334  1.253   1.00 0.00 ? 13 G A C2     1 
ATOM 407  N N2     . G A 1 13 ? 5.507   -3.633  1.411   1.00 0.00 ? 13 G A N2     1 
ATOM 408  N N3     . G A 1 13 ? 6.004   -1.593  2.321   1.00 0.00 ? 13 G A N3     1 
ATOM 409  C C4     . G A 1 13 ? 6.198   -0.292  1.992   1.00 0.00 ? 13 G A C4     1 
ATOM 410  H "H5'"  . G A 1 13 ? 6.719   4.318   5.927   1.00 0.00 ? 13 G A "H5'"  1 
ATOM 411  H "H5''" . G A 1 13 ? 8.495   4.271   5.924   1.00 0.00 ? 13 G A "H5''" 1 
ATOM 412  H "H4'"  . G A 1 13 ? 7.512   2.120   6.649   1.00 0.00 ? 13 G A "H4'"  1 
ATOM 413  H "H3'"  . G A 1 13 ? 9.017   2.097   3.977   1.00 0.00 ? 13 G A "H3'"  1 
ATOM 414  H "H2'"  . G A 1 13 ? 8.616   -0.296  3.927   1.00 0.00 ? 13 G A "H2'"  1 
ATOM 415  H "HO2'" . G A 1 13 ? 8.373   -1.397  5.730   1.00 0.00 ? 13 G A "HO2'" 1 
ATOM 416  H "H1'"  . G A 1 13 ? 5.972   -0.161  4.694   1.00 0.00 ? 13 G A "H1'"  1 
ATOM 417  H H8     . G A 1 13 ? 6.863   2.833   2.501   1.00 0.00 ? 13 G A H8     1 
ATOM 418  H H1     . G A 1 13 ? 5.394   -2.486  -0.762  1.00 0.00 ? 13 G A H1     1 
ATOM 419  H H21    . G A 1 13 ? 5.326   -4.217  0.609   1.00 0.00 ? 13 G A H21    1 
ATOM 420  H H22    . G A 1 13 ? 5.529   -4.035  2.335   1.00 0.00 ? 13 G A H22    1 
ATOM 421  P P      . C A 1 14 ? 11.270  1.204   5.372   1.00 0.00 ? 14 C A P      1 
ATOM 422  O OP1    . C A 1 14 ? 12.162  1.252   6.552   1.00 0.00 ? 14 C A OP1    1 
ATOM 423  O OP2    . C A 1 14 ? 11.566  2.045   4.190   1.00 0.00 ? 14 C A OP2    1 
ATOM 424  O "O5'"  . C A 1 14 ? 11.163  -0.328  4.881   1.00 0.00 ? 14 C A "O5'"  1 
ATOM 425  C "C5'"  . C A 1 14 ? 11.032  -1.397  5.828   1.00 0.00 ? 14 C A "C5'"  1 
ATOM 426  C "C4'"  . C A 1 14 ? 10.666  -2.712  5.146   1.00 0.00 ? 14 C A "C4'"  1 
ATOM 427  O "O4'"  . C A 1 14 ? 9.447   -2.538  4.409   1.00 0.00 ? 14 C A "O4'"  1 
ATOM 428  C "C3'"  . C A 1 14 ? 11.655  -3.187  4.094   1.00 0.00 ? 14 C A "C3'"  1 
ATOM 429  O "O3'"  . C A 1 14 ? 12.626  -4.012  4.754   1.00 0.00 ? 14 C A "O3'"  1 
ATOM 430  C "C2'"  . C A 1 14 ? 10.790  -4.093  3.234   1.00 0.00 ? 14 C A "C2'"  1 
ATOM 431  O "O2'"  . C A 1 14 ? 10.579  -5.354  3.879   1.00 0.00 ? 14 C A "O2'"  1 
ATOM 432  C "C1'"  . C A 1 14 ? 9.489   -3.290  3.180   1.00 0.00 ? 14 C A "C1'"  1 
ATOM 433  N N1     . C A 1 14 ? 9.454   -2.344  2.042   1.00 0.00 ? 14 C A N1     1 
ATOM 434  C C2     . C A 1 14 ? 8.810   -2.753  0.884   1.00 0.00 ? 14 C A C2     1 
ATOM 435  O O2     . C A 1 14 ? 8.309   -3.872  0.809   1.00 0.00 ? 14 C A O2     1 
ATOM 436  N N3     . C A 1 14 ? 8.752   -1.894  -0.169  1.00 0.00 ? 14 C A N3     1 
ATOM 437  C C4     . C A 1 14 ? 9.305   -0.681  -0.091  1.00 0.00 ? 14 C A C4     1 
ATOM 438  N N4     . C A 1 14 ? 9.208   0.111   -1.154  1.00 0.00 ? 14 C A N4     1 
ATOM 439  C C5     . C A 1 14 ? 9.973   -0.250  1.096   1.00 0.00 ? 14 C A C5     1 
ATOM 440  C C6     . C A 1 14 ? 10.024  -1.107  2.133   1.00 0.00 ? 14 C A C6     1 
ATOM 441  H "H5'"  . C A 1 14 ? 10.253  -1.142  6.548   1.00 0.00 ? 14 C A "H5'"  1 
ATOM 442  H "H5''" . C A 1 14 ? 11.977  -1.522  6.356   1.00 0.00 ? 14 C A "H5''" 1 
ATOM 443  H "H4'"  . C A 1 14 ? 10.516  -3.478  5.907   1.00 0.00 ? 14 C A "H4'"  1 
ATOM 444  H "H3'"  . C A 1 14 ? 12.118  -2.373  3.536   1.00 0.00 ? 14 C A "H3'"  1 
ATOM 445  H "H2'"  . C A 1 14 ? 11.216  -4.223  2.240   1.00 0.00 ? 14 C A "H2'"  1 
ATOM 446  H "HO2'" . C A 1 14 ? 10.555  -5.189  4.824   1.00 0.00 ? 14 C A "HO2'" 1 
ATOM 447  H "H1'"  . C A 1 14 ? 8.623   -3.951  3.131   1.00 0.00 ? 14 C A "H1'"  1 
ATOM 448  H H41    . C A 1 14 ? 8.712   -0.207  -1.977  1.00 0.00 ? 14 C A H41    1 
ATOM 449  H H42    . C A 1 14 ? 9.629   1.029   -1.142  1.00 0.00 ? 14 C A H42    1 
ATOM 450  H H5     . C A 1 14 ? 10.428  0.737   1.170   1.00 0.00 ? 14 C A H5     1 
ATOM 451  H H6     . C A 1 14 ? 10.527  -0.810  3.054   1.00 0.00 ? 14 C A H6     1 
ATOM 452  P P      . G A 1 15 ? 14.050  -4.317  4.062   1.00 0.00 ? 15 G A P      1 
ATOM 453  O OP1    . G A 1 15 ? 14.837  -5.172  4.979   1.00 0.00 ? 15 G A OP1    1 
ATOM 454  O OP2    . G A 1 15 ? 14.615  -3.035  3.582   1.00 0.00 ? 15 G A OP2    1 
ATOM 455  O "O5'"  . G A 1 15 ? 13.640  -5.198  2.775   1.00 0.00 ? 15 G A "O5'"  1 
ATOM 456  C "C5'"  . G A 1 15 ? 13.189  -6.550  2.926   1.00 0.00 ? 15 G A "C5'"  1 
ATOM 457  C "C4'"  . G A 1 15 ? 12.833  -7.180  1.582   1.00 0.00 ? 15 G A "C4'"  1 
ATOM 458  O "O4'"  . G A 1 15 ? 11.785  -6.444  0.964   1.00 0.00 ? 15 G A "O4'"  1 
ATOM 459  C "C3'"  . G A 1 15 ? 13.932  -7.136  0.537   1.00 0.00 ? 15 G A "C3'"  1 
ATOM 460  O "O3'"  . G A 1 15 ? 14.893  -8.176  0.759   1.00 0.00 ? 15 G A "O3'"  1 
ATOM 461  C "C2'"  . G A 1 15 ? 13.136  -7.388  -0.744  1.00 0.00 ? 15 G A "C2'"  1 
ATOM 462  O "O2'"  . G A 1 15 ? 12.960  -8.794  -0.951  1.00 0.00 ? 15 G A "O2'"  1 
ATOM 463  C "C1'"  . G A 1 15 ? 11.783  -6.719  -0.443  1.00 0.00 ? 15 G A "C1'"  1 
ATOM 464  N N9     . G A 1 15 ? 11.607  -5.449  -1.174  1.00 0.00 ? 15 G A N9     1 
ATOM 465  C C8     . G A 1 15 ? 11.790  -4.168  -0.721  1.00 0.00 ? 15 G A C8     1 
ATOM 466  N N7     . G A 1 15 ? 11.546  -3.255  -1.620  1.00 0.00 ? 15 G A N7     1 
ATOM 467  C C5     . G A 1 15 ? 11.177  -3.984  -2.747  1.00 0.00 ? 15 G A C5     1 
ATOM 468  C C6     . G A 1 15 ? 10.795  -3.537  -4.043  1.00 0.00 ? 15 G A C6     1 
ATOM 469  O O6     . G A 1 15 ? 10.704  -2.387  -4.459  1.00 0.00 ? 15 G A O6     1 
ATOM 470  N N1     . G A 1 15 ? 10.501  -4.596  -4.880  1.00 0.00 ? 15 G A N1     1 
ATOM 471  C C2     . G A 1 15 ? 10.564  -5.920  -4.527  1.00 0.00 ? 15 G A C2     1 
ATOM 472  N N2     . G A 1 15 ? 10.245  -6.807  -5.459  1.00 0.00 ? 15 G A N2     1 
ATOM 473  N N3     . G A 1 15 ? 10.919  -6.355  -3.320  1.00 0.00 ? 15 G A N3     1 
ATOM 474  C C4     . G A 1 15 ? 11.211  -5.331  -2.482  1.00 0.00 ? 15 G A C4     1 
ATOM 475  H "H5'"  . G A 1 15 ? 12.308  -6.564  3.568   1.00 0.00 ? 15 G A "H5'"  1 
ATOM 476  H "H5''" . G A 1 15 ? 13.979  -7.137  3.394   1.00 0.00 ? 15 G A "H5''" 1 
ATOM 477  H "H4'"  . G A 1 15 ? 12.501  -8.204  1.746   1.00 0.00 ? 15 G A "H4'"  1 
ATOM 478  H "H3'"  . G A 1 15 ? 14.408  -6.155  0.512   1.00 0.00 ? 15 G A "H3'"  1 
ATOM 479  H "HO3'" . G A 1 15 ? 15.229  -8.066  1.652   1.00 0.00 ? 15 G A "HO3'" 1 
ATOM 480  H "H2'"  . G A 1 15 ? 13.620  -6.923  -1.604  1.00 0.00 ? 15 G A "H2'"  1 
ATOM 481  H "HO2'" . G A 1 15 ? 13.778  -9.225  -0.686  1.00 0.00 ? 15 G A "HO2'" 1 
ATOM 482  H "H1'"  . G A 1 15 ? 10.957  -7.391  -0.679  1.00 0.00 ? 15 G A "H1'"  1 
ATOM 483  H H8     . G A 1 15 ? 12.111  -3.934  0.294   1.00 0.00 ? 15 G A H8     1 
ATOM 484  H H1     . G A 1 15 ? 10.218  -4.371  -5.820  1.00 0.00 ? 15 G A H1     1 
ATOM 485  H H21    . G A 1 15 ? 9.960   -6.498  -6.376  1.00 0.00 ? 15 G A H21    1 
ATOM 486  H H22    . G A 1 15 ? 10.288  -7.793  -5.248  1.00 0.00 ? 15 G A H22    1 
ATOM 487  O "O5'"  . G A 1 1  ? 3.611   -4.295  -10.013 1.00 0.00 ? 1  G A "O5'"  2 
ATOM 488  C "C5'"  . G A 1 1  ? 4.175   -5.543  -10.430 1.00 0.00 ? 1  G A "C5'"  2 
ATOM 489  C "C4'"  . G A 1 1  ? 5.126   -6.106  -9.379  1.00 0.00 ? 1  G A "C4'"  2 
ATOM 490  O "O4'"  . G A 1 1  ? 6.125   -5.138  -9.070  1.00 0.00 ? 1  G A "O4'"  2 
ATOM 491  C "C3'"  . G A 1 1  ? 4.503   -6.379  -8.027  1.00 0.00 ? 1  G A "C3'"  2 
ATOM 492  O "O3'"  . G A 1 1  ? 3.941   -7.696  -8.073  1.00 0.00 ? 1  G A "O3'"  2 
ATOM 493  C "C2'"  . G A 1 1  ? 5.721   -6.422  -7.107  1.00 0.00 ? 1  G A "C2'"  2 
ATOM 494  O "O2'"  . G A 1 1  ? 6.325   -7.720  -7.127  1.00 0.00 ? 1  G A "O2'"  2 
ATOM 495  C "C1'"  . G A 1 1  ? 6.654   -5.388  -7.757  1.00 0.00 ? 1  G A "C1'"  2 
ATOM 496  N N9     . G A 1 1  ? 6.682   -4.110  -7.017  1.00 0.00 ? 1  G A N9     2 
ATOM 497  C C8     . G A 1 1  ? 6.399   -2.854  -7.482  1.00 0.00 ? 1  G A C8     2 
ATOM 498  N N7     . G A 1 1  ? 6.547   -1.916  -6.589  1.00 0.00 ? 1  G A N7     2 
ATOM 499  C C5     . G A 1 1  ? 6.955   -2.600  -5.449  1.00 0.00 ? 1  G A C5     2 
ATOM 500  C C6     . G A 1 1  ? 7.269   -2.110  -4.152  1.00 0.00 ? 1  G A C6     2 
ATOM 501  O O6     . G A 1 1  ? 7.254   -0.952  -3.749  1.00 0.00 ? 1  G A O6     2 
ATOM 502  N N1     . G A 1 1  ? 7.631   -3.132  -3.297  1.00 0.00 ? 1  G A N1     2 
ATOM 503  C C2     . G A 1 1  ? 7.687   -4.457  -3.633  1.00 0.00 ? 1  G A C2     2 
ATOM 504  N N2     . G A 1 1  ? 8.042   -5.303  -2.678  1.00 0.00 ? 1  G A N2     2 
ATOM 505  N N3     . G A 1 1  ? 7.397   -4.936  -4.843  1.00 0.00 ? 1  G A N3     2 
ATOM 506  C C4     . G A 1 1  ? 7.039   -3.949  -5.699  1.00 0.00 ? 1  G A C4     2 
ATOM 507  H "H5'"  . G A 1 1  ? 4.724   -5.392  -11.359 1.00 0.00 ? 1  G A "H5'"  2 
ATOM 508  H "H5''" . G A 1 1  ? 3.372   -6.257  -10.602 1.00 0.00 ? 1  G A "H5''" 2 
ATOM 509  H "H4'"  . G A 1 1  ? 5.606   -7.005  -9.773  1.00 0.00 ? 1  G A "H4'"  2 
ATOM 510  H "H3'"  . G A 1 1  ? 3.770   -5.630  -7.732  1.00 0.00 ? 1  G A "H3'"  2 
ATOM 511  H "H2'"  . G A 1 1  ? 5.459   -6.129  -6.092  1.00 0.00 ? 1  G A "H2'"  2 
ATOM 512  H "HO2'" . G A 1 1  ? 5.612   -8.364  -7.049  1.00 0.00 ? 1  G A "HO2'" 2 
ATOM 513  H "H1'"  . G A 1 1  ? 7.667   -5.777  -7.846  1.00 0.00 ? 1  G A "H1'"  2 
ATOM 514  H H8     . G A 1 1  ? 6.066   -2.658  -8.499  1.00 0.00 ? 1  G A H8     2 
ATOM 515  H H1     . G A 1 1  ? 7.873   -2.872  -2.355  1.00 0.00 ? 1  G A H1     2 
ATOM 516  H H21    . G A 1 1  ? 8.280   -4.956  -1.760  1.00 0.00 ? 1  G A H21    2 
ATOM 517  H H22    . G A 1 1  ? 8.074   -6.293  -2.867  1.00 0.00 ? 1  G A H22    2 
ATOM 518  H "HO5'" . G A 1 1  ? 4.337   -3.738  -9.723  1.00 0.00 ? 1  G A "HO5'" 2 
ATOM 519  P P      . C A 1 2  ? 2.471   -7.979  -7.471  1.00 0.00 ? 2  C A P      2 
ATOM 520  O OP1    . C A 1 2  ? 2.082   -9.361  -7.829  1.00 0.00 ? 2  C A OP1    2 
ATOM 521  O OP2    . C A 1 2  ? 1.594   -6.845  -7.838  1.00 0.00 ? 2  C A OP2    2 
ATOM 522  O "O5'"  . C A 1 2  ? 2.732   -7.919  -5.882  1.00 0.00 ? 2  C A "O5'"  2 
ATOM 523  C "C5'"  . C A 1 2  ? 3.385   -9.004  -5.211  1.00 0.00 ? 2  C A "C5'"  2 
ATOM 524  C "C4'"  . C A 1 2  ? 3.938   -8.585  -3.853  1.00 0.00 ? 2  C A "C4'"  2 
ATOM 525  O "O4'"  . C A 1 2  ? 4.851   -7.496  -4.012  1.00 0.00 ? 2  C A "O4'"  2 
ATOM 526  C "C3'"  . C A 1 2  ? 2.925   -8.029  -2.876  1.00 0.00 ? 2  C A "C3'"  2 
ATOM 527  O "O3'"  . C A 1 2  ? 2.308   -9.135  -2.203  1.00 0.00 ? 2  C A "O3'"  2 
ATOM 528  C "C2'"  . C A 1 2  ? 3.827   -7.322  -1.875  1.00 0.00 ? 2  C A "C2'"  2 
ATOM 529  O "O2'"  . C A 1 2  ? 4.410   -8.261  -0.965  1.00 0.00 ? 2  C A "O2'"  2 
ATOM 530  C "C1'"  . C A 1 2  ? 4.904   -6.726  -2.794  1.00 0.00 ? 2  C A "C1'"  2 
ATOM 531  N N1     . C A 1 2  ? 4.654   -5.297  -3.092  1.00 0.00 ? 2  C A N1     2 
ATOM 532  C C2     . C A 1 2  ? 4.983   -4.380  -2.108  1.00 0.00 ? 2  C A C2     2 
ATOM 533  O O2     . C A 1 2  ? 5.467   -4.756  -1.047  1.00 0.00 ? 2  C A O2     2 
ATOM 534  N N3     . C A 1 2  ? 4.764   -3.059  -2.340  1.00 0.00 ? 2  C A N3     2 
ATOM 535  C C4     . C A 1 2  ? 4.238   -2.651  -3.499  1.00 0.00 ? 2  C A C4     2 
ATOM 536  N N4     . C A 1 2  ? 4.058   -1.345  -3.667  1.00 0.00 ? 2  C A N4     2 
ATOM 537  C C5     . C A 1 2  ? 3.893   -3.588  -4.523  1.00 0.00 ? 2  C A C5     2 
ATOM 538  C C6     . C A 1 2  ? 4.115   -4.893  -4.282  1.00 0.00 ? 2  C A C6     2 
ATOM 539  H "H5'"  . C A 1 2  ? 4.206   -9.364  -5.833  1.00 0.00 ? 2  C A "H5'"  2 
ATOM 540  H "H5''" . C A 1 2  ? 2.669   -9.812  -5.067  1.00 0.00 ? 2  C A "H5''" 2 
ATOM 541  H "H4'"  . C A 1 2  ? 4.471   -9.429  -3.412  1.00 0.00 ? 2  C A "H4'"  2 
ATOM 542  H "H3'"  . C A 1 2  ? 2.194   -7.365  -3.339  1.00 0.00 ? 2  C A "H3'"  2 
ATOM 543  H "H2'"  . C A 1 2  ? 3.290   -6.539  -1.343  1.00 0.00 ? 2  C A "H2'"  2 
ATOM 544  H "HO2'" . C A 1 2  ? 3.687   -8.695  -0.503  1.00 0.00 ? 2  C A "HO2'" 2 
ATOM 545  H "H1'"  . C A 1 2  ? 5.892   -6.830  -2.347  1.00 0.00 ? 2  C A "H1'"  2 
ATOM 546  H H41    . C A 1 2  ? 4.360   -0.698  -2.950  1.00 0.00 ? 2  C A H41    2 
ATOM 547  H H42    . C A 1 2  ? 3.619   -1.001  -4.508  1.00 0.00 ? 2  C A H42    2 
ATOM 548  H H5     . C A 1 2  ? 3.463   -3.265  -5.472  1.00 0.00 ? 2  C A H5     2 
ATOM 549  H H6     . C A 1 2  ? 3.868   -5.633  -5.043  1.00 0.00 ? 2  C A H6     2 
ATOM 550  P P      . U A 1 3  ? 0.884   -8.957  -1.465  1.00 0.00 ? 3  U A P      2 
ATOM 551  O OP1    . U A 1 3  ? 0.384   -10.301 -1.096  1.00 0.00 ? 3  U A OP1    2 
ATOM 552  O OP2    . U A 1 3  ? 0.044   -8.058  -2.288  1.00 0.00 ? 3  U A OP2    2 
ATOM 553  O "O5'"  . U A 1 3  ? 1.282   -8.170  -0.114  1.00 0.00 ? 3  U A "O5'"  2 
ATOM 554  C "C5'"  . U A 1 3  ? 1.675   -8.884  1.066   1.00 0.00 ? 3  U A "C5'"  2 
ATOM 555  C "C4'"  . U A 1 3  ? 1.896   -7.948  2.251   1.00 0.00 ? 3  U A "C4'"  2 
ATOM 556  O "O4'"  . U A 1 3  ? 2.911   -6.992  1.922   1.00 0.00 ? 3  U A "O4'"  2 
ATOM 557  C "C3'"  . U A 1 3  ? 0.705   -7.082  2.620   1.00 0.00 ? 3  U A "C3'"  2 
ATOM 558  O "O3'"  . U A 1 3  ? -0.109  -7.826  3.536   1.00 0.00 ? 3  U A "O3'"  2 
ATOM 559  C "C2'"  . U A 1 3  ? 1.372   -5.959  3.396   1.00 0.00 ? 3  U A "C2'"  2 
ATOM 560  O "O2'"  . U A 1 3  ? 1.733   -6.395  4.711   1.00 0.00 ? 3  U A "O2'"  2 
ATOM 561  C "C1'"  . U A 1 3  ? 2.624   -5.723  2.546   1.00 0.00 ? 3  U A "C1'"  2 
ATOM 562  N N1     . U A 1 3  ? 2.409   -4.712  1.487   1.00 0.00 ? 3  U A N1     2 
ATOM 563  C C2     . U A 1 3  ? 2.669   -3.391  1.802   1.00 0.00 ? 3  U A C2     2 
ATOM 564  O O2     . U A 1 3  ? 3.055   -3.038  2.912   1.00 0.00 ? 3  U A O2     2 
ATOM 565  N N3     . U A 1 3  ? 2.470   -2.477  0.791   1.00 0.00 ? 3  U A N3     2 
ATOM 566  C C4     . U A 1 3  ? 2.041   -2.762  -0.487  1.00 0.00 ? 3  U A C4     2 
ATOM 567  O O4     . U A 1 3  ? 1.909   -1.855  -1.301  1.00 0.00 ? 3  U A O4     2 
ATOM 568  C C5     . U A 1 3  ? 1.787   -4.160  -0.743  1.00 0.00 ? 3  U A C5     2 
ATOM 569  C C6     . U A 1 3  ? 1.977   -5.075  0.239   1.00 0.00 ? 3  U A C6     2 
ATOM 570  H "H5'"  . U A 1 3  ? 2.599   -9.426  0.864   1.00 0.00 ? 3  U A "H5'"  2 
ATOM 571  H "H5''" . U A 1 3  ? 0.893   -9.603  1.324   1.00 0.00 ? 3  U A "H5''" 2 
ATOM 572  H "H4'"  . U A 1 3  ? 2.223   -8.535  3.111   1.00 0.00 ? 3  U A "H4'"  2 
ATOM 573  H "H3'"  . U A 1 3  ? 0.141   -6.732  1.754   1.00 0.00 ? 3  U A "H3'"  2 
ATOM 574  H "H2'"  . U A 1 3  ? 0.745   -5.069  3.433   1.00 0.00 ? 3  U A "H2'"  2 
ATOM 575  H "HO2'" . U A 1 3  ? 0.924   -6.661  5.155   1.00 0.00 ? 3  U A "HO2'" 2 
ATOM 576  H "H1'"  . U A 1 3  ? 3.468   -5.425  3.168   1.00 0.00 ? 3  U A "H1'"  2 
ATOM 577  H H3     . U A 1 3  ? 2.651   -1.510  1.009   1.00 0.00 ? 3  U A H3     2 
ATOM 578  H H5     . U A 1 3  ? 1.445   -4.479  -1.727  1.00 0.00 ? 3  U A H5     2 
ATOM 579  H H6     . U A 1 3  ? 1.778   -6.128  0.029   1.00 0.00 ? 3  U A H6     2 
ATOM 580  P P      . C A 1 4  ? -1.709  -7.618  3.569   1.00 0.00 ? 4  C A P      2 
ATOM 581  O OP1    . C A 1 4  ? -2.291  -8.648  4.459   1.00 0.00 ? 4  C A OP1    2 
ATOM 582  O OP2    . C A 1 4  ? -2.188  -7.488  2.175   1.00 0.00 ? 4  C A OP2    2 
ATOM 583  O "O5'"  . C A 1 4  ? -1.864  -6.182  4.288   1.00 0.00 ? 4  C A "O5'"  2 
ATOM 584  C "C5'"  . C A 1 4  ? -1.631  -6.035  5.694   1.00 0.00 ? 4  C A "C5'"  2 
ATOM 585  C "C4'"  . C A 1 4  ? -1.439  -4.573  6.089   1.00 0.00 ? 4  C A "C4'"  2 
ATOM 586  O "O4'"  . C A 1 4  ? -0.379  -4.005  5.310   1.00 0.00 ? 4  C A "O4'"  2 
ATOM 587  C "C3'"  . C A 1 4  ? -2.616  -3.663  5.794   1.00 0.00 ? 4  C A "C3'"  2 
ATOM 588  O "O3'"  . C A 1 4  ? -3.497  -3.709  6.928   1.00 0.00 ? 4  C A "O3'"  2 
ATOM 589  C "C2'"  . C A 1 4  ? -1.951  -2.297  5.782   1.00 0.00 ? 4  C A "C2'"  2 
ATOM 590  O "O2'"  . C A 1 4  ? -1.680  -1.848  7.114   1.00 0.00 ? 4  C A "O2'"  2 
ATOM 591  C "C1'"  . C A 1 4  ? -0.647  -2.613  5.044   1.00 0.00 ? 4  C A "C1'"  2 
ATOM 592  N N1     . C A 1 4  ? -0.759  -2.414  3.581   1.00 0.00 ? 4  C A N1     2 
ATOM 593  C C2     . C A 1 4  ? -0.424  -1.166  3.075   1.00 0.00 ? 4  C A C2     2 
ATOM 594  O O2     . C A 1 4  ? -0.054  -0.271  3.826   1.00 0.00 ? 4  C A O2     2 
ATOM 595  N N3     . C A 1 4  ? -0.520  -0.956  1.735   1.00 0.00 ? 4  C A N3     2 
ATOM 596  C C4     . C A 1 4  ? -0.929  -1.933  0.919   1.00 0.00 ? 4  C A C4     2 
ATOM 597  N N4     . C A 1 4  ? -0.999  -1.657  -0.380  1.00 0.00 ? 4  C A N4     2 
ATOM 598  C C5     . C A 1 4  ? -1.276  -3.222  1.428   1.00 0.00 ? 4  C A C5     2 
ATOM 599  C C6     . C A 1 4  ? -1.178  -3.420  2.758   1.00 0.00 ? 4  C A C6     2 
ATOM 600  H "H5'"  . C A 1 4  ? -0.735  -6.597  5.967   1.00 0.00 ? 4  C A "H5'"  2 
ATOM 601  H "H5''" . C A 1 4  ? -2.483  -6.442  6.241   1.00 0.00 ? 4  C A "H5''" 2 
ATOM 602  H "H4'"  . C A 1 4  ? -1.170  -4.523  7.144   1.00 0.00 ? 4  C A "H4'"  2 
ATOM 603  H "H3'"  . C A 1 4  ? -3.130  -3.904  4.864   1.00 0.00 ? 4  C A "H3'"  2 
ATOM 604  H "H2'"  . C A 1 4  ? -2.547  -1.569  5.232   1.00 0.00 ? 4  C A "H2'"  2 
ATOM 605  H "HO2'" . C A 1 4  ? -2.511  -1.868  7.594   1.00 0.00 ? 4  C A "HO2'" 2 
ATOM 606  H "H1'"  . C A 1 4  ? 0.175   -2.010  5.428   1.00 0.00 ? 4  C A "H1'"  2 
ATOM 607  H H41    . C A 1 4  ? -0.713  -0.747  -0.720  1.00 0.00 ? 4  C A H41    2 
ATOM 608  H H42    . C A 1 4  ? -1.337  -2.354  -1.027  1.00 0.00 ? 4  C A H42    2 
ATOM 609  H H5     . C A 1 4  ? -1.615  -4.024  0.771   1.00 0.00 ? 4  C A H5     2 
ATOM 610  H H6     . C A 1 4  ? -1.432  -4.393  3.178   1.00 0.00 ? 4  C A H6     2 
ATOM 611  P P      . C A 1 5  ? -5.079  -3.444  6.755   1.00 0.00 ? 5  C A P      2 
ATOM 612  O OP1    . C A 1 5  ? -5.743  -3.761  8.040   1.00 0.00 ? 5  C A OP1    2 
ATOM 613  O OP2    . C A 1 5  ? -5.525  -4.106  5.509   1.00 0.00 ? 5  C A OP2    2 
ATOM 614  O "O5'"  . C A 1 5  ? -5.147  -1.849  6.526   1.00 0.00 ? 5  C A "O5'"  2 
ATOM 615  C "C5'"  . C A 1 5  ? -5.140  -0.943  7.638   1.00 0.00 ? 5  C A "C5'"  2 
ATOM 616  C "C4'"  . C A 1 5  ? -5.144  0.512   7.180   1.00 0.00 ? 5  C A "C4'"  2 
ATOM 617  O "O4'"  . C A 1 5  ? -3.995  0.750   6.353   1.00 0.00 ? 5  C A "O4'"  2 
ATOM 618  C "C3'"  . C A 1 5  ? -6.310  0.902   6.286   1.00 0.00 ? 5  C A "C3'"  2 
ATOM 619  O "O3'"  . C A 1 5  ? -7.385  1.337   7.134   1.00 0.00 ? 5  C A "O3'"  2 
ATOM 620  C "C2'"  . C A 1 5  ? -5.758  2.123   5.571   1.00 0.00 ? 5  C A "C2'"  2 
ATOM 621  O "O2'"  . C A 1 5  ? -5.769  3.268   6.430   1.00 0.00 ? 5  C A "O2'"  2 
ATOM 622  C "C1'"  . C A 1 5  ? -4.325  1.668   5.291   1.00 0.00 ? 5  C A "C1'"  2 
ATOM 623  N N1     . C A 1 5  ? -4.203  0.962   3.998   1.00 0.00 ? 5  C A N1     2 
ATOM 624  C C2     . C A 1 5  ? -3.880  1.714   2.878   1.00 0.00 ? 5  C A C2     2 
ATOM 625  O O2     . C A 1 5  ? -3.693  2.925   2.973   1.00 0.00 ? 5  C A O2     2 
ATOM 626  N N3     . C A 1 5  ? -3.776  1.085   1.679   1.00 0.00 ? 5  C A N3     2 
ATOM 627  C C4     . C A 1 5  ? -3.985  -0.230  1.578   1.00 0.00 ? 5  C A C4     2 
ATOM 628  N N4     . C A 1 5  ? -3.879  -0.781  0.372   1.00 0.00 ? 5  C A N4     2 
ATOM 629  C C5     . C A 1 5  ? -4.318  -1.014  2.724   1.00 0.00 ? 5  C A C5     2 
ATOM 630  C C6     . C A 1 5  ? -4.417  -0.383  3.907   1.00 0.00 ? 5  C A C6     2 
ATOM 631  H "H5'"  . C A 1 5  ? -4.247  -1.124  8.238   1.00 0.00 ? 5  C A "H5'"  2 
ATOM 632  H "H5''" . C A 1 5  ? -6.023  -1.124  8.251   1.00 0.00 ? 5  C A "H5''" 2 
ATOM 633  H "H4'"  . C A 1 5  ? -5.094  1.162   8.052   1.00 0.00 ? 5  C A "H4'"  2 
ATOM 634  H "H3'"  . C A 1 5  ? -6.619  0.108   5.607   1.00 0.00 ? 5  C A "H3'"  2 
ATOM 635  H "H2'"  . C A 1 5  ? -6.299  2.319   4.645   1.00 0.00 ? 5  C A "H2'"  2 
ATOM 636  H "HO2'" . C A 1 5  ? -6.674  3.591   6.460   1.00 0.00 ? 5  C A "HO2'" 2 
ATOM 637  H "H1'"  . C A 1 5  ? -3.633  2.513   5.314   1.00 0.00 ? 5  C A "H1'"  2 
ATOM 638  H H41    . C A 1 5  ? -3.640  -0.206  -0.427  1.00 0.00 ? 5  C A H41    2 
ATOM 639  H H42    . C A 1 5  ? -4.042  -1.769  0.251   1.00 0.00 ? 5  C A H42    2 
ATOM 640  H H5     . C A 1 5  ? -4.489  -2.088  2.651   1.00 0.00 ? 5  C A H5     2 
ATOM 641  H H6     . C A 1 5  ? -4.671  -0.951  4.802   1.00 0.00 ? 5  C A H6     2 
ATOM 642  P P      . A A 1 6  ? -8.890  0.825   6.867   1.00 0.00 ? 6  A A P      2 
ATOM 643  O OP1    . A A 1 6  ? -8.867  -0.654  6.801   1.00 0.00 ? 6  A A OP1    2 
ATOM 644  O OP2    . A A 1 6  ? -9.452  1.603   5.743   1.00 0.00 ? 6  A A OP2    2 
ATOM 645  O "O5'"  . A A 1 6  ? -9.659  1.253   8.220   1.00 0.00 ? 6  A A "O5'"  2 
ATOM 646  C "C5'"  . A A 1 6  ? -10.367 2.499   8.315   1.00 0.00 ? 6  A A "C5'"  2 
ATOM 647  C "C4'"  . A A 1 6  ? -9.542  3.570   9.031   1.00 0.00 ? 6  A A "C4'"  2 
ATOM 648  O "O4'"  . A A 1 6  ? -9.082  3.049   10.274  1.00 0.00 ? 6  A A "O4'"  2 
ATOM 649  C "C3'"  . A A 1 6  ? -8.260  3.975   8.327   1.00 0.00 ? 6  A A "C3'"  2 
ATOM 650  O "O3'"  . A A 1 6  ? -8.577  5.064   7.446   1.00 0.00 ? 6  A A "O3'"  2 
ATOM 651  C "C2'"  . A A 1 6  ? -7.411  4.542   9.463   1.00 0.00 ? 6  A A "C2'"  2 
ATOM 652  O "O2'"  . A A 1 6  ? -7.708  5.928   9.666   1.00 0.00 ? 6  A A "O2'"  2 
ATOM 653  C "C1'"  . A A 1 6  ? -7.873  3.713   10.672  1.00 0.00 ? 6  A A "C1'"  2 
ATOM 654  N N9     . A A 1 6  ? -6.889  2.681   11.054  1.00 0.00 ? 6  A A N9     2 
ATOM 655  C C8     . A A 1 6  ? -6.539  1.542   10.373  1.00 0.00 ? 6  A A C8     2 
ATOM 656  N N7     . A A 1 6  ? -5.638  0.824   10.987  1.00 0.00 ? 6  A A N7     2 
ATOM 657  C C5     . A A 1 6  ? -5.379  1.539   12.150  1.00 0.00 ? 6  A A C5     2 
ATOM 658  C C6     . A A 1 6  ? -4.515  1.312   13.234  1.00 0.00 ? 6  A A C6     2 
ATOM 659  N N6     . A A 1 6  ? -3.716  0.253   13.329  1.00 0.00 ? 6  A A N6     2 
ATOM 660  N N1     . A A 1 6  ? -4.500  2.218   14.223  1.00 0.00 ? 6  A A N1     2 
ATOM 661  C C2     . A A 1 6  ? -5.295  3.278   14.138  1.00 0.00 ? 6  A A C2     2 
ATOM 662  N N3     . A A 1 6  ? -6.147  3.606   13.179  1.00 0.00 ? 6  A A N3     2 
ATOM 663  C C4     . A A 1 6  ? -6.135  2.674   12.201  1.00 0.00 ? 6  A A C4     2 
ATOM 664  H "H5'"  . A A 1 6  ? -11.291 2.338   8.870   1.00 0.00 ? 6  A A "H5'"  2 
ATOM 665  H "H5''" . A A 1 6  ? -10.611 2.850   7.312   1.00 0.00 ? 6  A A "H5''" 2 
ATOM 666  H "H4'"  . A A 1 6  ? -10.172 4.440   9.217   1.00 0.00 ? 6  A A "H4'"  2 
ATOM 667  H "H3'"  . A A 1 6  ? -7.775  3.152   7.804   1.00 0.00 ? 6  A A "H3'"  2 
ATOM 668  H "H2'"  . A A 1 6  ? -6.348  4.393   9.269   1.00 0.00 ? 6  A A "H2'"  2 
ATOM 669  H "HO2'" . A A 1 6  ? -7.965  6.290   8.813   1.00 0.00 ? 6  A A "HO2'" 2 
ATOM 670  H "H1'"  . A A 1 6  ? -8.078  4.355   11.530  1.00 0.00 ? 6  A A "H1'"  2 
ATOM 671  H H8     . A A 1 6  ? -6.974  1.263   9.413   1.00 0.00 ? 6  A A H8     2 
ATOM 672  H H61    . A A 1 6  ? -3.123  0.141   14.139  1.00 0.00 ? 6  A A H61    2 
ATOM 673  H H62    . A A 1 6  ? -3.703  -0.438  12.593  1.00 0.00 ? 6  A A H62    2 
ATOM 674  H H2     . A A 1 6  ? -5.237  3.976   14.974  1.00 0.00 ? 6  A A H2     2 
ATOM 675  P P      . G A 1 7  ? -9.066  4.783   5.935   1.00 0.00 ? 7  G A P      2 
ATOM 676  O OP1    . G A 1 7  ? -10.461 4.295   5.981   1.00 0.00 ? 7  G A OP1    2 
ATOM 677  O OP2    . G A 1 7  ? -8.023  3.981   5.259   1.00 0.00 ? 7  G A OP2    2 
ATOM 678  O "O5'"  . G A 1 7  ? -9.066  6.258   5.282   1.00 0.00 ? 7  G A "O5'"  2 
ATOM 679  C "C5'"  . G A 1 7  ? -10.172 6.708   4.484   1.00 0.00 ? 7  G A "C5'"  2 
ATOM 680  C "C4'"  . G A 1 7  ? -9.926  6.506   2.987   1.00 0.00 ? 7  G A "C4'"  2 
ATOM 681  O "O4'"  . G A 1 7  ? -8.794  7.284   2.584   1.00 0.00 ? 7  G A "O4'"  2 
ATOM 682  C "C3'"  . G A 1 7  ? -9.591  5.077   2.577   1.00 0.00 ? 7  G A "C3'"  2 
ATOM 683  O "O3'"  . G A 1 7  ? -10.017 4.918   1.216   1.00 0.00 ? 7  G A "O3'"  2 
ATOM 684  C "C2'"  . G A 1 7  ? -8.074  5.029   2.590   1.00 0.00 ? 7  G A "C2'"  2 
ATOM 685  O "O2'"  . G A 1 7  ? -7.593  4.077   1.633   1.00 0.00 ? 7  G A "O2'"  2 
ATOM 686  C "C1'"  . G A 1 7  ? -7.704  6.446   2.169   1.00 0.00 ? 7  G A "C1'"  2 
ATOM 687  N N9     . G A 1 7  ? -6.502  6.912   2.869   1.00 0.00 ? 7  G A N9     2 
ATOM 688  C C8     . G A 1 7  ? -6.322  7.042   4.216   1.00 0.00 ? 7  G A C8     2 
ATOM 689  N N7     . G A 1 7  ? -5.143  7.494   4.546   1.00 0.00 ? 7  G A N7     2 
ATOM 690  C C5     . G A 1 7  ? -4.501  7.673   3.322   1.00 0.00 ? 7  G A C5     2 
ATOM 691  C C6     . G A 1 7  ? -3.189  8.145   3.035   1.00 0.00 ? 7  G A C6     2 
ATOM 692  O O6     . G A 1 7  ? -2.320  8.511   3.820   1.00 0.00 ? 7  G A O6     2 
ATOM 693  N N1     . G A 1 7  ? -2.944  8.168   1.675   1.00 0.00 ? 7  G A N1     2 
ATOM 694  C C2     . G A 1 7  ? -3.839  7.789   0.705   1.00 0.00 ? 7  G A C2     2 
ATOM 695  N N2     . G A 1 7  ? -3.432  7.868   -0.553  1.00 0.00 ? 7  G A N2     2 
ATOM 696  N N3     . G A 1 7  ? -5.069  7.348   0.958   1.00 0.00 ? 7  G A N3     2 
ATOM 697  C C4     . G A 1 7  ? -5.330  7.317   2.286   1.00 0.00 ? 7  G A C4     2 
ATOM 698  H "H5'"  . G A 1 7  ? -10.337 7.770   4.672   1.00 0.00 ? 7  G A "H5'"  2 
ATOM 699  H "H5''" . G A 1 7  ? -11.067 6.157   4.771   1.00 0.00 ? 7  G A "H5''" 2 
ATOM 700  H "H4'"  . G A 1 7  ? -10.800 6.858   2.442   1.00 0.00 ? 7  G A "H4'"  2 
ATOM 701  H "H3'"  . G A 1 7  ? -10.040 4.336   3.233   1.00 0.00 ? 7  G A "H3'"  2 
ATOM 702  H "H2'"  . G A 1 7  ? -7.701  4.806   3.587   1.00 0.00 ? 7  G A "H2'"  2 
ATOM 703  H "HO2'" . G A 1 7  ? -8.103  4.203   0.828   1.00 0.00 ? 7  G A "HO2'" 2 
ATOM 704  H "H1'"  . G A 1 7  ? -7.564  6.524   1.090   1.00 0.00 ? 7  G A "H1'"  2 
ATOM 705  H H8     . G A 1 7  ? -7.092  6.778   4.945   1.00 0.00 ? 7  G A H8     2 
ATOM 706  H H1     . G A 1 7  ? -2.037  8.490   1.380   1.00 0.00 ? 7  G A H1     2 
ATOM 707  H H21    . G A 1 7  ? -2.494  8.176   -0.764  1.00 0.00 ? 7  G A H21    2 
ATOM 708  H H22    . G A 1 7  ? -4.062  7.617   -1.300  1.00 0.00 ? 7  G A H22    2 
ATOM 709  P P      . A A 1 8  ? -11.229 3.928   0.838   1.00 0.00 ? 8  A A P      2 
ATOM 710  O OP1    . A A 1 8  ? -12.481 4.498   1.388   1.00 0.00 ? 8  A A OP1    2 
ATOM 711  O OP2    . A A 1 8  ? -10.828 2.548   1.192   1.00 0.00 ? 8  A A OP2    2 
ATOM 712  O "O5'"  . A A 1 8  ? -11.289 4.043   -0.770  1.00 0.00 ? 8  A A "O5'"  2 
ATOM 713  C "C5'"  . A A 1 8  ? -10.103 3.886   -1.562  1.00 0.00 ? 8  A A "C5'"  2 
ATOM 714  C "C4'"  . A A 1 8  ? -10.394 3.155   -2.870  1.00 0.00 ? 8  A A "C4'"  2 
ATOM 715  O "O4'"  . A A 1 8  ? -11.280 3.938   -3.670  1.00 0.00 ? 8  A A "O4'"  2 
ATOM 716  C "C3'"  . A A 1 8  ? -9.193  2.964   -3.772  1.00 0.00 ? 8  A A "C3'"  2 
ATOM 717  O "O3'"  . A A 1 8  ? -8.558  1.739   -3.375  1.00 0.00 ? 8  A A "O3'"  2 
ATOM 718  C "C2'"  . A A 1 8  ? -9.841  2.728   -5.130  1.00 0.00 ? 8  A A "C2'"  2 
ATOM 719  O "O2'"  . A A 1 8  ? -10.247 1.362   -5.265  1.00 0.00 ? 8  A A "O2'"  2 
ATOM 720  C "C1'"  . A A 1 8  ? -11.069 3.650   -5.065  1.00 0.00 ? 8  A A "C1'"  2 
ATOM 721  N N9     . A A 1 8  ? -10.872 4.919   -5.793  1.00 0.00 ? 8  A A N9     2 
ATOM 722  C C8     . A A 1 8  ? -10.789 6.194   -5.294  1.00 0.00 ? 8  A A C8     2 
ATOM 723  N N7     . A A 1 8  ? -10.634 7.106   -6.215  1.00 0.00 ? 8  A A N7     2 
ATOM 724  C C5     . A A 1 8  ? -10.613 6.380   -7.403  1.00 0.00 ? 8  A A C5     2 
ATOM 725  C C6     . A A 1 8  ? -10.477 6.756   -8.748  1.00 0.00 ? 8  A A C6     2 
ATOM 726  N N6     . A A 1 8  ? -10.332 8.015   -9.153  1.00 0.00 ? 8  A A N6     2 
ATOM 727  N N1     . A A 1 8  ? -10.498 5.787   -9.675  1.00 0.00 ? 8  A A N1     2 
ATOM 728  C C2     . A A 1 8  ? -10.645 4.527   -9.286  1.00 0.00 ? 8  A A C2     2 
ATOM 729  N N3     . A A 1 8  ? -10.782 4.044   -8.060  1.00 0.00 ? 8  A A N3     2 
ATOM 730  C C4     . A A 1 8  ? -10.757 5.044   -7.156  1.00 0.00 ? 8  A A C4     2 
ATOM 731  H "H5'"  . A A 1 8  ? -9.367  3.318   -0.994  1.00 0.00 ? 8  A A "H5'"  2 
ATOM 732  H "H5''" . A A 1 8  ? -9.696  4.870   -1.788  1.00 0.00 ? 8  A A "H5''" 2 
ATOM 733  H "H4'"  . A A 1 8  ? -10.864 2.198   -2.646  1.00 0.00 ? 8  A A "H4'"  2 
ATOM 734  H "H3'"  . A A 1 8  ? -8.504  3.807   -3.762  1.00 0.00 ? 8  A A "H3'"  2 
ATOM 735  H "H2'"  . A A 1 8  ? -9.174  3.023   -5.939  1.00 0.00 ? 8  A A "H2'"  2 
ATOM 736  H "HO2'" . A A 1 8  ? -9.551  0.821   -4.884  1.00 0.00 ? 8  A A "HO2'" 2 
ATOM 737  H "H1'"  . A A 1 8  ? -11.950 3.145   -5.461  1.00 0.00 ? 8  A A "H1'"  2 
ATOM 738  H H8     . A A 1 8  ? -10.849 6.424   -4.230  1.00 0.00 ? 8  A A H8     2 
ATOM 739  H H61    . A A 1 8  ? -10.200 8.217   -10.134 1.00 0.00 ? 8  A A H61    2 
ATOM 740  H H62    . A A 1 8  ? -10.355 8.766   -8.480  1.00 0.00 ? 8  A A H62    2 
ATOM 741  H H2     . A A 1 8  ? -10.653 3.787   -10.086 1.00 0.00 ? 8  A A H2     2 
ATOM 742  P P      . U A 1 9  ? -6.953  1.627   -3.295  1.00 0.00 ? 9  U A P      2 
ATOM 743  O OP1    . U A 1 9  ? -6.609  0.283   -2.776  1.00 0.00 ? 9  U A OP1    2 
ATOM 744  O OP2    . U A 1 9  ? -6.439  2.834   -2.607  1.00 0.00 ? 9  U A OP2    2 
ATOM 745  O "O5'"  . U A 1 9  ? -6.520  1.697   -4.848  1.00 0.00 ? 9  U A "O5'"  2 
ATOM 746  C "C5'"  . U A 1 9  ? -5.605  2.697   -5.312  1.00 0.00 ? 9  U A "C5'"  2 
ATOM 747  C "C4'"  . U A 1 9  ? -5.980  3.207   -6.699  1.00 0.00 ? 9  U A "C4'"  2 
ATOM 748  O "O4'"  . U A 1 9  ? -7.266  3.840   -6.641  1.00 0.00 ? 9  U A "O4'"  2 
ATOM 749  C "C3'"  . U A 1 9  ? -5.070  4.292   -7.246  1.00 0.00 ? 9  U A "C3'"  2 
ATOM 750  O "O3'"  . U A 1 9  ? -4.010  3.646   -7.964  1.00 0.00 ? 9  U A "O3'"  2 
ATOM 751  C "C2'"  . U A 1 9  ? -5.968  4.980   -8.257  1.00 0.00 ? 9  U A "C2'"  2 
ATOM 752  O "O2'"  . U A 1 9  ? -6.081  4.200   -9.453  1.00 0.00 ? 9  U A "O2'"  2 
ATOM 753  C "C1'"  . U A 1 9  ? -7.297  4.998   -7.499  1.00 0.00 ? 9  U A "C1'"  2 
ATOM 754  N N1     . U A 1 9  ? -7.448  6.203   -6.655  1.00 0.00 ? 9  U A N1     2 
ATOM 755  C C2     . U A 1 9  ? -7.553  7.426   -7.290  1.00 0.00 ? 9  U A C2     2 
ATOM 756  O O2     . U A 1 9  ? -7.524  7.545   -8.510  1.00 0.00 ? 9  U A O2     2 
ATOM 757  N N3     . U A 1 9  ? -7.691  8.523   -6.470  1.00 0.00 ? 9  U A N3     2 
ATOM 758  C C4     . U A 1 9  ? -7.735  8.509   -5.092  1.00 0.00 ? 9  U A C4     2 
ATOM 759  O O4     . U A 1 9  ? -7.868  9.561   -4.476  1.00 0.00 ? 9  U A O4     2 
ATOM 760  C C5     . U A 1 9  ? -7.619  7.198   -4.499  1.00 0.00 ? 9  U A C5     2 
ATOM 761  C C6     . U A 1 9  ? -7.483  6.105   -5.287  1.00 0.00 ? 9  U A C6     2 
ATOM 762  H "H5'"  . U A 1 9  ? -4.602  2.271   -5.349  1.00 0.00 ? 9  U A "H5'"  2 
ATOM 763  H "H5''" . U A 1 9  ? -5.609  3.536   -4.615  1.00 0.00 ? 9  U A "H5''" 2 
ATOM 764  H "H4'"  . U A 1 9  ? -6.029  2.363   -7.388  1.00 0.00 ? 9  U A "H4'"  2 
ATOM 765  H "H3'"  . U A 1 9  ? -4.695  4.969   -6.477  1.00 0.00 ? 9  U A "H3'"  2 
ATOM 766  H "H2'"  . U A 1 9  ? -5.623  5.991   -8.474  1.00 0.00 ? 9  U A "H2'"  2 
ATOM 767  H "HO2'" . U A 1 9  ? -5.209  3.850   -9.645  1.00 0.00 ? 9  U A "HO2'" 2 
ATOM 768  H "H1'"  . U A 1 9  ? -8.141  4.921   -8.183  1.00 0.00 ? 9  U A "H1'"  2 
ATOM 769  H H3     . U A 1 9  ? -7.763  9.420   -6.919  1.00 0.00 ? 9  U A H3     2 
ATOM 770  H H5     . U A 1 9  ? -7.646  7.087   -3.415  1.00 0.00 ? 9  U A H5     2 
ATOM 771  H H6     . U A 1 9  ? -7.395  5.123   -4.823  1.00 0.00 ? 9  U A H6     2 
ATOM 772  P P      . G A 1 10 ? -2.761  4.493   -8.534  1.00 0.00 ? 10 G A P      2 
ATOM 773  O OP1    . G A 1 10 ? -3.239  5.310   -9.673  1.00 0.00 ? 10 G A OP1    2 
ATOM 774  O OP2    . G A 1 10 ? -1.625  3.565   -8.723  1.00 0.00 ? 10 G A OP2    2 
ATOM 775  O "O5'"  . G A 1 10 ? -2.407  5.480   -7.307  1.00 0.00 ? 10 G A "O5'"  2 
ATOM 776  C "C5'"  . G A 1 10 ? -2.786  6.865   -7.339  1.00 0.00 ? 10 G A "C5'"  2 
ATOM 777  C "C4'"  . G A 1 10 ? -2.998  7.426   -5.936  1.00 0.00 ? 10 G A "C4'"  2 
ATOM 778  O "O4'"  . G A 1 10 ? -3.998  6.651   -5.261  1.00 0.00 ? 10 G A "O4'"  2 
ATOM 779  C "C3'"  . G A 1 10 ? -1.793  7.329   -5.016  1.00 0.00 ? 10 G A "C3'"  2 
ATOM 780  O "O3'"  . G A 1 10 ? -1.019  8.524   -5.186  1.00 0.00 ? 10 G A "O3'"  2 
ATOM 781  C "C2'"  . G A 1 10 ? -2.440  7.395   -3.644  1.00 0.00 ? 10 G A "C2'"  2 
ATOM 782  O "O2'"  . G A 1 10 ? -2.820  8.739   -3.327  1.00 0.00 ? 10 G A "O2'"  2 
ATOM 783  C "C1'"  . G A 1 10 ? -3.676  6.522   -3.863  1.00 0.00 ? 10 G A "C1'"  2 
ATOM 784  N N9     . G A 1 10 ? -3.417  5.102   -3.563  1.00 0.00 ? 10 G A N9     2 
ATOM 785  C C8     . G A 1 10 ? -2.882  4.136   -4.378  1.00 0.00 ? 10 G A C8     2 
ATOM 786  N N7     . G A 1 10 ? -2.794  2.965   -3.815  1.00 0.00 ? 10 G A N7     2 
ATOM 787  C C5     . G A 1 10 ? -3.304  3.168   -2.537  1.00 0.00 ? 10 G A C5     2 
ATOM 788  C C6     . G A 1 10 ? -3.465  2.256   -1.460  1.00 0.00 ? 10 G A C6     2 
ATOM 789  O O6     . G A 1 10 ? -3.189  1.060   -1.421  1.00 0.00 ? 10 G A O6     2 
ATOM 790  N N1     . G A 1 10 ? -4.016  2.870   -0.351  1.00 0.00 ? 10 G A N1     2 
ATOM 791  C C2     . G A 1 10 ? -4.368  4.191   -0.276  1.00 0.00 ? 10 G A C2     2 
ATOM 792  N N2     . G A 1 10 ? -4.878  4.610   0.873   1.00 0.00 ? 10 G A N2     2 
ATOM 793  N N3     . G A 1 10 ? -4.226  5.060   -1.274  1.00 0.00 ? 10 G A N3     2 
ATOM 794  C C4     . G A 1 10 ? -3.689  4.478   -2.373  1.00 0.00 ? 10 G A C4     2 
ATOM 795  H "H5'"  . G A 1 10 ? -3.710  6.970   -7.907  1.00 0.00 ? 10 G A "H5'"  2 
ATOM 796  H "H5''" . G A 1 10 ? -1.999  7.435   -7.832  1.00 0.00 ? 10 G A "H5''" 2 
ATOM 797  H "H4'"  . G A 1 10 ? -3.340  8.458   -6.013  1.00 0.00 ? 10 G A "H4'"  2 
ATOM 798  H "H3'"  . G A 1 10 ? -1.201  6.427   -5.172  1.00 0.00 ? 10 G A "H3'"  2 
ATOM 799  H "H2'"  . G A 1 10 ? -1.790  6.975   -2.876  1.00 0.00 ? 10 G A "H2'"  2 
ATOM 800  H "HO2'" . G A 1 10 ? -2.168  9.320   -3.727  1.00 0.00 ? 10 G A "HO2'" 2 
ATOM 801  H "H1'"  . G A 1 10 ? -4.514  6.874   -3.262  1.00 0.00 ? 10 G A "H1'"  2 
ATOM 802  H H8     . G A 1 10 ? -2.556  4.332   -5.399  1.00 0.00 ? 10 G A H8     2 
ATOM 803  H H1     . G A 1 10 ? -4.166  2.296   0.460   1.00 0.00 ? 10 G A H1     2 
ATOM 804  H H21    . G A 1 10 ? -4.959  3.974   1.654   1.00 0.00 ? 10 G A H21    2 
ATOM 805  H H22    . G A 1 10 ? -5.181  5.570   0.966   1.00 0.00 ? 10 G A H22    2 
ATOM 806  P P      . G A 1 11 ? 0.529   8.564   -4.740  1.00 0.00 ? 11 G A P      2 
ATOM 807  O OP1    . G A 1 11 ? 1.020   9.952   -4.898  1.00 0.00 ? 11 G A OP1    2 
ATOM 808  O OP2    . G A 1 11 ? 1.235   7.451   -5.413  1.00 0.00 ? 11 G A OP2    2 
ATOM 809  O "O5'"  . G A 1 11 ? 0.447   8.230   -3.164  1.00 0.00 ? 11 G A "O5'"  2 
ATOM 810  C "C5'"  . G A 1 11 ? 0.181   9.263   -2.206  1.00 0.00 ? 11 G A "C5'"  2 
ATOM 811  C "C4'"  . G A 1 11 ? 0.282   8.746   -0.774  1.00 0.00 ? 11 G A "C4'"  2 
ATOM 812  O "O4'"  . G A 1 11 ? -0.720  7.745   -0.546  1.00 0.00 ? 11 G A "O4'"  2 
ATOM 813  C "C3'"  . G A 1 11 ? 1.572   8.022   -0.441  1.00 0.00 ? 11 G A "C3'"  2 
ATOM 814  O "O3'"  . G A 1 11 ? 2.534   9.010   -0.045  1.00 0.00 ? 11 G A "O3'"  2 
ATOM 815  C "C2'"  . G A 1 11 ? 1.169   7.238   0.796   1.00 0.00 ? 11 G A "C2'"  2 
ATOM 816  O "O2'"  . G A 1 11 ? 1.104   8.092   1.943   1.00 0.00 ? 11 G A "O2'"  2 
ATOM 817  C "C1'"  . G A 1 11 ? -0.234  6.766   0.396   1.00 0.00 ? 11 G A "C1'"  2 
ATOM 818  N N9     . G A 1 11 ? -0.216  5.440   -0.252  1.00 0.00 ? 11 G A N9     2 
ATOM 819  C C8     . G A 1 11 ? -0.091  5.131   -1.580  1.00 0.00 ? 11 G A C8     2 
ATOM 820  N N7     . G A 1 11 ? -0.095  3.849   -1.824  1.00 0.00 ? 11 G A N7     2 
ATOM 821  C C5     . G A 1 11 ? -0.234  3.270   -0.566  1.00 0.00 ? 11 G A C5     2 
ATOM 822  C C6     . G A 1 11 ? -0.302  1.899   -0.189  1.00 0.00 ? 11 G A C6     2 
ATOM 823  O O6     . G A 1 11 ? -0.248  0.902   -0.904  1.00 0.00 ? 11 G A O6     2 
ATOM 824  N N1     . G A 1 11 ? -0.441  1.754   1.180   1.00 0.00 ? 11 G A N1     2 
ATOM 825  C C2     . G A 1 11 ? -0.508  2.788   2.078   1.00 0.00 ? 11 G A C2     2 
ATOM 826  N N2     . G A 1 11 ? -0.644  2.466   3.356   1.00 0.00 ? 11 G A N2     2 
ATOM 827  N N3     . G A 1 11 ? -0.447  4.074   1.743   1.00 0.00 ? 11 G A N3     2 
ATOM 828  C C4     . G A 1 11 ? -0.309  4.239   0.404   1.00 0.00 ? 11 G A C4     2 
ATOM 829  H "H5'"  . G A 1 11 ? -0.823  9.655   -2.372  1.00 0.00 ? 11 G A "H5'"  2 
ATOM 830  H "H5''" . G A 1 11 ? 0.903   10.068  -2.342  1.00 0.00 ? 11 G A "H5''" 2 
ATOM 831  H "H4'"  . G A 1 11 ? 0.119   9.575   -0.084  1.00 0.00 ? 11 G A "H4'"  2 
ATOM 832  H "H3'"  . G A 1 11 ? 1.938   7.392   -1.252  1.00 0.00 ? 11 G A "H3'"  2 
ATOM 833  H "H2'"  . G A 1 11 ? 1.835   6.394   0.966   1.00 0.00 ? 11 G A "H2'"  2 
ATOM 834  H "HO2'" . G A 1 11 ? 1.942   8.003   2.408   1.00 0.00 ? 11 G A "HO2'" 2 
ATOM 835  H "H1'"  . G A 1 11 ? -0.894  6.736   1.261   1.00 0.00 ? 11 G A "H1'"  2 
ATOM 836  H H8     . G A 1 11 ? 0.003   5.884   -2.363  1.00 0.00 ? 11 G A H8     2 
ATOM 837  H H1     . G A 1 11 ? -0.493  0.815   1.535   1.00 0.00 ? 11 G A H1     2 
ATOM 838  H H21    . G A 1 11 ? -0.655  1.495   3.636   1.00 0.00 ? 11 G A H21    2 
ATOM 839  H H22    . G A 1 11 ? -0.738  3.194   4.048   1.00 0.00 ? 11 G A H22    2 
ATOM 840  P P      . A A 1 12 ? 4.114   8.720   -0.178  1.00 0.00 ? 12 A A P      2 
ATOM 841  O OP1    . A A 1 12 ? 4.844   9.977   0.105   1.00 0.00 ? 12 A A OP1    2 
ATOM 842  O OP2    . A A 1 12 ? 4.349   8.003   -1.452  1.00 0.00 ? 12 A A OP2    2 
ATOM 843  O "O5'"  . A A 1 12 ? 4.387   7.693   1.034   1.00 0.00 ? 12 A A "O5'"  2 
ATOM 844  C "C5'"  . A A 1 12 ? 4.464   8.160   2.388   1.00 0.00 ? 12 A A "C5'"  2 
ATOM 845  C "C4'"  . A A 1 12 ? 4.481   7.006   3.386   1.00 0.00 ? 12 A A "C4'"  2 
ATOM 846  O "O4'"  . A A 1 12 ? 3.315   6.193   3.195   1.00 0.00 ? 12 A A "O4'"  2 
ATOM 847  C "C3'"  . A A 1 12 ? 5.624   6.022   3.215   1.00 0.00 ? 12 A A "C3'"  2 
ATOM 848  O "O3'"  . A A 1 12 ? 6.740   6.509   3.974   1.00 0.00 ? 12 A A "O3'"  2 
ATOM 849  C "C2'"  . A A 1 12 ? 5.080   4.795   3.925   1.00 0.00 ? 12 A A "C2'"  2 
ATOM 850  O "O2'"  . A A 1 12 ? 5.138   4.964   5.346   1.00 0.00 ? 12 A A "O2'"  2 
ATOM 851  C "C1'"  . A A 1 12 ? 3.629   4.807   3.438   1.00 0.00 ? 12 A A "C1'"  2 
ATOM 852  N N9     . A A 1 12 ? 3.456   4.055   2.180   1.00 0.00 ? 12 A A N9     2 
ATOM 853  C C8     . A A 1 12 ? 3.602   4.499   0.891   1.00 0.00 ? 12 A A C8     2 
ATOM 854  N N7     . A A 1 12 ? 3.381   3.579   -0.008  1.00 0.00 ? 12 A A N7     2 
ATOM 855  C C5     . A A 1 12 ? 3.069   2.451   0.743   1.00 0.00 ? 12 A A C5     2 
ATOM 856  C C6     . A A 1 12 ? 2.733   1.134   0.388   1.00 0.00 ? 12 A A C6     2 
ATOM 857  N N6     . A A 1 12 ? 2.647   0.711   -0.869  1.00 0.00 ? 12 A A N6     2 
ATOM 858  N N1     . A A 1 12 ? 2.484   0.262   1.377   1.00 0.00 ? 12 A A N1     2 
ATOM 859  C C2     . A A 1 12 ? 2.564   0.680   2.637   1.00 0.00 ? 12 A A C2     2 
ATOM 860  N N3     . A A 1 12 ? 2.868   1.882   3.100   1.00 0.00 ? 12 A A N3     2 
ATOM 861  C C4     . A A 1 12 ? 3.112   2.729   2.078   1.00 0.00 ? 12 A A C4     2 
ATOM 862  H "H5'"  . A A 1 12 ? 3.601   8.795   2.594   1.00 0.00 ? 12 A A "H5'"  2 
ATOM 863  H "H5''" . A A 1 12 ? 5.373   8.748   2.510   1.00 0.00 ? 12 A A "H5''" 2 
ATOM 864  H "H4'"  . A A 1 12 ? 4.471   7.411   4.398   1.00 0.00 ? 12 A A "H4'"  2 
ATOM 865  H "H3'"  . A A 1 12 ? 5.885   5.837   2.173   1.00 0.00 ? 12 A A "H3'"  2 
ATOM 866  H "H2'"  . A A 1 12 ? 5.596   3.889   3.612   1.00 0.00 ? 12 A A "H2'"  2 
ATOM 867  H "HO2'" . A A 1 12 ? 6.050   5.156   5.572   1.00 0.00 ? 12 A A "HO2'" 2 
ATOM 868  H "H1'"  . A A 1 12 ? 2.956   4.408   4.198   1.00 0.00 ? 12 A A "H1'"  2 
ATOM 869  H H8     . A A 1 12 ? 3.879   5.524   0.639   1.00 0.00 ? 12 A A H8     2 
ATOM 870  H H61    . A A 1 12 ? 2.341   -0.232  -1.065  1.00 0.00 ? 12 A A H61    2 
ATOM 871  H H62    . A A 1 12 ? 2.886   1.332   -1.627  1.00 0.00 ? 12 A A H62    2 
ATOM 872  H H2     . A A 1 12 ? 2.348   -0.073  3.395   1.00 0.00 ? 12 A A H2     2 
ATOM 873  P P      . G A 1 13 ? 8.250   6.175   3.517   1.00 0.00 ? 13 G A P      2 
ATOM 874  O OP1    . G A 1 13 ? 9.176   6.874   4.435   1.00 0.00 ? 13 G A OP1    2 
ATOM 875  O OP2    . G A 1 13 ? 8.353   6.394   2.058   1.00 0.00 ? 13 G A OP2    2 
ATOM 876  O "O5'"  . G A 1 13 ? 8.363   4.590   3.798   1.00 0.00 ? 13 G A "O5'"  2 
ATOM 877  C "C5'"  . G A 1 13 ? 8.482   4.090   5.137   1.00 0.00 ? 13 G A "C5'"  2 
ATOM 878  C "C4'"  . G A 1 13 ? 8.257   2.582   5.204   1.00 0.00 ? 13 G A "C4'"  2 
ATOM 879  O "O4'"  . G A 1 13 ? 6.985   2.261   4.630   1.00 0.00 ? 13 G A "O4'"  2 
ATOM 880  C "C3'"  . G A 1 13 ? 9.224   1.744   4.388   1.00 0.00 ? 13 G A "C3'"  2 
ATOM 881  O "O3'"  . G A 1 13 ? 10.376  1.493   5.206   1.00 0.00 ? 13 G A "O3'"  2 
ATOM 882  C "C2'"  . G A 1 13 ? 8.458   0.438   4.255   1.00 0.00 ? 13 G A "C2'"  2 
ATOM 883  O "O2'"  . G A 1 13 ? 8.538   -0.326  5.465   1.00 0.00 ? 13 G A "O2'"  2 
ATOM 884  C "C1'"  . G A 1 13 ? 7.031   0.947   4.033   1.00 0.00 ? 13 G A "C1'"  2 
ATOM 885  N N9     . G A 1 13 ? 6.687   1.060   2.601   1.00 0.00 ? 13 G A N9     2 
ATOM 886  C C8     . G A 1 13 ? 6.654   2.179   1.810   1.00 0.00 ? 13 G A C8     2 
ATOM 887  N N7     . G A 1 13 ? 6.297   1.938   0.578   1.00 0.00 ? 13 G A N7     2 
ATOM 888  C C5     . G A 1 13 ? 6.079   0.566   0.554   1.00 0.00 ? 13 G A C5     2 
ATOM 889  C C6     . G A 1 13 ? 5.670   -0.279  -0.516  1.00 0.00 ? 13 G A C6     2 
ATOM 890  O O6     . G A 1 13 ? 5.410   0.026   -1.677  1.00 0.00 ? 13 G A O6     2 
ATOM 891  N N1     . G A 1 13 ? 5.573   -1.597  -0.114  1.00 0.00 ? 13 G A N1     2 
ATOM 892  C C2     . G A 1 13 ? 5.832   -2.055  1.152   1.00 0.00 ? 13 G A C2     2 
ATOM 893  N N2     . G A 1 13 ? 5.689   -3.354  1.362   1.00 0.00 ? 13 G A N2     2 
ATOM 894  N N3     . G A 1 13 ? 6.214   -1.281  2.163   1.00 0.00 ? 13 G A N3     2 
ATOM 895  C C4     . G A 1 13 ? 6.317   0.017   1.790   1.00 0.00 ? 13 G A C4     2 
ATOM 896  H "H5'"  . G A 1 13 ? 7.746   4.585   5.769   1.00 0.00 ? 13 G A "H5'"  2 
ATOM 897  H "H5''" . G A 1 13 ? 9.481   4.317   5.512   1.00 0.00 ? 13 G A "H5''" 2 
ATOM 898  H "H4'"  . G A 1 13 ? 8.265   2.266   6.247   1.00 0.00 ? 13 G A "H4'"  2 
ATOM 899  H "H3'"  . G A 1 13 ? 9.485   2.193   3.430   1.00 0.00 ? 13 G A "H3'"  2 
ATOM 900  H "H2'"  . G A 1 13 ? 8.807   -0.143  3.400   1.00 0.00 ? 13 G A "H2'"  2 
ATOM 901  H "HO2'" . G A 1 13 ? 8.365   -1.242  5.235   1.00 0.00 ? 13 G A "HO2'" 2 
ATOM 902  H "H1'"  . G A 1 13 ? 6.306   0.303   4.528   1.00 0.00 ? 13 G A "H1'"  2 
ATOM 903  H H8     . G A 1 13 ? 6.907   3.174   2.172   1.00 0.00 ? 13 G A H8     2 
ATOM 904  H H1     . G A 1 13 ? 5.290   -2.266  -0.813  1.00 0.00 ? 13 G A H1     2 
ATOM 905  H H21    . G A 1 13 ? 5.426   -3.962  0.601   1.00 0.00 ? 13 G A H21    2 
ATOM 906  H H22    . G A 1 13 ? 5.845   -3.735  2.282   1.00 0.00 ? 13 G A H22    2 
ATOM 907  P P      . C A 1 14 ? 11.732  0.904   4.562   1.00 0.00 ? 14 C A P      2 
ATOM 908  O OP1    . C A 1 14 ? 12.710  0.692   5.654   1.00 0.00 ? 14 C A OP1    2 
ATOM 909  O OP2    . C A 1 14 ? 12.096  1.746   3.400   1.00 0.00 ? 14 C A OP2    2 
ATOM 910  O "O5'"  . C A 1 14 ? 11.269  -0.540  4.008   1.00 0.00 ? 14 C A "O5'"  2 
ATOM 911  C "C5'"  . C A 1 14 ? 11.170  -1.667  4.886   1.00 0.00 ? 14 C A "C5'"  2 
ATOM 912  C "C4'"  . C A 1 14 ? 10.890  -2.958  4.118   1.00 0.00 ? 14 C A "C4'"  2 
ATOM 913  O "O4'"  . C A 1 14 ? 9.633   -2.848  3.437   1.00 0.00 ? 14 C A "O4'"  2 
ATOM 914  C "C3'"  . C A 1 14 ? 11.881  -3.263  3.007   1.00 0.00 ? 14 C A "C3'"  2 
ATOM 915  O "O3'"  . C A 1 14 ? 12.938  -4.043  3.589   1.00 0.00 ? 14 C A "O3'"  2 
ATOM 916  C "C2'"  . C A 1 14 ? 11.069  -4.168  2.093   1.00 0.00 ? 14 C A "C2'"  2 
ATOM 917  O "O2'"  . C A 1 14 ? 11.003  -5.500  2.617   1.00 0.00 ? 14 C A "O2'"  2 
ATOM 918  C "C1'"  . C A 1 14 ? 9.693   -3.501  2.155   1.00 0.00 ? 14 C A "C1'"  2 
ATOM 919  N N1     . C A 1 14 ? 9.494   -2.484  1.098   1.00 0.00 ? 14 C A N1     2 
ATOM 920  C C2     . C A 1 14 ? 8.783   -2.858  -0.032  1.00 0.00 ? 14 C A C2     2 
ATOM 921  O O2     . C A 1 14 ? 8.363   -4.007  -0.149  1.00 0.00 ? 14 C A O2     2 
ATOM 922  N N3     . C A 1 14 ? 8.562   -1.933  -1.002  1.00 0.00 ? 14 C A N3     2 
ATOM 923  C C4     . C A 1 14 ? 9.024   -0.684  -0.870  1.00 0.00 ? 14 C A C4     2 
ATOM 924  N N4     . C A 1 14 ? 8.766   0.174   -1.851  1.00 0.00 ? 14 C A N4     2 
ATOM 925  C C5     . C A 1 14 ? 9.761   -0.289  0.289   1.00 0.00 ? 14 C A C5     2 
ATOM 926  C C6     . C A 1 14 ? 9.972   -1.214  1.243   1.00 0.00 ? 14 C A C6     2 
ATOM 927  H "H5'"  . C A 1 14 ? 10.362  -1.495  5.598   1.00 0.00 ? 14 C A "H5'"  2 
ATOM 928  H "H5''" . C A 1 14 ? 12.108  -1.777  5.432   1.00 0.00 ? 14 C A "H5''" 2 
ATOM 929  H "H4'"  . C A 1 14 ? 10.839  -3.787  4.823   1.00 0.00 ? 14 C A "H4'"  2 
ATOM 930  H "H3'"  . C A 1 14 ? 12.259  -2.370  2.506   1.00 0.00 ? 14 C A "H3'"  2 
ATOM 931  H "H2'"  . C A 1 14 ? 11.464  -4.164  1.077   1.00 0.00 ? 14 C A "H2'"  2 
ATOM 932  H "HO2'" . C A 1 14 ? 11.839  -5.933  2.409   1.00 0.00 ? 14 C A "HO2'" 2 
ATOM 933  H "H1'"  . C A 1 14 ? 8.900   -4.245  2.090   1.00 0.00 ? 14 C A "H1'"  2 
ATOM 934  H H41    . C A 1 14 ? 8.239   -0.127  -2.662  1.00 0.00 ? 14 C A H41    2 
ATOM 935  H H42    . C A 1 14 ? 9.092   1.128   -1.786  1.00 0.00 ? 14 C A H42    2 
ATOM 936  H H5     . C A 1 14 ? 10.142  0.725   0.404   1.00 0.00 ? 14 C A H5     2 
ATOM 937  H H6     . C A 1 14 ? 10.528  -0.944  2.141   1.00 0.00 ? 14 C A H6     2 
ATOM 938  P P      . G A 1 15 ? 14.070  -4.734  2.673   1.00 0.00 ? 15 G A P      2 
ATOM 939  O OP1    . G A 1 15 ? 15.279  -4.939  3.501   1.00 0.00 ? 15 G A OP1    2 
ATOM 940  O OP2    . G A 1 15 ? 14.164  -3.978  1.402   1.00 0.00 ? 15 G A OP2    2 
ATOM 941  O "O5'"  . G A 1 15 ? 13.423  -6.176  2.357   1.00 0.00 ? 15 G A "O5'"  2 
ATOM 942  C "C5'"  . G A 1 15 ? 13.902  -6.972  1.268   1.00 0.00 ? 15 G A "C5'"  2 
ATOM 943  C "C4'"  . G A 1 15 ? 12.774  -7.766  0.615   1.00 0.00 ? 15 G A "C4'"  2 
ATOM 944  O "O4'"  . G A 1 15 ? 11.789  -6.867  0.119   1.00 0.00 ? 15 G A "O4'"  2 
ATOM 945  C "C3'"  . G A 1 15 ? 13.180  -8.549  -0.616  1.00 0.00 ? 15 G A "C3'"  2 
ATOM 946  O "O3'"  . G A 1 15 ? 13.795  -9.790  -0.258  1.00 0.00 ? 15 G A "O3'"  2 
ATOM 947  C "C2'"  . G A 1 15 ? 11.828  -8.780  -1.285  1.00 0.00 ? 15 G A "C2'"  2 
ATOM 948  O "O2'"  . G A 1 15 ? 11.158  -9.897  -0.687  1.00 0.00 ? 15 G A "O2'"  2 
ATOM 949  C "C1'"  . G A 1 15 ? 11.079  -7.478  -0.970  1.00 0.00 ? 15 G A "C1'"  2 
ATOM 950  N N9     . G A 1 15 ? 11.107  -6.543  -2.107  1.00 0.00 ? 15 G A N9     2 
ATOM 951  C C8     . G A 1 15 ? 11.823  -5.382  -2.228  1.00 0.00 ? 15 G A C8     2 
ATOM 952  N N7     . G A 1 15 ? 11.667  -4.787  -3.377  1.00 0.00 ? 15 G A N7     2 
ATOM 953  C C5     . G A 1 15 ? 10.785  -5.615  -4.066  1.00 0.00 ? 15 G A C5     2 
ATOM 954  C C6     . G A 1 15 ? 10.244  -5.487  -5.374  1.00 0.00 ? 15 G A C6     2 
ATOM 955  O O6     . G A 1 15 ? 10.439  -4.602  -6.201  1.00 0.00 ? 15 G A O6     2 
ATOM 956  N N1     . G A 1 15 ? 9.397   -6.536  -5.677  1.00 0.00 ? 15 G A N1     2 
ATOM 957  C C2     . G A 1 15 ? 9.100   -7.578  -4.839  1.00 0.00 ? 15 G A C2     2 
ATOM 958  N N2     . G A 1 15 ? 8.252   -8.491  -5.292  1.00 0.00 ? 15 G A N2     2 
ATOM 959  N N3     . G A 1 15 ? 9.598   -7.714  -3.611  1.00 0.00 ? 15 G A N3     2 
ATOM 960  C C4     . G A 1 15 ? 10.434  -6.696  -3.293  1.00 0.00 ? 15 G A C4     2 
ATOM 961  H "H5'"  . G A 1 15 ? 14.657  -7.665  1.638   1.00 0.00 ? 15 G A "H5'"  2 
ATOM 962  H "H5''" . G A 1 15 ? 14.352  -6.318  0.520   1.00 0.00 ? 15 G A "H5''" 2 
ATOM 963  H "H4'"  . G A 1 15 ? 12.320  -8.421  1.358   1.00 0.00 ? 15 G A "H4'"  2 
ATOM 964  H "H3'"  . G A 1 15 ? 13.830  -7.951  -1.258  1.00 0.00 ? 15 G A "H3'"  2 
ATOM 965  H "HO3'" . G A 1 15 ? 13.100  -10.366 0.071   1.00 0.00 ? 15 G A "HO3'" 2 
ATOM 966  H "H2'"  . G A 1 15 ? 11.938  -8.918  -2.361  1.00 0.00 ? 15 G A "H2'"  2 
ATOM 967  H "HO2'" . G A 1 15 ? 10.274  -9.935  -1.064  1.00 0.00 ? 15 G A "HO2'" 2 
ATOM 968  H "H1'"  . G A 1 15 ? 10.047  -7.673  -0.676  1.00 0.00 ? 15 G A "H1'"  2 
ATOM 969  H H8     . G A 1 15 ? 12.459  -4.993  -1.432  1.00 0.00 ? 15 G A H8     2 
ATOM 970  H H1     . G A 1 15 ? 8.967   -6.526  -6.586  1.00 0.00 ? 15 G A H1     2 
ATOM 971  H H21    . G A 1 15 ? 7.818   -8.375  -6.197  1.00 0.00 ? 15 G A H21    2 
ATOM 972  H H22    . G A 1 15 ? 8.036   -9.300  -4.728  1.00 0.00 ? 15 G A H22    2 
ATOM 973  O "O5'"  . G A 1 1  ? 4.201   -4.077  -10.457 1.00 0.00 ? 1  G A "O5'"  3 
ATOM 974  C "C5'"  . G A 1 1  ? 4.575   -5.446  -10.635 1.00 0.00 ? 1  G A "C5'"  3 
ATOM 975  C "C4'"  . G A 1 1  ? 5.069   -6.067  -9.331  1.00 0.00 ? 1  G A "C4'"  3 
ATOM 976  O "O4'"  . G A 1 1  ? 6.132   -5.279  -8.801  1.00 0.00 ? 1  G A "O4'"  3 
ATOM 977  C "C3'"  . G A 1 1  ? 4.064   -6.071  -8.199  1.00 0.00 ? 1  G A "C3'"  3 
ATOM 978  O "O3'"  . G A 1 1  ? 3.269   -7.258  -8.330  1.00 0.00 ? 1  G A "O3'"  3 
ATOM 979  C "C2'"  . G A 1 1  ? 4.954   -6.243  -6.969  1.00 0.00 ? 1  G A "C2'"  3 
ATOM 980  O "O2'"  . G A 1 1  ? 5.232   -7.627  -6.731  1.00 0.00 ? 1  G A "O2'"  3 
ATOM 981  C "C1'"  . G A 1 1  ? 6.239   -5.506  -7.384  1.00 0.00 ? 1  G A "C1'"  3 
ATOM 982  N N9     . G A 1 1  ? 6.375   -4.202  -6.707  1.00 0.00 ? 1  G A N9     3 
ATOM 983  C C8     . G A 1 1  ? 6.018   -2.958  -7.161  1.00 0.00 ? 1  G A C8     3 
ATOM 984  N N7     . G A 1 1  ? 6.281   -1.997  -6.322  1.00 0.00 ? 1  G A N7     3 
ATOM 985  C C5     . G A 1 1  ? 6.853   -2.649  -5.234  1.00 0.00 ? 1  G A C5     3 
ATOM 986  C C6     . G A 1 1  ? 7.344   -2.124  -4.006  1.00 0.00 ? 1  G A C6     3 
ATOM 987  O O6     . G A 1 1  ? 7.374   -0.956  -3.632  1.00 0.00 ? 1  G A O6     3 
ATOM 988  N N1     . G A 1 1  ? 7.836   -3.123  -3.188  1.00 0.00 ? 1  G A N1     3 
ATOM 989  C C2     . G A 1 1  ? 7.857   -4.457  -3.499  1.00 0.00 ? 1  G A C2     3 
ATOM 990  N N2     . G A 1 1  ? 8.360   -5.278  -2.592  1.00 0.00 ? 1  G A N2     3 
ATOM 991  N N3     . G A 1 1  ? 7.401   -4.963  -4.642  1.00 0.00 ? 1  G A N3     3 
ATOM 992  C C4     . G A 1 1  ? 6.914   -4.002  -5.461  1.00 0.00 ? 1  G A C4     3 
ATOM 993  H "H5'"  . G A 1 1  ? 5.367   -5.505  -11.379 1.00 0.00 ? 1  G A "H5'"  3 
ATOM 994  H "H5''" . G A 1 1  ? 3.710   -6.006  -10.991 1.00 0.00 ? 1  G A "H5''" 3 
ATOM 995  H "H4'"  . G A 1 1  ? 5.432   -7.075  -9.529  1.00 0.00 ? 1  G A "H4'"  3 
ATOM 996  H "H3'"  . G A 1 1  ? 3.452   -5.169  -8.162  1.00 0.00 ? 1  G A "H3'"  3 
ATOM 997  H "H2'"  . G A 1 1  ? 4.507   -5.778  -6.096  1.00 0.00 ? 1  G A "H2'"  3 
ATOM 998  H "HO2'" . G A 1 1  ? 5.193   -7.765  -5.779  1.00 0.00 ? 1  G A "HO2'" 3 
ATOM 999  H "H1'"  . G A 1 1  ? 7.119   -6.113  -7.179  1.00 0.00 ? 1  G A "H1'"  3 
ATOM 1000 H H8     . G A 1 1  ? 5.550   -2.791  -8.130  1.00 0.00 ? 1  G A H8     3 
ATOM 1001 H H1     . G A 1 1  ? 8.209   -2.840  -2.295  1.00 0.00 ? 1  G A H1     3 
ATOM 1002 H H21    . G A 1 1  ? 8.698   -4.912  -1.712  1.00 0.00 ? 1  G A H21    3 
ATOM 1003 H H22    . G A 1 1  ? 8.410   -6.266  -2.781  1.00 0.00 ? 1  G A H22    3 
ATOM 1004 H "HO5'" . G A 1 1  ? 4.931   -3.640  -10.010 1.00 0.00 ? 1  G A "HO5'" 3 
ATOM 1005 P P      . C A 1 2  ? 1.888   -7.414  -7.514  1.00 0.00 ? 2  C A P      3 
ATOM 1006 O OP1    . C A 1 2  ? 1.295   -8.728  -7.852  1.00 0.00 ? 2  C A OP1    3 
ATOM 1007 O OP2    . C A 1 2  ? 1.095   -6.179  -7.704  1.00 0.00 ? 2  C A OP2    3 
ATOM 1008 O "O5'"  . C A 1 2  ? 2.380   -7.459  -5.979  1.00 0.00 ? 2  C A "O5'"  3 
ATOM 1009 C "C5'"  . C A 1 2  ? 2.912   -8.666  -5.417  1.00 0.00 ? 2  C A "C5'"  3 
ATOM 1010 C "C4'"  . C A 1 2  ? 3.465   -8.446  -4.012  1.00 0.00 ? 2  C A "C4'"  3 
ATOM 1011 O "O4'"  . C A 1 2  ? 4.494   -7.450  -4.042  1.00 0.00 ? 2  C A "O4'"  3 
ATOM 1012 C "C3'"  . C A 1 2  ? 2.482   -7.881  -3.008  1.00 0.00 ? 2  C A "C3'"  3 
ATOM 1013 O "O3'"  . C A 1 2  ? 1.735   -8.976  -2.460  1.00 0.00 ? 2  C A "O3'"  3 
ATOM 1014 C "C2'"  . C A 1 2  ? 3.421   -7.367  -1.928  1.00 0.00 ? 2  C A "C2'"  3 
ATOM 1015 O "O2'"  . C A 1 2  ? 3.913   -8.446  -1.126  1.00 0.00 ? 2  C A "O2'"  3 
ATOM 1016 C "C1'"  . C A 1 2  ? 4.549   -6.766  -2.773  1.00 0.00 ? 2  C A "C1'"  3 
ATOM 1017 N N1     . C A 1 2  ? 4.372   -5.312  -2.994  1.00 0.00 ? 2  C A N1     3 
ATOM 1018 C C2     . C A 1 2  ? 5.008   -4.449  -2.116  1.00 0.00 ? 2  C A C2     3 
ATOM 1019 O O2     . C A 1 2  ? 5.687   -4.887  -1.193  1.00 0.00 ? 2  C A O2     3 
ATOM 1020 N N3     . C A 1 2  ? 4.864   -3.109  -2.293  1.00 0.00 ? 2  C A N3     3 
ATOM 1021 C C4     . C A 1 2  ? 4.122   -2.631  -3.297  1.00 0.00 ? 2  C A C4     3 
ATOM 1022 N N4     . C A 1 2  ? 4.023   -1.311  -3.417  1.00 0.00 ? 2  C A N4     3 
ATOM 1023 C C5     . C A 1 2  ? 3.461   -3.512  -4.209  1.00 0.00 ? 2  C A C5     3 
ATOM 1024 C C6     . C A 1 2  ? 3.611   -4.836  -4.023  1.00 0.00 ? 2  C A C6     3 
ATOM 1025 H "H5'"  . C A 1 2  ? 3.713   -9.035  -6.059  1.00 0.00 ? 2  C A "H5'"  3 
ATOM 1026 H "H5''" . C A 1 2  ? 2.121   -9.414  -5.373  1.00 0.00 ? 2  C A "H5''" 3 
ATOM 1027 H "H4'"  . C A 1 2  ? 3.888   -9.383  -3.647  1.00 0.00 ? 2  C A "H4'"  3 
ATOM 1028 H "H3'"  . C A 1 2  ? 1.835   -7.106  -3.423  1.00 0.00 ? 2  C A "H3'"  3 
ATOM 1029 H "H2'"  . C A 1 2  ? 2.941   -6.608  -1.314  1.00 0.00 ? 2  C A "H2'"  3 
ATOM 1030 H "HO2'" . C A 1 2  ? 3.152   -8.875  -0.728  1.00 0.00 ? 2  C A "HO2'" 3 
ATOM 1031 H "H1'"  . C A 1 2  ? 5.519   -6.945  -2.310  1.00 0.00 ? 2  C A "H1'"  3 
ATOM 1032 H H41    . C A 1 2  ? 4.515   -0.706  -2.771  1.00 0.00 ? 2  C A H41    3 
ATOM 1033 H H42    . C A 1 2  ? 3.459   -0.912  -4.154  1.00 0.00 ? 2  C A H42    3 
ATOM 1034 H H5     . C A 1 2  ? 2.854   -3.133  -5.031  1.00 0.00 ? 2  C A H5     3 
ATOM 1035 H H6     . C A 1 2  ? 3.119   -5.536  -4.699  1.00 0.00 ? 2  C A H6     3 
ATOM 1036 P P      . U A 1 3  ? 0.288   -8.727  -1.792  1.00 0.00 ? 3  U A P      3 
ATOM 1037 O OP1    . U A 1 3  ? -0.332  -10.046 -1.527  1.00 0.00 ? 3  U A OP1    3 
ATOM 1038 O OP2    . U A 1 3  ? -0.432  -7.722  -2.605  1.00 0.00 ? 3  U A OP2    3 
ATOM 1039 O "O5'"  . U A 1 3  ? 0.666   -8.048  -0.380  1.00 0.00 ? 3  U A "O5'"  3 
ATOM 1040 C "C5'"  . U A 1 3  ? 1.072   -8.851  0.736   1.00 0.00 ? 3  U A "C5'"  3 
ATOM 1041 C "C4'"  . U A 1 3  ? 1.463   -7.994  1.937   1.00 0.00 ? 3  U A "C4'"  3 
ATOM 1042 O "O4'"  . U A 1 3  ? 2.541   -7.123  1.571   1.00 0.00 ? 3  U A "O4'"  3 
ATOM 1043 C "C3'"  . U A 1 3  ? 0.389   -7.038  2.421   1.00 0.00 ? 3  U A "C3'"  3 
ATOM 1044 O "O3'"  . U A 1 3  ? -0.424  -7.745  3.368   1.00 0.00 ? 3  U A "O3'"  3 
ATOM 1045 C "C2'"  . U A 1 3  ? 1.211   -6.013  3.186   1.00 0.00 ? 3  U A "C2'"  3 
ATOM 1046 O "O2'"  . U A 1 3  ? 1.613   -6.532  4.458   1.00 0.00 ? 3  U A "O2'"  3 
ATOM 1047 C "C1'"  . U A 1 3  ? 2.418   -5.860  2.258   1.00 0.00 ? 3  U A "C1'"  3 
ATOM 1048 N N1     . U A 1 3  ? 2.230   -4.791  1.252   1.00 0.00 ? 3  U A N1     3 
ATOM 1049 C C2     . U A 1 3  ? 2.735   -3.539  1.547   1.00 0.00 ? 3  U A C2     3 
ATOM 1050 O O2     . U A 1 3  ? 3.318   -3.289  2.596   1.00 0.00 ? 3  U A O2     3 
ATOM 1051 N N3     . U A 1 3  ? 2.549   -2.571  0.587   1.00 0.00 ? 3  U A N3     3 
ATOM 1052 C C4     . U A 1 3  ? 1.914   -2.739  -0.624  1.00 0.00 ? 3  U A C4     3 
ATOM 1053 O O4     . U A 1 3  ? 1.819   -1.793  -1.400  1.00 0.00 ? 3  U A O4     3 
ATOM 1054 C C5     . U A 1 3  ? 1.412   -4.071  -0.863  1.00 0.00 ? 3  U A C5     3 
ATOM 1055 C C6     . U A 1 3  ? 1.583   -5.038  0.070   1.00 0.00 ? 3  U A C6     3 
ATOM 1056 H "H5'"  . U A 1 3  ? 1.925   -9.463  0.445   1.00 0.00 ? 3  U A "H5'"  3 
ATOM 1057 H "H5''" . U A 1 3  ? 0.246   -9.503  1.023   1.00 0.00 ? 3  U A "H5''" 3 
ATOM 1058 H "H4'"  . U A 1 3  ? 1.791   -8.645  2.747   1.00 0.00 ? 3  U A "H4'"  3 
ATOM 1059 H "H3'"  . U A 1 3  ? -0.202  -6.603  1.615   1.00 0.00 ? 3  U A "H3'"  3 
ATOM 1060 H "H2'"  . U A 1 3  ? 0.673   -5.071  3.295   1.00 0.00 ? 3  U A "H2'"  3 
ATOM 1061 H "HO2'" . U A 1 3  ? 0.823   -6.860  4.892   1.00 0.00 ? 3  U A "HO2'" 3 
ATOM 1062 H "H1'"  . U A 1 3  ? 3.327   -5.667  2.828   1.00 0.00 ? 3  U A "H1'"  3 
ATOM 1063 H H3     . U A 1 3  ? 2.906   -1.650  0.792   1.00 0.00 ? 3  U A H3     3 
ATOM 1064 H H5     . U A 1 3  ? 0.893   -4.298  -1.795  1.00 0.00 ? 3  U A H5     3 
ATOM 1065 H H6     . U A 1 3  ? 1.197   -6.039  -0.126  1.00 0.00 ? 3  U A H6     3 
ATOM 1066 P P      . C A 1 4  ? -1.991  -7.404  3.521   1.00 0.00 ? 4  C A P      3 
ATOM 1067 O OP1    . C A 1 4  ? -2.601  -8.406  4.424   1.00 0.00 ? 4  C A OP1    3 
ATOM 1068 O OP2    . C A 1 4  ? -2.553  -7.191  2.168   1.00 0.00 ? 4  C A OP2    3 
ATOM 1069 O "O5'"  . C A 1 4  ? -1.968  -5.982  4.280   1.00 0.00 ? 4  C A "O5'"  3 
ATOM 1070 C "C5'"  . C A 1 4  ? -1.671  -5.902  5.679   1.00 0.00 ? 4  C A "C5'"  3 
ATOM 1071 C "C4'"  . C A 1 4  ? -1.496  -4.457  6.139   1.00 0.00 ? 4  C A "C4'"  3 
ATOM 1072 O "O4'"  . C A 1 4  ? -0.424  -3.849  5.408   1.00 0.00 ? 4  C A "O4'"  3 
ATOM 1073 C "C3'"  . C A 1 4  ? -2.676  -3.547  5.853   1.00 0.00 ? 4  C A "C3'"  3 
ATOM 1074 O "O3'"  . C A 1 4  ? -3.577  -3.647  6.964   1.00 0.00 ? 4  C A "O3'"  3 
ATOM 1075 C "C2'"  . C A 1 4  ? -2.024  -2.175  5.905   1.00 0.00 ? 4  C A "C2'"  3 
ATOM 1076 O "O2'"  . C A 1 4  ? -1.783  -1.779  7.260   1.00 0.00 ? 4  C A "O2'"  3 
ATOM 1077 C "C1'"  . C A 1 4  ? -0.704  -2.453  5.181   1.00 0.00 ? 4  C A "C1'"  3 
ATOM 1078 N N1     . C A 1 4  ? -0.796  -2.216  3.725   1.00 0.00 ? 4  C A N1     3 
ATOM 1079 C C2     . C A 1 4  ? -0.470  -0.951  3.255   1.00 0.00 ? 4  C A C2     3 
ATOM 1080 O O2     . C A 1 4  ? -0.124  -0.069  4.034   1.00 0.00 ? 4  C A O2     3 
ATOM 1081 N N3     . C A 1 4  ? -0.542  -0.710  1.920   1.00 0.00 ? 4  C A N3     3 
ATOM 1082 C C4     . C A 1 4  ? -0.919  -1.674  1.073   1.00 0.00 ? 4  C A C4     3 
ATOM 1083 N N4     . C A 1 4  ? -0.970  -1.373  -0.221  1.00 0.00 ? 4  C A N4     3 
ATOM 1084 C C5     . C A 1 4  ? -1.257  -2.980  1.545   1.00 0.00 ? 4  C A C5     3 
ATOM 1085 C C6     . C A 1 4  ? -1.182  -3.207  2.869   1.00 0.00 ? 4  C A C6     3 
ATOM 1086 H "H5'"  . C A 1 4  ? -0.751  -6.451  5.881   1.00 0.00 ? 4  C A "H5'"  3 
ATOM 1087 H "H5''" . C A 1 4  ? -2.487  -6.357  6.243   1.00 0.00 ? 4  C A "H5''" 3 
ATOM 1088 H "H4'"  . C A 1 4  ? -1.253  -4.449  7.201   1.00 0.00 ? 4  C A "H4'"  3 
ATOM 1089 H "H3'"  . C A 1 4  ? -3.165  -3.756  4.902   1.00 0.00 ? 4  C A "H3'"  3 
ATOM 1090 H "H2'"  . C A 1 4  ? -2.618  -1.432  5.374   1.00 0.00 ? 4  C A "H2'"  3 
ATOM 1091 H "HO2'" . C A 1 4  ? -2.636  -1.740  7.700   1.00 0.00 ? 4  C A "HO2'" 3 
ATOM 1092 H "H1'"  . C A 1 4  ? 0.101   -1.849  5.597   1.00 0.00 ? 4  C A "H1'"  3 
ATOM 1093 H H41    . C A 1 4  ? -0.699  -0.449  -0.536  1.00 0.00 ? 4  C A H41    3 
ATOM 1094 H H42    . C A 1 4  ? -1.276  -2.065  -0.890  1.00 0.00 ? 4  C A H42    3 
ATOM 1095 H H5     . C A 1 4  ? -1.565  -3.772  0.862   1.00 0.00 ? 4  C A H5     3 
ATOM 1096 H H6     . C A 1 4  ? -1.433  -4.192  3.263   1.00 0.00 ? 4  C A H6     3 
ATOM 1097 P P      . C A 1 5  ? -5.167  -3.519  6.744   1.00 0.00 ? 5  C A P      3 
ATOM 1098 O OP1    . C A 1 5  ? -5.837  -3.884  8.013   1.00 0.00 ? 5  C A OP1    3 
ATOM 1099 O OP2    . C A 1 5  ? -5.520  -4.225  5.492   1.00 0.00 ? 5  C A OP2    3 
ATOM 1100 O "O5'"  . C A 1 5  ? -5.361  -1.936  6.504   1.00 0.00 ? 5  C A "O5'"  3 
ATOM 1101 C "C5'"  . C A 1 5  ? -5.240  -1.008  7.589   1.00 0.00 ? 5  C A "C5'"  3 
ATOM 1102 C "C4'"  . C A 1 5  ? -4.963  0.411   7.099   1.00 0.00 ? 5  C A "C4'"  3 
ATOM 1103 O "O4'"  . C A 1 5  ? -3.814  0.397   6.240   1.00 0.00 ? 5  C A "O4'"  3 
ATOM 1104 C "C3'"  . C A 1 5  ? -6.046  1.026   6.226   1.00 0.00 ? 5  C A "C3'"  3 
ATOM 1105 O "O3'"  . C A 1 5  ? -7.001  1.653   7.101   1.00 0.00 ? 5  C A "O3'"  3 
ATOM 1106 C "C2'"  . C A 1 5  ? -5.268  2.114   5.503   1.00 0.00 ? 5  C A "C2'"  3 
ATOM 1107 O "O2'"  . C A 1 5  ? -5.028  3.233   6.366   1.00 0.00 ? 5  C A "O2'"  3 
ATOM 1108 C "C1'"  . C A 1 5  ? -3.958  1.384   5.197   1.00 0.00 ? 5  C A "C1'"  3 
ATOM 1109 N N1     . C A 1 5  ? -3.992  0.696   3.888   1.00 0.00 ? 5  C A N1     3 
ATOM 1110 C C2     . C A 1 5  ? -3.555  1.405   2.779   1.00 0.00 ? 5  C A C2     3 
ATOM 1111 O O2     . C A 1 5  ? -3.149  2.557   2.896   1.00 0.00 ? 5  C A O2     3 
ATOM 1112 N N3     . C A 1 5  ? -3.593  0.802   1.561   1.00 0.00 ? 5  C A N3     3 
ATOM 1113 C C4     . C A 1 5  ? -4.040  -0.450  1.434   1.00 0.00 ? 5  C A C4     3 
ATOM 1114 N N4     . C A 1 5  ? -4.059  -0.978  0.214   1.00 0.00 ? 5  C A N4     3 
ATOM 1115 C C5     . C A 1 5  ? -4.491  -1.192  2.571   1.00 0.00 ? 5  C A C5     3 
ATOM 1116 C C6     . C A 1 5  ? -4.448  -0.585  3.771   1.00 0.00 ? 5  C A C6     3 
ATOM 1117 H "H5'"  . C A 1 5  ? -4.424  -1.323  8.238   1.00 0.00 ? 5  C A "H5'"  3 
ATOM 1118 H "H5''" . C A 1 5  ? -6.168  -1.009  8.163   1.00 0.00 ? 5  C A "H5''" 3 
ATOM 1119 H "H4'"  . C A 1 5  ? -4.755  1.049   7.958   1.00 0.00 ? 5  C A "H4'"  3 
ATOM 1120 H "H3'"  . C A 1 5  ? -6.514  0.309   5.552   1.00 0.00 ? 5  C A "H3'"  3 
ATOM 1121 H "H2'"  . C A 1 5  ? -5.772  2.422   4.586   1.00 0.00 ? 5  C A "H2'"  3 
ATOM 1122 H "HO2'" . C A 1 5  ? -5.882  3.633   6.560   1.00 0.00 ? 5  C A "HO2'" 3 
ATOM 1123 H "H1'"  . C A 1 5  ? -3.112  2.068   5.227   1.00 0.00 ? 5  C A "H1'"  3 
ATOM 1124 H H41    . C A 1 5  ? -3.693  -0.451  -0.570  1.00 0.00 ? 5  C A H41    3 
ATOM 1125 H H42    . C A 1 5  ? -4.440  -1.900  0.067   1.00 0.00 ? 5  C A H42    3 
ATOM 1126 H H5     . C A 1 5  ? -4.857  -2.214  2.478   1.00 0.00 ? 5  C A H5     3 
ATOM 1127 H H6     . C A 1 5  ? -4.779  -1.124  4.661   1.00 0.00 ? 5  C A H6     3 
ATOM 1128 P P      . A A 1 6  ? -8.095  2.703   6.541   1.00 0.00 ? 6  A A P      3 
ATOM 1129 O OP1    . A A 1 6  ? -7.445  4.031   6.438   1.00 0.00 ? 6  A A OP1    3 
ATOM 1130 O OP2    . A A 1 6  ? -9.332  2.554   7.341   1.00 0.00 ? 6  A A OP2    3 
ATOM 1131 O "O5'"  . A A 1 6  ? -8.389  2.172   5.045   1.00 0.00 ? 6  A A "O5'"  3 
ATOM 1132 C "C5'"  . A A 1 6  ? -9.481  1.282   4.777   1.00 0.00 ? 6  A A "C5'"  3 
ATOM 1133 C "C4'"  . A A 1 6  ? -8.998  -0.033  4.173   1.00 0.00 ? 6  A A "C4'"  3 
ATOM 1134 O "O4'"  . A A 1 6  ? -8.139  -0.687  5.102   1.00 0.00 ? 6  A A "O4'"  3 
ATOM 1135 C "C3'"  . A A 1 6  ? -10.083 -1.064  3.934   1.00 0.00 ? 6  A A "C3'"  3 
ATOM 1136 O "O3'"  . A A 1 6  ? -10.631 -0.828  2.628   1.00 0.00 ? 6  A A "O3'"  3 
ATOM 1137 C "C2'"  . A A 1 6  ? -9.293  -2.367  3.873   1.00 0.00 ? 6  A A "C2'"  3 
ATOM 1138 O "O2'"  . A A 1 6  ? -8.762  -2.571  2.559   1.00 0.00 ? 6  A A "O2'"  3 
ATOM 1139 C "C1'"  . A A 1 6  ? -8.155  -2.105  4.874   1.00 0.00 ? 6  A A "C1'"  3 
ATOM 1140 N N9     . A A 1 6  ? -8.385  -2.777  6.167   1.00 0.00 ? 6  A A N9     3 
ATOM 1141 C C8     . A A 1 6  ? -8.513  -2.215  7.412   1.00 0.00 ? 6  A A C8     3 
ATOM 1142 N N7     . A A 1 6  ? -8.725  -3.085  8.361   1.00 0.00 ? 6  A A N7     3 
ATOM 1143 C C5     . A A 1 6  ? -8.738  -4.306  7.692   1.00 0.00 ? 6  A A C5     3 
ATOM 1144 C C6     . A A 1 6  ? -8.916  -5.629  8.129   1.00 0.00 ? 6  A A C6     3 
ATOM 1145 N N6     . A A 1 6  ? -9.128  -5.965  9.398   1.00 0.00 ? 6  A A N6     3 
ATOM 1146 N N1     . A A 1 6  ? -8.872  -6.603  7.210   1.00 0.00 ? 6  A A N1     3 
ATOM 1147 C C2     . A A 1 6  ? -8.661  -6.280  5.939   1.00 0.00 ? 6  A A C2     3 
ATOM 1148 N N3     . A A 1 6  ? -8.480  -5.083  5.402   1.00 0.00 ? 6  A A N3     3 
ATOM 1149 C C4     . A A 1 6  ? -8.531  -4.129  6.356   1.00 0.00 ? 6  A A C4     3 
ATOM 1150 H "H5'"  . A A 1 6  ? -10.170 1.762   4.080   1.00 0.00 ? 6  A A "H5'"  3 
ATOM 1151 H "H5''" . A A 1 6  ? -10.008 1.072   5.708   1.00 0.00 ? 6  A A "H5''" 3 
ATOM 1152 H "H4'"  . A A 1 6  ? -8.449  0.172   3.256   1.00 0.00 ? 6  A A "H4'"  3 
ATOM 1153 H "H3'"  . A A 1 6  ? -10.853 -1.066  4.705   1.00 0.00 ? 6  A A "H3'"  3 
ATOM 1154 H "H2'"  . A A 1 6  ? -9.904  -3.213  4.186   1.00 0.00 ? 6  A A "H2'"  3 
ATOM 1155 H "HO2'" . A A 1 6  ? -9.294  -2.046  1.953   1.00 0.00 ? 6  A A "HO2'" 3 
ATOM 1156 H "H1'"  . A A 1 6  ? -7.194  -2.419  4.466   1.00 0.00 ? 6  A A "H1'"  3 
ATOM 1157 H H8     . A A 1 6  ? -8.440  -1.140  7.593   1.00 0.00 ? 6  A A H8     3 
ATOM 1158 H H61    . A A 1 6  ? -9.253  -6.934  9.649   1.00 0.00 ? 6  A A H61    3 
ATOM 1159 H H62    . A A 1 6  ? -9.163  -5.250  10.110  1.00 0.00 ? 6  A A H62    3 
ATOM 1160 H H2     . A A 1 6  ? -8.635  -7.117  5.239   1.00 0.00 ? 6  A A H2     3 
ATOM 1161 P P      . G A 1 7  ? -11.947 -1.621  2.138   1.00 0.00 ? 7  G A P      3 
ATOM 1162 O OP1    . G A 1 7  ? -12.642 -2.150  3.334   1.00 0.00 ? 7  G A OP1    3 
ATOM 1163 O OP2    . G A 1 7  ? -11.553 -2.546  1.055   1.00 0.00 ? 7  G A OP2    3 
ATOM 1164 O "O5'"  . G A 1 7  ? -12.859 -0.449  1.507   1.00 0.00 ? 7  G A "O5'"  3 
ATOM 1165 C "C5'"  . G A 1 7  ? -13.269 -0.483  0.133   1.00 0.00 ? 7  G A "C5'"  3 
ATOM 1166 C "C4'"  . G A 1 7  ? -12.321 0.312   -0.758  1.00 0.00 ? 7  G A "C4'"  3 
ATOM 1167 O "O4'"  . G A 1 7  ? -11.052 -0.352  -0.813  1.00 0.00 ? 7  G A "O4'"  3 
ATOM 1168 C "C3'"  . G A 1 7  ? -12.769 0.438   -2.211  1.00 0.00 ? 7  G A "C3'"  3 
ATOM 1169 O "O3'"  . G A 1 7  ? -12.223 1.660   -2.728  1.00 0.00 ? 7  G A "O3'"  3 
ATOM 1170 C "C2'"  . G A 1 7  ? -12.069 -0.707  -2.919  1.00 0.00 ? 7  G A "C2'"  3 
ATOM 1171 O "O2'"  . G A 1 7  ? -11.813 -0.369  -4.288  1.00 0.00 ? 7  G A "O2'"  3 
ATOM 1172 C "C1'"  . G A 1 7  ? -10.764 -0.819  -2.136  1.00 0.00 ? 7  G A "C1'"  3 
ATOM 1173 N N9     . G A 1 7  ? -10.311 -2.215  -2.036  1.00 0.00 ? 7  G A N9     3 
ATOM 1174 C C8     . G A 1 7  ? -11.005 -3.291  -1.556  1.00 0.00 ? 7  G A C8     3 
ATOM 1175 N N7     . G A 1 7  ? -10.339 -4.411  -1.606  1.00 0.00 ? 7  G A N7     3 
ATOM 1176 C C5     . G A 1 7  ? -9.115  -4.045  -2.159  1.00 0.00 ? 7  G A C5     3 
ATOM 1177 C C6     . G A 1 7  ? -7.972  -4.837  -2.461  1.00 0.00 ? 7  G A C6     3 
ATOM 1178 O O6     . G A 1 7  ? -7.810  -6.043  -2.298  1.00 0.00 ? 7  G A O6     3 
ATOM 1179 N N1     . G A 1 7  ? -6.955  -4.078  -3.008  1.00 0.00 ? 7  G A N1     3 
ATOM 1180 C C2     . G A 1 7  ? -7.020  -2.726  -3.240  1.00 0.00 ? 7  G A C2     3 
ATOM 1181 N N2     . G A 1 7  ? -5.950  -2.154  -3.774  1.00 0.00 ? 7  G A N2     3 
ATOM 1182 N N3     . G A 1 7  ? -8.079  -1.970  -2.966  1.00 0.00 ? 7  G A N3     3 
ATOM 1183 C C4     . G A 1 7  ? -9.089  -2.698  -2.428  1.00 0.00 ? 7  G A C4     3 
ATOM 1184 H "H5'"  . G A 1 7  ? -14.270 -0.056  0.054   1.00 0.00 ? 7  G A "H5'"  3 
ATOM 1185 H "H5''" . G A 1 7  ? -13.297 -1.518  -0.207  1.00 0.00 ? 7  G A "H5''" 3 
ATOM 1186 H "H4'"  . G A 1 7  ? -12.178 1.299   -0.320  1.00 0.00 ? 7  G A "H4'"  3 
ATOM 1187 H "H3'"  . G A 1 7  ? -13.848 0.395   -2.322  1.00 0.00 ? 7  G A "H3'"  3 
ATOM 1188 H "H2'"  . G A 1 7  ? -12.655 -1.621  -2.847  1.00 0.00 ? 7  G A "H2'"  3 
ATOM 1189 H "HO2'" . G A 1 7  ? -11.511 0.542   -4.303  1.00 0.00 ? 7  G A "HO2'" 3 
ATOM 1190 H "H1'"  . G A 1 7  ? -9.977  -0.206  -2.582  1.00 0.00 ? 7  G A "H1'"  3 
ATOM 1191 H H8     . G A 1 7  ? -12.022 -3.212  -1.161  1.00 0.00 ? 7  G A H8     3 
ATOM 1192 H H1     . G A 1 7  ? -6.107  -4.559  -3.252  1.00 0.00 ? 7  G A H1     3 
ATOM 1193 H H21    . G A 1 7  ? -5.134  -2.707  -3.988  1.00 0.00 ? 7  G A H21    3 
ATOM 1194 H H22    . G A 1 7  ? -5.954  -1.163  -3.967  1.00 0.00 ? 7  G A H22    3 
ATOM 1195 P P      . A A 1 8  ? -12.822 3.090   -2.285  1.00 0.00 ? 8  A A P      3 
ATOM 1196 O OP1    . A A 1 8  ? -12.036 3.585   -1.132  1.00 0.00 ? 8  A A OP1    3 
ATOM 1197 O OP2    . A A 1 8  ? -14.293 2.962   -2.171  1.00 0.00 ? 8  A A OP2    3 
ATOM 1198 O "O5'"  . A A 1 8  ? -12.494 4.025   -3.559  1.00 0.00 ? 8  A A "O5'"  3 
ATOM 1199 C "C5'"  . A A 1 8  ? -11.148 4.198   -4.021  1.00 0.00 ? 8  A A "C5'"  3 
ATOM 1200 C "C4'"  . A A 1 8  ? -10.636 2.958   -4.751  1.00 0.00 ? 8  A A "C4'"  3 
ATOM 1201 O "O4'"  . A A 1 8  ? -11.454 2.713   -5.900  1.00 0.00 ? 8  A A "O4'"  3 
ATOM 1202 C "C3'"  . A A 1 8  ? -9.238  3.084   -5.326  1.00 0.00 ? 8  A A "C3'"  3 
ATOM 1203 O "O3'"  . A A 1 8  ? -8.315  2.648   -4.319  1.00 0.00 ? 8  A A "O3'"  3 
ATOM 1204 C "C2'"  . A A 1 8  ? -9.248  2.028   -6.419  1.00 0.00 ? 8  A A "C2'"  3 
ATOM 1205 O "O2'"  . A A 1 8  ? -9.083  0.720   -5.859  1.00 0.00 ? 8  A A "O2'"  3 
ATOM 1206 C "C1'"  . A A 1 8  ? -10.658 2.199   -6.984  1.00 0.00 ? 8  A A "C1'"  3 
ATOM 1207 N N9     . A A 1 8  ? -10.706 3.160   -8.104  1.00 0.00 ? 8  A A N9     3 
ATOM 1208 C C8     . A A 1 8  ? -11.138 4.462   -8.102  1.00 0.00 ? 8  A A C8     3 
ATOM 1209 N N7     . A A 1 8  ? -11.055 5.042   -9.267  1.00 0.00 ? 8  A A N7     3 
ATOM 1210 C C5     . A A 1 8  ? -10.533 4.053   -10.094 1.00 0.00 ? 8  A A C5     3 
ATOM 1211 C C6     . A A 1 8  ? -10.202 4.025   -11.461 1.00 0.00 ? 8  A A C6     3 
ATOM 1212 N N6     . A A 1 8  ? -10.362 5.062   -12.277 1.00 0.00 ? 8  A A N6     3 
ATOM 1213 N N1     . A A 1 8  ? -9.707  2.886   -11.962 1.00 0.00 ? 8  A A N1     3 
ATOM 1214 C C2     . A A 1 8  ? -9.549  1.841   -11.158 1.00 0.00 ? 8  A A C2     3 
ATOM 1215 N N3     . A A 1 8  ? -9.819  1.738   -9.867  1.00 0.00 ? 8  A A N3     3 
ATOM 1216 C C4     . A A 1 8  ? -10.316 2.901   -9.395  1.00 0.00 ? 8  A A C4     3 
ATOM 1217 H "H5'"  . A A 1 8  ? -10.499 4.403   -3.169  1.00 0.00 ? 8  A A "H5'"  3 
ATOM 1218 H "H5''" . A A 1 8  ? -11.116 5.048   -4.703  1.00 0.00 ? 8  A A "H5''" 3 
ATOM 1219 H "H4'"  . A A 1 8  ? -10.698 2.100   -4.079  1.00 0.00 ? 8  A A "H4'"  3 
ATOM 1220 H "H3'"  . A A 1 8  ? -9.008  4.084   -5.694  1.00 0.00 ? 8  A A "H3'"  3 
ATOM 1221 H "H2'"  . A A 1 8  ? -8.491  2.231   -7.175  1.00 0.00 ? 8  A A "H2'"  3 
ATOM 1222 H "HO2'" . A A 1 8  ? -8.774  0.836   -4.956  1.00 0.00 ? 8  A A "HO2'" 3 
ATOM 1223 H "H1'"  . A A 1 8  ? -11.066 1.243   -7.311  1.00 0.00 ? 8  A A "H1'"  3 
ATOM 1224 H H8     . A A 1 8  ? -11.513 4.963   -7.210  1.00 0.00 ? 8  A A H8     3 
ATOM 1225 H H61    . A A 1 8  ? -10.072 4.993   -13.240 1.00 0.00 ? 8  A A H61    3 
ATOM 1226 H H62    . A A 1 8  ? -10.771 5.918   -11.931 1.00 0.00 ? 8  A A H62    3 
ATOM 1227 H H2     . A A 1 8  ? -9.141  0.948   -11.626 1.00 0.00 ? 8  A A H2     3 
ATOM 1228 P P      . U A 1 9  ? -6.884  3.368   -4.140  1.00 0.00 ? 9  U A P      3 
ATOM 1229 O OP1    . U A 1 9  ? -6.009  2.462   -3.364  1.00 0.00 ? 9  U A OP1    3 
ATOM 1230 O OP2    . U A 1 9  ? -7.123  4.750   -3.669  1.00 0.00 ? 9  U A OP2    3 
ATOM 1231 O "O5'"  . U A 1 9  ? -6.330  3.440   -5.656  1.00 0.00 ? 9  U A "O5'"  3 
ATOM 1232 C "C5'"  . U A 1 9  ? -5.856  2.266   -6.331  1.00 0.00 ? 9  U A "C5'"  3 
ATOM 1233 C "C4'"  . U A 1 9  ? -5.741  2.487   -7.838  1.00 0.00 ? 9  U A "C4'"  3 
ATOM 1234 O "O4'"  . U A 1 9  ? -7.028  2.843   -8.363  1.00 0.00 ? 9  U A "O4'"  3 
ATOM 1235 C "C3'"  . U A 1 9  ? -4.849  3.647   -8.256  1.00 0.00 ? 9  U A "C3'"  3 
ATOM 1236 O "O3'"  . U A 1 9  ? -3.520  3.133   -8.420  1.00 0.00 ? 9  U A "O3'"  3 
ATOM 1237 C "C2'"  . U A 1 9  ? -5.390  3.976   -9.639  1.00 0.00 ? 9  U A "C2'"  3 
ATOM 1238 O "O2'"  . U A 1 9  ? -4.922  3.027   -10.604 1.00 0.00 ? 9  U A "O2'"  3 
ATOM 1239 C "C1'"  . U A 1 9  ? -6.893  3.820   -9.413  1.00 0.00 ? 9  U A "C1'"  3 
ATOM 1240 N N1     . U A 1 9  ? -7.529  5.080   -8.974  1.00 0.00 ? 9  U A N1     3 
ATOM 1241 C C2     . U A 1 9  ? -7.923  5.974   -9.952  1.00 0.00 ? 9  U A C2     3 
ATOM 1242 O O2     . U A 1 9  ? -7.764  5.759   -11.150 1.00 0.00 ? 9  U A O2     3 
ATOM 1243 N N3     . U A 1 9  ? -8.507  7.136   -9.508  1.00 0.00 ? 9  U A N3     3 
ATOM 1244 C C4     . U A 1 9  ? -8.734  7.484   -8.193  1.00 0.00 ? 9  U A C4     3 
ATOM 1245 O O4     . U A 1 9  ? -9.266  8.556   -7.928  1.00 0.00 ? 9  U A O4     3 
ATOM 1246 C C5     . U A 1 9  ? -8.295  6.505   -7.228  1.00 0.00 ? 9  U A C5     3 
ATOM 1247 C C6     . U A 1 9  ? -7.718  5.351   -7.643  1.00 0.00 ? 9  U A C6     3 
ATOM 1248 H "H5'"  . U A 1 9  ? -6.546  1.443   -6.144  1.00 0.00 ? 9  U A "H5'"  3 
ATOM 1249 H "H5''" . U A 1 9  ? -4.874  2.002   -5.935  1.00 0.00 ? 9  U A "H5''" 3 
ATOM 1250 H "H4'"  . U A 1 9  ? -5.411  1.562   -8.307  1.00 0.00 ? 9  U A "H4'"  3 
ATOM 1251 H "H3'"  . U A 1 9  ? -4.884  4.492   -7.568  1.00 0.00 ? 9  U A "H3'"  3 
ATOM 1252 H "H2'"  . U A 1 9  ? -5.137  4.995   -9.932  1.00 0.00 ? 9  U A "H2'"  3 
ATOM 1253 H "HO2'" . U A 1 9  ? -4.962  2.162   -10.192 1.00 0.00 ? 9  U A "HO2'" 3 
ATOM 1254 H "H1'"  . U A 1 9  ? -7.389  3.456   -10.314 1.00 0.00 ? 9  U A "H1'"  3 
ATOM 1255 H H3     . U A 1 9  ? -8.800  7.797   -10.210 1.00 0.00 ? 9  U A H3     3 
ATOM 1256 H H5     . U A 1 9  ? -8.431  6.690   -6.162  1.00 0.00 ? 9  U A H5     3 
ATOM 1257 H H6     . U A 1 9  ? -7.391  4.623   -6.902  1.00 0.00 ? 9  U A H6     3 
ATOM 1258 P P      . G A 1 10 ? -2.290  4.112   -8.794  1.00 0.00 ? 10 G A P      3 
ATOM 1259 O OP1    . G A 1 10 ? -2.698  4.961   -9.938  1.00 0.00 ? 10 G A OP1    3 
ATOM 1260 O OP2    . G A 1 10 ? -1.061  3.294   -8.888  1.00 0.00 ? 10 G A OP2    3 
ATOM 1261 O "O5'"  . G A 1 10 ? -2.172  5.049   -7.486  1.00 0.00 ? 10 G A "O5'"  3 
ATOM 1262 C "C5'"  . G A 1 10 ? -2.530  6.437   -7.540  1.00 0.00 ? 10 G A "C5'"  3 
ATOM 1263 C "C4'"  . G A 1 10 ? -2.878  6.987   -6.159  1.00 0.00 ? 10 G A "C4'"  3 
ATOM 1264 O "O4'"  . G A 1 10 ? -3.938  6.207   -5.592  1.00 0.00 ? 10 G A "O4'"  3 
ATOM 1265 C "C3'"  . G A 1 10 ? -1.769  6.885   -5.126  1.00 0.00 ? 10 G A "C3'"  3 
ATOM 1266 O "O3'"  . G A 1 10 ? -0.971  8.074   -5.223  1.00 0.00 ? 10 G A "O3'"  3 
ATOM 1267 C "C2'"  . G A 1 10 ? -2.553  6.957   -3.827  1.00 0.00 ? 10 G A "C2'"  3 
ATOM 1268 O "O2'"  . G A 1 10 ? -2.970  8.300   -3.556  1.00 0.00 ? 10 G A "O2'"  3 
ATOM 1269 C "C1'"  . G A 1 10 ? -3.754  6.076   -4.168  1.00 0.00 ? 10 G A "C1'"  3 
ATOM 1270 N N9     . G A 1 10 ? -3.512  4.653   -3.853  1.00 0.00 ? 10 G A N9     3 
ATOM 1271 C C8     . G A 1 10 ? -3.311  3.608   -4.719  1.00 0.00 ? 10 G A C8     3 
ATOM 1272 N N7     . G A 1 10 ? -3.128  2.461   -4.124  1.00 0.00 ? 10 G A N7     3 
ATOM 1273 C C5     . G A 1 10 ? -3.216  2.771   -2.770  1.00 0.00 ? 10 G A C5     3 
ATOM 1274 C C6     . G A 1 10 ? -3.101  1.927   -1.630  1.00 0.00 ? 10 G A C6     3 
ATOM 1275 O O6     . G A 1 10 ? -2.906  0.714   -1.589  1.00 0.00 ? 10 G A O6     3 
ATOM 1276 N N1     . G A 1 10 ? -3.252  2.639   -0.456  1.00 0.00 ? 10 G A N1     3 
ATOM 1277 C C2     . G A 1 10 ? -3.485  3.987   -0.376  1.00 0.00 ? 10 G A C2     3 
ATOM 1278 N N2     . G A 1 10 ? -3.594  4.506   0.839   1.00 0.00 ? 10 G A N2     3 
ATOM 1279 N N3     . G A 1 10 ? -3.597  4.789   -1.429  1.00 0.00 ? 10 G A N3     3 
ATOM 1280 C C4     . G A 1 10 ? -3.452  4.113   -2.593  1.00 0.00 ? 10 G A C4     3 
ATOM 1281 H "H5'"  . G A 1 10 ? -3.393  6.559   -8.197  1.00 0.00 ? 10 G A "H5'"  3 
ATOM 1282 H "H5''" . G A 1 10 ? -1.693  7.003   -7.948  1.00 0.00 ? 10 G A "H5''" 3 
ATOM 1283 H "H4'"  . G A 1 10 ? -3.212  8.020   -6.262  1.00 0.00 ? 10 G A "H4'"  3 
ATOM 1284 H "H3'"  . G A 1 10 ? -1.170  5.978   -5.220  1.00 0.00 ? 10 G A "H3'"  3 
ATOM 1285 H "H2'"  . G A 1 10 ? -1.984  6.544   -2.995  1.00 0.00 ? 10 G A "H2'"  3 
ATOM 1286 H "HO2'" . G A 1 10 ? -2.175  8.830   -3.464  1.00 0.00 ? 10 G A "HO2'" 3 
ATOM 1287 H "H1'"  . G A 1 10 ? -4.652  6.415   -3.650  1.00 0.00 ? 10 G A "H1'"  3 
ATOM 1288 H H8     . G A 1 10 ? -3.298  3.726   -5.802  1.00 0.00 ? 10 G A H8     3 
ATOM 1289 H H1     . G A 1 10 ? -3.188  2.117   0.404   1.00 0.00 ? 10 G A H1     3 
ATOM 1290 H H21    . G A 1 10 ? -3.524  3.913   1.653   1.00 0.00 ? 10 G A H21    3 
ATOM 1291 H H22    . G A 1 10 ? -3.743  5.498   0.948   1.00 0.00 ? 10 G A H22    3 
ATOM 1292 P P      . G A 1 11 ? 0.593   8.051   -4.831  1.00 0.00 ? 11 G A P      3 
ATOM 1293 O OP1    . G A 1 11 ? 1.180   9.358   -5.204  1.00 0.00 ? 11 G A OP1    3 
ATOM 1294 O OP2    . G A 1 11 ? 1.186   6.801   -5.358  1.00 0.00 ? 11 G A OP2    3 
ATOM 1295 O "O5'"  . G A 1 11 ? 0.557   7.951   -3.223  1.00 0.00 ? 11 G A "O5'"  3 
ATOM 1296 C "C5'"  . G A 1 11 ? 0.376   9.125   -2.417  1.00 0.00 ? 11 G A "C5'"  3 
ATOM 1297 C "C4'"  . G A 1 11 ? 0.320   8.785   -0.930  1.00 0.00 ? 11 G A "C4'"  3 
ATOM 1298 O "O4'"  . G A 1 11 ? -0.743  7.853   -0.693  1.00 0.00 ? 11 G A "O4'"  3 
ATOM 1299 C "C3'"  . G A 1 11 ? 1.545   8.068   -0.384  1.00 0.00 ? 11 G A "C3'"  3 
ATOM 1300 O "O3'"  . G A 1 11 ? 2.489   9.064   0.031   1.00 0.00 ? 11 G A "O3'"  3 
ATOM 1301 C "C2'"  . G A 1 11 ? 0.984   7.413   0.865   1.00 0.00 ? 11 G A "C2'"  3 
ATOM 1302 O "O2'"  . G A 1 11 ? 0.808   8.378   1.910   1.00 0.00 ? 11 G A "O2'"  3 
ATOM 1303 C "C1'"  . G A 1 11 ? -0.370  6.925   0.347   1.00 0.00 ? 11 G A "C1'"  3 
ATOM 1304 N N9     . G A 1 11 ? -0.289  5.571   -0.234  1.00 0.00 ? 11 G A N9     3 
ATOM 1305 C C8     . G A 1 11 ? -0.210  5.211   -1.554  1.00 0.00 ? 11 G A C8     3 
ATOM 1306 N N7     . G A 1 11 ? -0.144  3.922   -1.742  1.00 0.00 ? 11 G A N7     3 
ATOM 1307 C C5     . G A 1 11 ? -0.181  3.394   -0.457  1.00 0.00 ? 11 G A C5     3 
ATOM 1308 C C6     . G A 1 11 ? -0.141  2.041   -0.023  1.00 0.00 ? 11 G A C6     3 
ATOM 1309 O O6     . G A 1 11 ? -0.067  1.023   -0.701  1.00 0.00 ? 11 G A O6     3 
ATOM 1310 N N1     . G A 1 11 ? -0.202  1.948   1.355   1.00 0.00 ? 11 G A N1     3 
ATOM 1311 C C2     . G A 1 11 ? -0.290  3.012   2.214   1.00 0.00 ? 11 G A C2     3 
ATOM 1312 N N2     . G A 1 11 ? -0.334  2.734   3.507   1.00 0.00 ? 11 G A N2     3 
ATOM 1313 N N3     . G A 1 11 ? -0.329  4.283   1.825   1.00 0.00 ? 11 G A N3     3 
ATOM 1314 C C4     . G A 1 11 ? -0.270  4.398   0.476   1.00 0.00 ? 11 G A C4     3 
ATOM 1315 H "H5'"  . G A 1 11 ? -0.554  9.614   -2.703  1.00 0.00 ? 11 G A "H5'"  3 
ATOM 1316 H "H5''" . G A 1 11 ? 1.207   9.808   -2.594  1.00 0.00 ? 11 G A "H5''" 3 
ATOM 1317 H "H4'"  . G A 1 11 ? 0.128   9.697   -0.364  1.00 0.00 ? 11 G A "H4'"  3 
ATOM 1318 H "H3'"  . G A 1 11 ? 1.978   7.355   -1.088  1.00 0.00 ? 11 G A "H3'"  3 
ATOM 1319 H "H2'"  . G A 1 11 ? 1.605   6.582   1.195   1.00 0.00 ? 11 G A "H2'"  3 
ATOM 1320 H "HO2'" . G A 1 11 ? 1.659   8.797   2.054   1.00 0.00 ? 11 G A "HO2'" 3 
ATOM 1321 H "H1'"  . G A 1 11 ? -1.122  6.940   1.136   1.00 0.00 ? 11 G A "H1'"  3 
ATOM 1322 H H8     . G A 1 11 ? -0.193  5.932   -2.369  1.00 0.00 ? 11 G A H8     3 
ATOM 1323 H H1     . G A 1 11 ? -0.178  1.023   1.751   1.00 0.00 ? 11 G A H1     3 
ATOM 1324 H H21    . G A 1 11 ? -0.317  1.774   3.820   1.00 0.00 ? 11 G A H21    3 
ATOM 1325 H H22    . G A 1 11 ? -0.387  3.484   4.180   1.00 0.00 ? 11 G A H22    3 
ATOM 1326 P P      . A A 1 12 ? 4.067   8.732   0.063   1.00 0.00 ? 12 A A P      3 
ATOM 1327 O OP1    . A A 1 12 ? 4.788   9.957   0.481   1.00 0.00 ? 12 A A OP1    3 
ATOM 1328 O OP2    . A A 1 12 ? 4.426   8.062   -1.207  1.00 0.00 ? 12 A A OP2    3 
ATOM 1329 O "O5'"  . A A 1 12 ? 4.178   7.648   1.251   1.00 0.00 ? 12 A A "O5'"  3 
ATOM 1330 C "C5'"  . A A 1 12 ? 4.190   8.063   2.625   1.00 0.00 ? 12 A A "C5'"  3 
ATOM 1331 C "C4'"  . A A 1 12 ? 4.181   6.869   3.577   1.00 0.00 ? 12 A A "C4'"  3 
ATOM 1332 O "O4'"  . A A 1 12 ? 3.027   6.057   3.315   1.00 0.00 ? 12 A A "O4'"  3 
ATOM 1333 C "C3'"  . A A 1 12 ? 5.337   5.899   3.408   1.00 0.00 ? 12 A A "C3'"  3 
ATOM 1334 O "O3'"  . A A 1 12 ? 6.422   6.364   4.224   1.00 0.00 ? 12 A A "O3'"  3 
ATOM 1335 C "C2'"  . A A 1 12 ? 4.776   4.645   4.052   1.00 0.00 ? 12 A A "C2'"  3 
ATOM 1336 O "O2'"  . A A 1 12 ? 4.784   4.759   5.481   1.00 0.00 ? 12 A A "O2'"  3 
ATOM 1337 C "C1'"  . A A 1 12 ? 3.344   4.664   3.517   1.00 0.00 ? 12 A A "C1'"  3 
ATOM 1338 N N9     . A A 1 12 ? 3.221   3.960   2.225   1.00 0.00 ? 12 A A N9     3 
ATOM 1339 C C8     . A A 1 12 ? 3.270   4.482   0.957   1.00 0.00 ? 12 A A C8     3 
ATOM 1340 N N7     . A A 1 12 ? 3.140   3.587   0.018   1.00 0.00 ? 12 A A N7     3 
ATOM 1341 C C5     . A A 1 12 ? 2.996   2.391   0.716   1.00 0.00 ? 12 A A C5     3 
ATOM 1342 C C6     . A A 1 12 ? 2.818   1.062   0.301   1.00 0.00 ? 12 A A C6     3 
ATOM 1343 N N6     . A A 1 12 ? 2.746   0.697   -0.974  1.00 0.00 ? 12 A A N6     3 
ATOM 1344 N N1     . A A 1 12 ? 2.712   0.119   1.249   1.00 0.00 ? 12 A A N1     3 
ATOM 1345 C C2     . A A 1 12 ? 2.779   0.479   2.526   1.00 0.00 ? 12 A A C2     3 
ATOM 1346 N N3     . A A 1 12 ? 2.942   1.687   3.043   1.00 0.00 ? 12 A A N3     3 
ATOM 1347 C C4     . A A 1 12 ? 3.045   2.608   2.063   1.00 0.00 ? 12 A A C4     3 
ATOM 1348 H "H5'"  . A A 1 12 ? 3.309   8.676   2.819   1.00 0.00 ? 12 A A "H5'"  3 
ATOM 1349 H "H5''" . A A 1 12 ? 5.084   8.655   2.809   1.00 0.00 ? 12 A A "H5''" 3 
ATOM 1350 H "H4'"  . A A 1 12 ? 4.133   7.235   4.603   1.00 0.00 ? 12 A A "H4'"  3 
ATOM 1351 H "H3'"  . A A 1 12 ? 5.633   5.755   2.370   1.00 0.00 ? 12 A A "H3'"  3 
ATOM 1352 H "H2'"  . A A 1 12 ? 5.309   3.753   3.725   1.00 0.00 ? 12 A A "H2'"  3 
ATOM 1353 H "HO2'" . A A 1 12 ? 5.669   5.023   5.739   1.00 0.00 ? 12 A A "HO2'" 3 
ATOM 1354 H "H1'"  . A A 1 12 ? 2.647   4.232   4.235   1.00 0.00 ? 12 A A "H1'"  3 
ATOM 1355 H H8     . A A 1 12 ? 3.407   5.544   0.754   1.00 0.00 ? 12 A A H8     3 
ATOM 1356 H H61    . A A 1 12 ? 2.541   -0.263  -1.213  1.00 0.00 ? 12 A A H61    3 
ATOM 1357 H H62    . A A 1 12 ? 2.896   1.378   -1.704  1.00 0.00 ? 12 A A H62    3 
ATOM 1358 H H2     . A A 1 12 ? 2.687   -0.334  3.248   1.00 0.00 ? 12 A A H2     3 
ATOM 1359 P P      . G A 1 13 ? 7.946   6.019   3.831   1.00 0.00 ? 13 G A P      3 
ATOM 1360 O OP1    . G A 1 13 ? 8.839   6.696   4.801   1.00 0.00 ? 13 G A OP1    3 
ATOM 1361 O OP2    . G A 1 13 ? 8.117   6.259   2.380   1.00 0.00 ? 13 G A OP2    3 
ATOM 1362 O "O5'"  . G A 1 13 ? 8.028   4.430   4.090   1.00 0.00 ? 13 G A "O5'"  3 
ATOM 1363 C "C5'"  . G A 1 13 ? 8.170   3.911   5.420   1.00 0.00 ? 13 G A "C5'"  3 
ATOM 1364 C "C4'"  . G A 1 13 ? 8.103   2.387   5.446   1.00 0.00 ? 13 G A "C4'"  3 
ATOM 1365 O "O4'"  . G A 1 13 ? 6.855   1.950   4.897   1.00 0.00 ? 13 G A "O4'"  3 
ATOM 1366 C "C3'"  . G A 1 13 ? 9.126   1.678   4.581   1.00 0.00 ? 13 G A "C3'"  3 
ATOM 1367 O "O3'"  . G A 1 13 ? 10.321  1.523   5.361   1.00 0.00 ? 13 G A "O3'"  3 
ATOM 1368 C "C2'"  . G A 1 13 ? 8.494   0.305   4.429   1.00 0.00 ? 13 G A "C2'"  3 
ATOM 1369 O "O2'"  . G A 1 13 ? 8.657   -0.462  5.627   1.00 0.00 ? 13 G A "O2'"  3 
ATOM 1370 C "C1'"  . G A 1 13 ? 7.023   0.682   4.227   1.00 0.00 ? 13 G A "C1'"  3 
ATOM 1371 N N9     . G A 1 13 ? 6.669   0.846   2.803   1.00 0.00 ? 13 G A N9     3 
ATOM 1372 C C8     . G A 1 13 ? 6.540   2.003   2.078   1.00 0.00 ? 13 G A C8     3 
ATOM 1373 N N7     . G A 1 13 ? 6.194   1.807   0.836   1.00 0.00 ? 13 G A N7     3 
ATOM 1374 C C5     . G A 1 13 ? 6.087   0.424   0.731   1.00 0.00 ? 13 G A C5     3 
ATOM 1375 C C6     . G A 1 13 ? 5.739   -0.387  -0.385  1.00 0.00 ? 13 G A C6     3 
ATOM 1376 O O6     . G A 1 13 ? 5.440   -0.034  -1.521  1.00 0.00 ? 13 G A O6     3 
ATOM 1377 N N1     . G A 1 13 ? 5.753   -1.729  -0.064  1.00 0.00 ? 13 G A N1     3 
ATOM 1378 C C2     . G A 1 13 ? 6.058   -2.240  1.171   1.00 0.00 ? 13 G A C2     3 
ATOM 1379 N N2     . G A 1 13 ? 6.020   -3.557  1.302   1.00 0.00 ? 13 G A N2     3 
ATOM 1380 N N3     . G A 1 13 ? 6.385   -1.498  2.226   1.00 0.00 ? 13 G A N3     3 
ATOM 1381 C C4     . G A 1 13 ? 6.378   -0.176  1.932   1.00 0.00 ? 13 G A C4     3 
ATOM 1382 H "H5'"  . G A 1 13 ? 7.373   4.311   6.046   1.00 0.00 ? 13 G A "H5'"  3 
ATOM 1383 H "H5''" . G A 1 13 ? 9.133   4.230   5.824   1.00 0.00 ? 13 G A "H5''" 3 
ATOM 1384 H "H4'"  . G A 1 13 ? 8.174   2.047   6.480   1.00 0.00 ? 13 G A "H4'"  3 
ATOM 1385 H "H3'"  . G A 1 13 ? 9.314   2.176   3.629   1.00 0.00 ? 13 G A "H3'"  3 
ATOM 1386 H "H2'"  . G A 1 13 ? 8.890   -0.224  3.562   1.00 0.00 ? 13 G A "H2'"  3 
ATOM 1387 H "HO2'" . G A 1 13 ? 9.575   -0.379  5.895   1.00 0.00 ? 13 G A "HO2'" 3 
ATOM 1388 H "H1'"  . G A 1 13 ? 6.364   -0.057  4.681   1.00 0.00 ? 13 G A "H1'"  3 
ATOM 1389 H H8     . G A 1 13 ? 6.718   2.992   2.496   1.00 0.00 ? 13 G A H8     3 
ATOM 1390 H H1     . G A 1 13 ? 5.522   -2.377  -0.799  1.00 0.00 ? 13 G A H1     3 
ATOM 1391 H H21    . G A 1 13 ? 5.799   -4.138  0.507   1.00 0.00 ? 13 G A H21    3 
ATOM 1392 H H22    . G A 1 13 ? 6.213   -3.978  2.199   1.00 0.00 ? 13 G A H22    3 
ATOM 1393 P P      . C A 1 14 ? 11.752  1.333   4.643   1.00 0.00 ? 14 C A P      3 
ATOM 1394 O OP1    . C A 1 14 ? 12.796  1.306   5.692   1.00 0.00 ? 14 C A OP1    3 
ATOM 1395 O OP2    . C A 1 14 ? 11.849  2.306   3.532   1.00 0.00 ? 14 C A OP2    3 
ATOM 1396 O "O5'"  . C A 1 14 ? 11.631  -0.144  4.006   1.00 0.00 ? 14 C A "O5'"  3 
ATOM 1397 C "C5'"  . C A 1 14 ? 11.874  -1.311  4.803   1.00 0.00 ? 14 C A "C5'"  3 
ATOM 1398 C "C4'"  . C A 1 14 ? 11.771  -2.589  3.975   1.00 0.00 ? 14 C A "C4'"  3 
ATOM 1399 O "O4'"  . C A 1 14 ? 10.448  -2.701  3.432   1.00 0.00 ? 14 C A "O4'"  3 
ATOM 1400 C "C3'"  . C A 1 14 ? 12.663  -2.626  2.748   1.00 0.00 ? 14 C A "C3'"  3 
ATOM 1401 O "O3'"  . C A 1 14 ? 13.926  -3.174  3.148   1.00 0.00 ? 14 C A "O3'"  3 
ATOM 1402 C "C2'"  . C A 1 14 ? 11.964  -3.663  1.887   1.00 0.00 ? 14 C A "C2'"  3 
ATOM 1403 O "O2'"  . C A 1 14 ? 12.234  -4.984  2.363   1.00 0.00 ? 14 C A "O2'"  3 
ATOM 1404 C "C1'"  . C A 1 14 ? 10.496  -3.292  2.117   1.00 0.00 ? 14 C A "C1'"  3 
ATOM 1405 N N1     . C A 1 14 ? 10.003  -2.302  1.135   1.00 0.00 ? 14 C A N1     3 
ATOM 1406 C C2     . C A 1 14 ? 9.361   -2.781  0.002   1.00 0.00 ? 14 C A C2     3 
ATOM 1407 O O2     . C A 1 14 ? 9.203   -3.987  -0.162  1.00 0.00 ? 14 C A O2     3 
ATOM 1408 N N3     . C A 1 14 ? 8.912   -1.888  -0.922  1.00 0.00 ? 14 C A N3     3 
ATOM 1409 C C4     . C A 1 14 ? 9.084   -0.574  -0.737  1.00 0.00 ? 14 C A C4     3 
ATOM 1410 N N4     . C A 1 14 ? 8.627   0.247   -1.678  1.00 0.00 ? 14 C A N4     3 
ATOM 1411 C C5     . C A 1 14 ? 9.740   -0.071  0.428   1.00 0.00 ? 14 C A C5     3 
ATOM 1412 C C6     . C A 1 14 ? 10.180  -0.962  1.332   1.00 0.00 ? 14 C A C6     3 
ATOM 1413 H "H5'"  . C A 1 14 ? 11.142  -1.350  5.611   1.00 0.00 ? 14 C A "H5'"  3 
ATOM 1414 H "H5''" . C A 1 14 ? 12.874  -1.246  5.233   1.00 0.00 ? 14 C A "H5''" 3 
ATOM 1415 H "H4'"  . C A 1 14 ? 11.966  -3.447  4.620   1.00 0.00 ? 14 C A "H4'"  3 
ATOM 1416 H "H3'"  . C A 1 14 ? 12.768  -1.657  2.260   1.00 0.00 ? 14 C A "H3'"  3 
ATOM 1417 H "H2'"  . C A 1 14 ? 12.239  -3.556  0.836   1.00 0.00 ? 14 C A "H2'"  3 
ATOM 1418 H "HO2'" . C A 1 14 ? 13.144  -4.993  2.673   1.00 0.00 ? 14 C A "HO2'" 3 
ATOM 1419 H "H1'"  . C A 1 14 ? 9.860   -4.177  2.095   1.00 0.00 ? 14 C A "H1'"  3 
ATOM 1420 H H41    . C A 1 14 ? 8.228   -0.130  -2.530  1.00 0.00 ? 14 C A H41    3 
ATOM 1421 H H42    . C A 1 14 ? 8.675   1.247   -1.544  1.00 0.00 ? 14 C A H42    3 
ATOM 1422 H H5     . C A 1 14 ? 9.882   0.996   0.588   1.00 0.00 ? 14 C A H5     3 
ATOM 1423 H H6     . C A 1 14 ? 10.684  -0.613  2.234   1.00 0.00 ? 14 C A H6     3 
ATOM 1424 P P      . G A 1 15 ? 15.290  -2.336  2.945   1.00 0.00 ? 15 G A P      3 
ATOM 1425 O OP1    . G A 1 15 ? 16.369  -3.025  3.687   1.00 0.00 ? 15 G A OP1    3 
ATOM 1426 O OP2    . G A 1 15 ? 15.004  -0.910  3.217   1.00 0.00 ? 15 G A OP2    3 
ATOM 1427 O "O5'"  . G A 1 15 ? 15.580  -2.503  1.366   1.00 0.00 ? 15 G A "O5'"  3 
ATOM 1428 C "C5'"  . G A 1 15 ? 14.920  -1.670  0.403   1.00 0.00 ? 15 G A "C5'"  3 
ATOM 1429 C "C4'"  . G A 1 15 ? 15.239  -2.102  -1.026  1.00 0.00 ? 15 G A "C4'"  3 
ATOM 1430 O "O4'"  . G A 1 15 ? 14.725  -3.408  -1.254  1.00 0.00 ? 15 G A "O4'"  3 
ATOM 1431 C "C3'"  . G A 1 15 ? 14.571  -1.279  -2.110  1.00 0.00 ? 15 G A "C3'"  3 
ATOM 1432 O "O3'"  . G A 1 15 ? 15.287  -0.065  -2.349  1.00 0.00 ? 15 G A "O3'"  3 
ATOM 1433 C "C2'"  . G A 1 15 ? 14.679  -2.221  -3.310  1.00 0.00 ? 15 G A "C2'"  3 
ATOM 1434 O "O2'"  . G A 1 15 ? 15.957  -2.078  -3.943  1.00 0.00 ? 15 G A "O2'"  3 
ATOM 1435 C "C1'"  . G A 1 15 ? 14.558  -3.612  -2.662  1.00 0.00 ? 15 G A "C1'"  3 
ATOM 1436 N N9     . G A 1 15 ? 13.240  -4.230  -2.895  1.00 0.00 ? 15 G A N9     3 
ATOM 1437 C C8     . G A 1 15 ? 12.103  -4.134  -2.132  1.00 0.00 ? 15 G A C8     3 
ATOM 1438 N N7     . G A 1 15 ? 11.097  -4.816  -2.602  1.00 0.00 ? 15 G A N7     3 
ATOM 1439 C C5     . G A 1 15 ? 11.603  -5.406  -3.757  1.00 0.00 ? 15 G A C5     3 
ATOM 1440 C C6     . G A 1 15 ? 10.969  -6.267  -4.695  1.00 0.00 ? 15 G A C6     3 
ATOM 1441 O O6     . G A 1 15 ? 9.820   -6.696  -4.686  1.00 0.00 ? 15 G A O6     3 
ATOM 1442 N N1     . G A 1 15 ? 11.830  -6.633  -5.710  1.00 0.00 ? 15 G A N1     3 
ATOM 1443 C C2     . G A 1 15 ? 13.135  -6.229  -5.822  1.00 0.00 ? 15 G A C2     3 
ATOM 1444 N N2     . G A 1 15 ? 13.819  -6.677  -6.863  1.00 0.00 ? 15 G A N2     3 
ATOM 1445 N N3     . G A 1 15 ? 13.746  -5.423  -4.952  1.00 0.00 ? 15 G A N3     3 
ATOM 1446 C C4     . G A 1 15 ? 12.917  -5.052  -3.946  1.00 0.00 ? 15 G A C4     3 
ATOM 1447 H "H5'"  . G A 1 15 ? 15.244  -0.637  0.543   1.00 0.00 ? 15 G A "H5'"  3 
ATOM 1448 H "H5''" . G A 1 15 ? 13.844  -1.728  0.557   1.00 0.00 ? 15 G A "H5''" 3 
ATOM 1449 H "H4'"  . G A 1 15 ? 16.320  -2.114  -1.161  1.00 0.00 ? 15 G A "H4'"  3 
ATOM 1450 H "H3'"  . G A 1 15 ? 13.529  -1.082  -1.865  1.00 0.00 ? 15 G A "H3'"  3 
ATOM 1451 H "HO3'" . G A 1 15 ? 16.085  -0.295  -2.834  1.00 0.00 ? 15 G A "HO3'" 3 
ATOM 1452 H "H2'"  . G A 1 15 ? 13.869  -2.049  -4.019  1.00 0.00 ? 15 G A "H2'"  3 
ATOM 1453 H "HO2'" . G A 1 15 ? 16.016  -2.750  -4.625  1.00 0.00 ? 15 G A "HO2'" 3 
ATOM 1454 H "H1'"  . G A 1 15 ? 15.341  -4.279  -3.026  1.00 0.00 ? 15 G A "H1'"  3 
ATOM 1455 H H8     . G A 1 15 ? 12.047  -3.540  -1.222  1.00 0.00 ? 15 G A H8     3 
ATOM 1456 H H1     . G A 1 15 ? 11.461  -7.244  -6.422  1.00 0.00 ? 15 G A H1     3 
ATOM 1457 H H21    . G A 1 15 ? 13.377  -7.284  -7.536  1.00 0.00 ? 15 G A H21    3 
ATOM 1458 H H22    . G A 1 15 ? 14.784  -6.409  -6.984  1.00 0.00 ? 15 G A H22    3 
# 
